data_4EIT
#
_entry.id   4EIT
#
_cell.length_a   122.360
_cell.length_b   76.860
_cell.length_c   171.950
_cell.angle_alpha   90.000
_cell.angle_beta   107.990
_cell.angle_gamma   90.000
#
_symmetry.space_group_name_H-M   'C 1 2 1'
#
loop_
_entity.id
_entity.type
_entity.pdbx_description
1 polymer 'Enoyl-[acyl-carrier-protein] reductase [NADH]'
2 water water
#
_entity_poly.entity_id   1
_entity_poly.type   'polypeptide(L)'
_entity_poly.pdbx_seq_one_letter_code
;GPGS(MSE)AKGNGLLYGKRGLILGLANNRSIAWGIAKTASSAGAELAFTYQGEA(MSE)KKRVEPLAEEVKGFVCGHCD
VSDSASIDAVFNTIEKKWGKLDFLVHAIGFSDKEELSGRYVDISESNF(MSE)(MSE)T(MSE)NISVYSLTALTKRAEK
L(MSE)SDGGSILTLTYYGAEKVVPNYNV(MSE)GVAKAALEASVKYLAVDLGPKHIRVNAISAGPIKTLAASGIGDFRY
ILKWNEYNAPLRRTVTIEEVGDSALYLLSDLSRSVTGEVHHVDSGYNIIG(MSE)KAVDAPDISVVKE
;
_entity_poly.pdbx_strand_id   A,B,C,D,E,F
#
# COMPACT_ATOMS: atom_id res chain seq x y z
N GLY A 10 -10.33 21.66 15.58
CA GLY A 10 -11.77 22.02 15.58
C GLY A 10 -12.63 21.45 14.46
N LEU A 11 -12.22 20.34 13.84
CA LEU A 11 -12.93 19.80 12.66
C LEU A 11 -14.35 19.35 12.97
N LEU A 12 -14.65 19.05 14.22
CA LEU A 12 -16.02 18.70 14.61
C LEU A 12 -16.58 19.70 15.64
N TYR A 13 -16.14 20.95 15.57
CA TYR A 13 -16.67 21.96 16.47
C TYR A 13 -18.19 22.08 16.32
N GLY A 14 -18.88 22.05 17.44
CA GLY A 14 -20.32 22.20 17.45
C GLY A 14 -21.08 20.98 17.00
N LYS A 15 -20.40 19.88 16.66
CA LYS A 15 -21.09 18.72 16.11
C LYS A 15 -21.45 17.75 17.22
N ARG A 16 -22.54 17.03 16.99
CA ARG A 16 -23.08 16.08 17.94
C ARG A 16 -23.26 14.74 17.28
N GLY A 17 -22.71 13.70 17.92
CA GLY A 17 -22.68 12.39 17.32
C GLY A 17 -22.93 11.25 18.28
N LEU A 18 -23.38 10.15 17.72
CA LEU A 18 -23.68 8.95 18.47
C LEU A 18 -22.71 7.86 18.04
N ILE A 19 -22.06 7.24 19.02
CA ILE A 19 -21.18 6.13 18.77
C ILE A 19 -21.74 4.88 19.44
N LEU A 20 -22.02 3.86 18.63
CA LEU A 20 -22.44 2.56 19.11
C LEU A 20 -21.30 1.59 19.00
N GLY A 21 -21.00 0.89 20.10
CA GLY A 21 -19.99 -0.15 20.11
C GLY A 21 -18.82 0.08 21.03
N LEU A 22 -18.81 1.15 21.82
CA LEU A 22 -17.72 1.39 22.75
C LEU A 22 -17.84 0.40 23.92
N ALA A 23 -16.95 -0.58 23.94
CA ALA A 23 -16.99 -1.63 24.95
C ALA A 23 -15.81 -1.54 25.90
N ASN A 24 -14.72 -0.92 25.44
CA ASN A 24 -13.48 -0.85 26.20
C ASN A 24 -12.53 0.17 25.58
N ASN A 25 -11.40 0.39 26.25
CA ASN A 25 -10.45 1.39 25.81
C ASN A 25 -9.39 0.87 24.83
N ARG A 26 -9.65 -0.31 24.26
CA ARG A 26 -8.75 -0.90 23.29
C ARG A 26 -9.35 -0.93 21.87
N SER A 27 -10.61 -0.52 21.71
CA SER A 27 -11.35 -0.73 20.45
C SER A 27 -11.25 0.44 19.46
N ILE A 28 -11.60 0.16 18.21
CA ILE A 28 -11.70 1.21 17.19
C ILE A 28 -12.65 2.30 17.63
N ALA A 29 -13.80 1.91 18.16
CA ALA A 29 -14.77 2.88 18.69
C ALA A 29 -14.14 3.86 19.66
N TRP A 30 -13.21 3.39 20.50
CA TRP A 30 -12.56 4.28 21.44
C TRP A 30 -11.64 5.21 20.73
N GLY A 31 -10.91 4.71 19.73
CA GLY A 31 -10.02 5.56 18.94
C GLY A 31 -10.81 6.68 18.29
N ILE A 32 -11.97 6.32 17.74
CA ILE A 32 -12.81 7.28 17.08
C ILE A 32 -13.35 8.30 18.10
N ALA A 33 -13.83 7.82 19.24
CA ALA A 33 -14.34 8.70 20.31
C ALA A 33 -13.27 9.70 20.78
N LYS A 34 -12.05 9.23 20.97
CA LYS A 34 -10.95 10.07 21.45
C LYS A 34 -10.65 11.18 20.41
N THR A 35 -10.49 10.80 19.16
CA THR A 35 -10.21 11.78 18.11
C THR A 35 -11.39 12.74 17.86
N ALA A 36 -12.60 12.22 17.85
CA ALA A 36 -13.77 13.06 17.56
C ALA A 36 -13.97 14.08 18.67
N SER A 37 -13.81 13.61 19.89
CA SER A 37 -13.94 14.49 21.05
C SER A 37 -12.90 15.61 21.05
N SER A 38 -11.66 15.24 20.79
CA SER A 38 -10.56 16.22 20.71
C SER A 38 -10.80 17.21 19.59
N ALA A 39 -11.51 16.80 18.55
CA ALA A 39 -11.82 17.67 17.41
C ALA A 39 -13.05 18.56 17.67
N GLY A 40 -13.63 18.45 18.86
CA GLY A 40 -14.74 19.32 19.27
C GLY A 40 -16.12 18.67 19.41
N ALA A 41 -16.24 17.39 19.07
CA ALA A 41 -17.53 16.72 19.06
C ALA A 41 -18.05 16.44 20.49
N GLU A 42 -19.36 16.63 20.68
CA GLU A 42 -20.04 16.13 21.86
C GLU A 42 -20.61 14.77 21.47
N LEU A 43 -20.33 13.76 22.26
CA LEU A 43 -20.64 12.40 21.91
C LEU A 43 -21.64 11.74 22.85
N ALA A 44 -22.55 10.95 22.29
CA ALA A 44 -23.42 10.08 23.06
C ALA A 44 -22.99 8.63 22.85
N PHE A 45 -23.09 7.81 23.88
CA PHE A 45 -22.69 6.42 23.82
C PHE A 45 -23.78 5.50 24.32
N THR A 46 -23.99 4.40 23.60
CA THR A 46 -24.82 3.33 24.09
C THR A 46 -23.96 2.27 24.79
N TYR A 47 -24.62 1.29 25.37
CA TYR A 47 -23.99 0.09 25.90
C TYR A 47 -24.98 -1.08 25.83
N GLN A 48 -24.48 -2.29 25.94
CA GLN A 48 -25.31 -3.47 26.09
C GLN A 48 -24.96 -4.18 27.41
N GLY A 49 -25.85 -4.10 28.39
CA GLY A 49 -25.69 -4.81 29.66
C GLY A 49 -24.93 -4.01 30.71
N GLU A 50 -25.24 -4.31 31.99
CA GLU A 50 -24.69 -3.58 33.14
C GLU A 50 -23.17 -3.61 33.23
N ALA A 51 -22.56 -4.75 32.95
CA ALA A 51 -21.10 -4.86 32.99
C ALA A 51 -20.43 -3.85 32.05
N LYS A 53 -21.89 -1.08 30.88
CA LYS A 53 -22.23 0.27 31.36
C LYS A 53 -21.16 0.81 32.29
N LYS A 54 -20.73 -0.02 33.24
CA LYS A 54 -19.72 0.39 34.23
C LYS A 54 -18.37 0.68 33.55
N ARG A 55 -18.06 -0.07 32.48
CA ARG A 55 -16.84 0.18 31.70
C ARG A 55 -16.93 1.46 30.84
N VAL A 56 -18.12 1.75 30.32
CA VAL A 56 -18.33 2.86 29.38
C VAL A 56 -18.46 4.22 30.04
N GLU A 57 -19.07 4.25 31.23
CA GLU A 57 -19.29 5.50 31.97
C GLU A 57 -18.03 6.35 32.15
N PRO A 58 -16.93 5.77 32.66
CA PRO A 58 -15.71 6.57 32.80
C PRO A 58 -15.08 6.98 31.45
N LEU A 59 -15.21 6.11 30.43
CA LEU A 59 -14.69 6.45 29.09
C LEU A 59 -15.47 7.65 28.55
N ALA A 60 -16.79 7.61 28.68
CA ALA A 60 -17.61 8.75 28.30
C ALA A 60 -17.22 10.02 29.04
N GLU A 61 -16.96 9.91 30.35
CA GLU A 61 -16.61 11.11 31.16
C GLU A 61 -15.29 11.68 30.69
N GLU A 62 -14.32 10.80 30.44
CA GLU A 62 -13.01 11.20 29.94
C GLU A 62 -13.11 12.08 28.69
N VAL A 63 -14.10 11.80 27.86
CA VAL A 63 -14.27 12.49 26.60
C VAL A 63 -15.33 13.59 26.65
N LYS A 64 -15.84 13.87 27.86
CA LYS A 64 -16.86 14.90 28.07
C LYS A 64 -18.15 14.60 27.28
N GLY A 65 -18.41 13.30 27.10
CA GLY A 65 -19.62 12.84 26.43
C GLY A 65 -20.64 12.37 27.44
N PHE A 66 -21.69 11.69 26.98
CA PHE A 66 -22.67 11.14 27.90
C PHE A 66 -23.23 9.80 27.44
N VAL A 67 -23.68 9.02 28.41
CA VAL A 67 -24.21 7.69 28.17
C VAL A 67 -25.71 7.79 27.96
N CYS A 68 -26.19 7.45 26.77
CA CYS A 68 -27.60 7.64 26.43
C CYS A 68 -28.48 6.41 26.59
N GLY A 69 -27.91 5.27 26.99
CA GLY A 69 -28.73 4.12 27.38
C GLY A 69 -28.37 2.77 26.81
N HIS A 70 -29.09 1.77 27.29
CA HIS A 70 -28.91 0.38 26.87
C HIS A 70 -29.41 0.23 25.47
N CYS A 71 -28.61 -0.41 24.61
CA CYS A 71 -29.04 -0.72 23.23
C CYS A 71 -28.65 -2.13 22.81
N ASP A 72 -29.65 -2.95 22.53
CA ASP A 72 -29.45 -4.23 21.88
C ASP A 72 -29.97 -4.02 20.48
N VAL A 73 -29.08 -4.10 19.51
CA VAL A 73 -29.44 -3.80 18.12
C VAL A 73 -30.38 -4.83 17.50
N SER A 74 -30.48 -6.00 18.11
CA SER A 74 -31.50 -6.99 17.74
C SER A 74 -32.90 -6.65 18.31
N ASP A 75 -32.98 -5.67 19.20
CA ASP A 75 -34.23 -5.26 19.81
C ASP A 75 -34.68 -3.87 19.33
N SER A 76 -35.66 -3.88 18.43
CA SER A 76 -36.20 -2.70 17.81
C SER A 76 -36.62 -1.58 18.81
N ALA A 77 -37.33 -1.97 19.87
CA ALA A 77 -37.77 -1.01 20.91
C ALA A 77 -36.57 -0.40 21.66
N SER A 78 -35.56 -1.23 21.88
CA SER A 78 -34.29 -0.77 22.46
C SER A 78 -33.66 0.36 21.62
N ILE A 79 -33.62 0.18 20.32
CA ILE A 79 -33.13 1.22 19.41
C ILE A 79 -34.01 2.47 19.46
N ASP A 80 -35.34 2.30 19.46
CA ASP A 80 -36.24 3.47 19.55
C ASP A 80 -36.04 4.27 20.81
N ALA A 81 -35.80 3.60 21.93
CA ALA A 81 -35.62 4.31 23.20
C ALA A 81 -34.38 5.20 23.15
N VAL A 82 -33.29 4.62 22.67
CA VAL A 82 -32.04 5.38 22.50
C VAL A 82 -32.24 6.64 21.66
N PHE A 83 -32.90 6.51 20.52
CA PHE A 83 -33.06 7.67 19.65
C PHE A 83 -34.05 8.69 20.21
N ASN A 84 -35.05 8.22 20.94
CA ASN A 84 -35.95 9.12 21.68
C ASN A 84 -35.16 9.95 22.71
N THR A 85 -34.27 9.31 23.46
CA THR A 85 -33.41 10.03 24.41
C THR A 85 -32.54 11.10 23.73
N ILE A 86 -32.03 10.79 22.54
CA ILE A 86 -31.18 11.73 21.84
C ILE A 86 -32.01 12.86 21.29
N GLU A 87 -33.19 12.54 20.80
CA GLU A 87 -34.07 13.58 20.29
C GLU A 87 -34.43 14.58 21.39
N LYS A 88 -34.71 14.07 22.59
CA LYS A 88 -35.05 14.94 23.70
C LYS A 88 -33.86 15.84 24.06
N LYS A 89 -32.65 15.26 24.14
CA LYS A 89 -31.48 16.01 24.61
C LYS A 89 -30.95 16.99 23.55
N TRP A 90 -30.99 16.61 22.28
CA TRP A 90 -30.34 17.39 21.20
C TRP A 90 -31.22 17.86 20.09
N GLY A 91 -32.28 17.12 19.78
CA GLY A 91 -33.16 17.50 18.70
C GLY A 91 -32.66 17.27 17.28
N LYS A 92 -31.34 17.07 17.12
CA LYS A 92 -30.67 16.93 15.81
C LYS A 92 -29.41 16.07 16.03
N LEU A 93 -28.95 15.38 14.98
CA LEU A 93 -27.77 14.53 15.08
C LEU A 93 -26.93 14.80 13.86
N ASP A 94 -25.65 15.00 14.06
CA ASP A 94 -24.72 15.31 12.96
C ASP A 94 -24.01 14.11 12.41
N PHE A 95 -23.73 13.11 13.25
CA PHE A 95 -23.14 11.87 12.75
C PHE A 95 -23.40 10.66 13.64
N LEU A 96 -23.13 9.49 13.08
CA LEU A 96 -23.39 8.22 13.73
C LEU A 96 -22.28 7.24 13.37
N VAL A 97 -21.72 6.60 14.38
CA VAL A 97 -20.68 5.63 14.17
C VAL A 97 -21.20 4.26 14.59
N HIS A 98 -21.14 3.33 13.66
CA HIS A 98 -21.60 1.97 13.84
C HIS A 98 -20.38 1.07 13.91
N ALA A 99 -19.91 0.80 15.12
CA ALA A 99 -18.76 -0.10 15.36
C ALA A 99 -19.23 -1.41 16.04
N ILE A 100 -20.25 -2.01 15.44
CA ILE A 100 -20.92 -3.20 15.98
C ILE A 100 -20.76 -4.35 15.00
N GLY A 101 -20.49 -5.53 15.53
CA GLY A 101 -20.40 -6.74 14.74
C GLY A 101 -20.28 -7.95 15.65
N PHE A 102 -20.90 -9.06 15.24
CA PHE A 102 -20.79 -10.30 15.97
C PHE A 102 -20.79 -11.51 15.05
N SER A 103 -20.01 -12.51 15.41
CA SER A 103 -20.07 -13.84 14.79
C SER A 103 -19.51 -14.87 15.79
N ASP A 104 -19.98 -16.11 15.68
CA ASP A 104 -19.59 -17.14 16.64
C ASP A 104 -18.09 -17.44 16.60
N LYS A 105 -17.40 -17.16 17.71
CA LYS A 105 -15.94 -17.32 17.84
C LYS A 105 -15.48 -18.72 17.42
N GLU A 106 -16.19 -19.75 17.87
CA GLU A 106 -15.81 -21.13 17.57
C GLU A 106 -15.85 -21.41 16.07
N GLU A 107 -16.95 -21.04 15.40
CA GLU A 107 -17.09 -21.29 13.95
C GLU A 107 -16.15 -20.48 13.06
N LEU A 108 -15.49 -19.46 13.60
CA LEU A 108 -14.50 -18.72 12.80
C LEU A 108 -13.32 -19.60 12.45
N SER A 109 -12.87 -20.45 13.37
CA SER A 109 -11.71 -21.30 13.09
C SER A 109 -12.00 -22.38 12.03
N GLY A 110 -13.27 -22.68 11.80
CA GLY A 110 -13.62 -23.76 10.90
C GLY A 110 -13.57 -23.39 9.42
N ARG A 111 -14.08 -24.30 8.60
CA ARG A 111 -14.30 -24.06 7.20
C ARG A 111 -15.59 -23.28 7.09
N TYR A 112 -15.63 -22.35 6.15
CA TYR A 112 -16.86 -21.59 5.92
C TYR A 112 -18.03 -22.49 5.66
N VAL A 113 -17.82 -23.54 4.88
CA VAL A 113 -18.93 -24.46 4.52
C VAL A 113 -19.54 -25.20 5.71
N ASP A 114 -18.83 -25.26 6.84
CA ASP A 114 -19.36 -25.92 8.02
C ASP A 114 -20.14 -24.99 8.96
N ILE A 115 -20.38 -23.73 8.60
CA ILE A 115 -21.10 -22.85 9.51
C ILE A 115 -22.57 -23.27 9.68
N SER A 116 -23.13 -22.95 10.83
CA SER A 116 -24.53 -23.27 11.12
C SER A 116 -25.43 -22.14 10.64
N GLU A 117 -26.66 -22.51 10.33
CA GLU A 117 -27.67 -21.56 9.93
C GLU A 117 -27.86 -20.48 10.99
N SER A 118 -27.84 -20.92 12.24
CA SER A 118 -28.04 -20.01 13.34
C SER A 118 -26.91 -18.98 13.42
N ASN A 119 -25.66 -19.39 13.32
CA ASN A 119 -24.57 -18.42 13.30
C ASN A 119 -24.68 -17.45 12.10
N PHE A 120 -24.99 -17.99 10.92
CA PHE A 120 -25.13 -17.18 9.72
C PHE A 120 -26.17 -16.09 9.97
N THR A 123 -25.18 -13.46 12.59
CA THR A 123 -24.11 -12.62 12.09
C THR A 123 -24.68 -11.56 11.13
N ASN A 125 -27.73 -10.40 11.05
CA ASN A 125 -28.60 -9.48 11.76
C ASN A 125 -27.80 -8.43 12.54
N ILE A 126 -26.92 -8.91 13.41
CA ILE A 126 -26.14 -8.03 14.26
C ILE A 126 -25.11 -7.21 13.47
N SER A 127 -24.42 -7.83 12.51
CA SER A 127 -23.34 -7.16 11.79
C SER A 127 -23.77 -6.40 10.53
N VAL A 128 -24.93 -6.70 9.95
CA VAL A 128 -25.35 -6.04 8.73
C VAL A 128 -26.65 -5.26 8.92
N TYR A 129 -27.73 -5.96 9.24
CA TYR A 129 -29.04 -5.32 9.34
C TYR A 129 -29.08 -4.18 10.35
N SER A 130 -28.31 -4.31 11.42
CA SER A 130 -28.26 -3.28 12.45
C SER A 130 -27.93 -1.91 11.92
N LEU A 131 -27.07 -1.82 10.90
CA LEU A 131 -26.73 -0.52 10.34
C LEU A 131 -27.96 0.07 9.70
N THR A 132 -28.70 -0.75 8.96
CA THR A 132 -29.91 -0.28 8.29
C THR A 132 -30.94 0.12 9.35
N ALA A 133 -31.09 -0.68 10.40
CA ALA A 133 -32.05 -0.33 11.44
C ALA A 133 -31.67 1.00 12.10
N LEU A 134 -30.41 1.17 12.43
CA LEU A 134 -29.96 2.39 13.11
C LEU A 134 -30.13 3.60 12.21
N THR A 135 -29.84 3.42 10.94
CA THR A 135 -29.99 4.48 9.96
C THR A 135 -31.46 4.90 9.76
N LYS A 136 -32.38 3.93 9.68
CA LYS A 136 -33.83 4.24 9.57
C LYS A 136 -34.25 5.19 10.69
N ARG A 137 -33.87 4.89 11.93
CA ARG A 137 -34.22 5.78 13.07
C ARG A 137 -33.39 7.10 13.05
N ALA A 138 -32.14 7.04 12.61
CA ALA A 138 -31.29 8.24 12.57
C ALA A 138 -31.71 9.27 11.51
N GLU A 139 -32.38 8.81 10.47
CA GLU A 139 -32.73 9.66 9.31
C GLU A 139 -33.52 10.90 9.74
N LYS A 140 -34.53 10.69 10.58
CA LYS A 140 -35.41 11.77 11.03
C LYS A 140 -34.63 12.86 11.78
N LEU A 141 -33.58 12.47 12.50
CA LEU A 141 -32.79 13.39 13.28
C LEU A 141 -31.70 14.11 12.47
N SER A 143 -32.09 15.76 9.42
CA SER A 143 -32.79 16.49 8.36
C SER A 143 -31.84 17.52 7.70
N ASP A 144 -31.00 18.16 8.51
CA ASP A 144 -29.93 19.05 8.04
C ASP A 144 -28.78 18.40 7.21
N GLY A 145 -28.63 17.08 7.25
CA GLY A 145 -27.50 16.41 6.64
C GLY A 145 -26.66 15.74 7.73
N GLY A 146 -25.75 14.88 7.34
CA GLY A 146 -24.88 14.25 8.33
C GLY A 146 -23.97 13.20 7.73
N SER A 147 -23.33 12.43 8.60
CA SER A 147 -22.37 11.44 8.16
C SER A 147 -22.54 10.17 8.99
N ILE A 148 -22.65 9.03 8.30
CA ILE A 148 -22.81 7.75 8.93
C ILE A 148 -21.61 6.88 8.50
N LEU A 149 -20.94 6.30 9.51
CA LEU A 149 -19.74 5.55 9.29
C LEU A 149 -19.89 4.20 9.91
N THR A 150 -19.52 3.17 9.14
CA THR A 150 -19.42 1.83 9.70
C THR A 150 -18.02 1.27 9.48
N LEU A 151 -17.76 0.09 10.02
CA LEU A 151 -16.44 -0.56 9.91
C LEU A 151 -16.53 -1.87 9.15
N THR A 152 -15.56 -2.11 8.29
CA THR A 152 -15.49 -3.34 7.51
C THR A 152 -14.05 -3.86 7.48
N TYR A 153 -13.78 -4.86 6.67
CA TYR A 153 -12.47 -5.51 6.65
C TYR A 153 -12.27 -6.21 5.31
N TYR A 154 -11.02 -6.36 4.90
CA TYR A 154 -10.62 -6.90 3.56
C TYR A 154 -11.18 -8.27 3.26
N GLY A 155 -11.49 -9.00 4.32
CA GLY A 155 -12.21 -10.28 4.20
C GLY A 155 -13.53 -10.21 3.44
N ALA A 156 -14.10 -9.02 3.32
CA ALA A 156 -15.26 -8.78 2.48
C ALA A 156 -14.95 -8.93 1.00
N GLU A 157 -13.71 -8.67 0.59
CA GLU A 157 -13.31 -8.62 -0.80
C GLU A 157 -12.56 -9.88 -1.23
N LYS A 158 -11.69 -10.38 -0.40
CA LYS A 158 -10.90 -11.54 -0.72
C LYS A 158 -11.03 -12.53 0.44
N VAL A 159 -10.78 -13.80 0.15
CA VAL A 159 -10.88 -14.81 1.16
C VAL A 159 -9.72 -14.73 2.14
N VAL A 160 -10.05 -14.54 3.39
CA VAL A 160 -9.07 -14.51 4.47
C VAL A 160 -9.39 -15.66 5.42
N PRO A 161 -8.38 -16.47 5.77
CA PRO A 161 -8.56 -17.56 6.73
C PRO A 161 -9.25 -17.14 8.03
N ASN A 162 -10.16 -17.98 8.52
CA ASN A 162 -10.76 -17.80 9.84
C ASN A 162 -11.58 -16.50 9.97
N TYR A 163 -12.07 -16.01 8.86
CA TYR A 163 -12.99 -14.89 8.86
C TYR A 163 -14.37 -15.36 8.40
N ASN A 164 -14.37 -16.33 7.48
CA ASN A 164 -15.54 -17.11 7.11
C ASN A 164 -16.82 -16.26 6.96
N VAL A 165 -17.79 -16.47 7.84
CA VAL A 165 -19.11 -15.87 7.66
C VAL A 165 -19.05 -14.37 7.85
N GLY A 167 -16.77 -12.56 6.70
CA GLY A 167 -16.42 -12.01 5.40
C GLY A 167 -17.65 -11.82 4.50
N VAL A 168 -18.52 -12.81 4.55
CA VAL A 168 -19.74 -12.79 3.79
C VAL A 168 -20.60 -11.65 4.32
N ALA A 169 -20.65 -11.50 5.63
CA ALA A 169 -21.43 -10.44 6.25
C ALA A 169 -20.89 -9.07 5.85
N LYS A 170 -19.56 -8.91 5.93
CA LYS A 170 -18.99 -7.61 5.61
C LYS A 170 -19.23 -7.27 4.15
N ALA A 171 -19.28 -8.26 3.26
CA ALA A 171 -19.57 -7.99 1.86
C ALA A 171 -20.98 -7.42 1.76
N ALA A 172 -21.91 -8.00 2.51
CA ALA A 172 -23.29 -7.53 2.55
C ALA A 172 -23.32 -6.09 3.11
N LEU A 173 -22.55 -5.86 4.16
CA LEU A 173 -22.52 -4.53 4.79
C LEU A 173 -22.05 -3.49 3.79
N GLU A 174 -20.95 -3.78 3.10
CA GLU A 174 -20.39 -2.84 2.14
C GLU A 174 -21.43 -2.50 1.06
N ALA A 175 -22.13 -3.50 0.54
CA ALA A 175 -23.16 -3.29 -0.45
C ALA A 175 -24.31 -2.44 0.15
N SER A 176 -24.66 -2.66 1.41
CA SER A 176 -25.70 -1.90 2.04
C SER A 176 -25.31 -0.44 2.20
N VAL A 177 -24.03 -0.18 2.46
CA VAL A 177 -23.50 1.18 2.55
C VAL A 177 -23.79 1.93 1.26
N LYS A 178 -23.64 1.25 0.15
CA LYS A 178 -23.89 1.89 -1.13
C LYS A 178 -25.39 2.15 -1.39
N TYR A 179 -26.24 1.14 -1.12
CA TYR A 179 -27.68 1.32 -1.27
C TYR A 179 -28.15 2.42 -0.33
N LEU A 180 -27.67 2.42 0.91
CA LEU A 180 -28.05 3.50 1.82
C LEU A 180 -27.59 4.86 1.32
N ALA A 181 -26.39 4.92 0.74
CA ALA A 181 -25.83 6.18 0.26
C ALA A 181 -26.70 6.76 -0.84
N VAL A 182 -27.25 5.90 -1.71
CA VAL A 182 -28.16 6.36 -2.77
C VAL A 182 -29.50 6.83 -2.16
N ASP A 183 -30.03 6.11 -1.17
CA ASP A 183 -31.29 6.51 -0.57
C ASP A 183 -31.19 7.87 0.12
N LEU A 184 -30.12 8.07 0.87
CA LEU A 184 -29.99 9.24 1.74
C LEU A 184 -29.19 10.39 1.14
N GLY A 185 -28.56 10.15 -0.01
CA GLY A 185 -27.80 11.17 -0.66
C GLY A 185 -28.56 12.46 -0.90
N PRO A 186 -29.83 12.37 -1.34
CA PRO A 186 -30.53 13.63 -1.63
C PRO A 186 -30.80 14.47 -0.41
N LYS A 187 -30.84 13.87 0.77
CA LYS A 187 -30.93 14.59 2.02
C LYS A 187 -29.51 14.99 2.54
N HIS A 188 -28.50 14.77 1.71
CA HIS A 188 -27.09 15.03 2.07
C HIS A 188 -26.59 14.30 3.31
N ILE A 189 -27.13 13.11 3.55
CA ILE A 189 -26.56 12.24 4.53
C ILE A 189 -25.59 11.30 3.81
N ARG A 190 -24.33 11.34 4.22
CA ARG A 190 -23.31 10.50 3.63
C ARG A 190 -23.19 9.19 4.42
N VAL A 191 -22.90 8.11 3.70
CA VAL A 191 -22.75 6.81 4.31
C VAL A 191 -21.51 6.13 3.74
N ASN A 192 -20.56 5.83 4.64
CA ASN A 192 -19.26 5.32 4.24
C ASN A 192 -18.79 4.25 5.22
N ALA A 193 -17.79 3.47 4.80
CA ALA A 193 -17.18 2.46 5.65
C ALA A 193 -15.67 2.63 5.66
N ILE A 194 -15.04 2.36 6.81
CA ILE A 194 -13.61 2.20 6.85
C ILE A 194 -13.31 0.73 6.85
N SER A 195 -12.49 0.30 5.91
CA SER A 195 -11.94 -1.07 5.90
C SER A 195 -10.62 -1.07 6.68
N ALA A 196 -10.68 -1.42 7.96
CA ALA A 196 -9.54 -1.31 8.86
C ALA A 196 -8.67 -2.54 8.76
N GLY A 197 -7.35 -2.36 8.80
CA GLY A 197 -6.48 -3.51 8.92
C GLY A 197 -6.60 -4.07 10.31
N PRO A 198 -6.06 -5.25 10.54
CA PRO A 198 -6.15 -5.82 11.89
C PRO A 198 -5.28 -5.03 12.86
N ILE A 199 -5.69 -4.95 14.11
CA ILE A 199 -5.04 -4.09 15.11
C ILE A 199 -4.50 -4.89 16.30
N LYS A 200 -3.25 -4.63 16.69
CA LYS A 200 -2.59 -5.35 17.82
C LYS A 200 -3.28 -4.93 19.10
N THR A 201 -3.97 -5.87 19.72
CA THR A 201 -5.06 -5.55 20.65
C THR A 201 -4.83 -6.13 22.03
N PHE A 210 -5.39 -15.30 14.89
CA PHE A 210 -5.35 -13.84 14.79
C PHE A 210 -3.93 -13.30 14.87
N ARG A 211 -3.07 -13.93 15.67
CA ARG A 211 -1.65 -13.56 15.73
C ARG A 211 -1.04 -13.74 14.31
N TYR A 212 -1.51 -14.75 13.57
CA TYR A 212 -1.07 -15.01 12.19
C TYR A 212 -1.45 -13.84 11.24
N ILE A 213 -2.70 -13.39 11.31
CA ILE A 213 -3.18 -12.32 10.47
C ILE A 213 -2.42 -11.00 10.76
N LEU A 214 -2.13 -10.74 12.03
CA LEU A 214 -1.35 -9.59 12.41
C LEU A 214 0.03 -9.62 11.83
N LYS A 215 0.72 -10.73 12.04
CA LYS A 215 2.14 -10.82 11.65
C LYS A 215 2.24 -10.76 10.14
N TRP A 216 1.28 -11.39 9.48
CA TRP A 216 1.25 -11.37 8.03
C TRP A 216 1.15 -9.96 7.49
N ASN A 217 0.26 -9.16 8.06
CA ASN A 217 0.12 -7.76 7.69
C ASN A 217 1.37 -6.96 7.99
N GLU A 218 1.94 -7.23 9.15
CA GLU A 218 3.13 -6.53 9.59
C GLU A 218 4.30 -6.71 8.63
N TYR A 219 4.51 -7.91 8.13
CA TYR A 219 5.60 -8.15 7.18
C TYR A 219 5.24 -7.84 5.73
N ASN A 220 3.94 -7.81 5.35
CA ASN A 220 3.61 -7.71 3.94
C ASN A 220 2.86 -6.48 3.52
N ALA A 221 2.26 -5.76 4.45
CA ALA A 221 1.67 -4.48 4.12
C ALA A 221 2.76 -3.54 3.61
N PRO A 222 2.42 -2.72 2.61
CA PRO A 222 3.32 -1.75 2.06
C PRO A 222 4.02 -0.92 3.12
N LEU A 223 3.31 -0.44 4.13
CA LEU A 223 3.93 0.36 5.16
C LEU A 223 4.68 -0.46 6.23
N ARG A 224 4.64 -1.79 6.16
CA ARG A 224 5.40 -2.66 7.09
C ARG A 224 5.06 -2.42 8.57
N ARG A 225 3.78 -2.22 8.84
CA ARG A 225 3.26 -2.16 10.19
C ARG A 225 1.75 -2.30 10.11
N THR A 226 1.16 -2.69 11.22
CA THR A 226 -0.27 -2.71 11.36
C THR A 226 -0.74 -1.34 11.89
N VAL A 227 -2.02 -1.05 11.72
CA VAL A 227 -2.55 0.27 12.01
C VAL A 227 -3.02 0.28 13.46
N THR A 228 -3.17 1.47 14.04
CA THR A 228 -3.62 1.58 15.42
C THR A 228 -5.03 2.22 15.44
N ILE A 229 -5.68 2.14 16.60
CA ILE A 229 -6.99 2.72 16.81
C ILE A 229 -6.92 4.25 16.69
N GLU A 230 -5.80 4.86 17.01
CA GLU A 230 -5.66 6.31 16.84
C GLU A 230 -5.62 6.67 15.35
N GLU A 231 -5.01 5.83 14.56
CA GLU A 231 -4.97 6.08 13.12
C GLU A 231 -6.33 5.87 12.46
N VAL A 232 -7.04 4.81 12.84
CA VAL A 232 -8.36 4.60 12.32
C VAL A 232 -9.24 5.75 12.77
N GLY A 233 -9.02 6.18 14.00
CA GLY A 233 -9.66 7.38 14.55
C GLY A 233 -9.54 8.64 13.69
N ASP A 234 -8.33 8.94 13.23
CA ASP A 234 -8.11 10.11 12.40
C ASP A 234 -8.79 9.99 11.03
N SER A 235 -8.78 8.78 10.47
CA SER A 235 -9.46 8.55 9.20
C SER A 235 -10.97 8.68 9.38
N ALA A 236 -11.47 8.23 10.54
CA ALA A 236 -12.88 8.39 10.87
C ALA A 236 -13.21 9.87 10.97
N LEU A 237 -12.37 10.63 11.63
CA LEU A 237 -12.56 12.08 11.76
C LEU A 237 -12.81 12.72 10.42
N TYR A 238 -11.96 12.38 9.46
CA TYR A 238 -12.10 12.90 8.10
C TYR A 238 -13.49 12.60 7.56
N LEU A 239 -13.89 11.34 7.63
CA LEU A 239 -15.17 10.92 7.04
C LEU A 239 -16.36 11.50 7.78
N LEU A 240 -16.20 11.76 9.07
CA LEU A 240 -17.25 12.35 9.87
C LEU A 240 -17.35 13.88 9.67
N SER A 241 -16.26 14.52 9.27
CA SER A 241 -16.22 15.97 9.19
C SER A 241 -16.64 16.48 7.82
N ASP A 242 -16.70 17.80 7.70
CA ASP A 242 -16.97 18.47 6.44
C ASP A 242 -15.82 18.38 5.43
N LEU A 243 -14.63 17.94 5.87
CA LEU A 243 -13.54 17.72 4.91
C LEU A 243 -13.93 16.71 3.86
N SER A 244 -14.81 15.77 4.23
CA SER A 244 -15.22 14.69 3.30
C SER A 244 -16.64 14.90 2.72
N ARG A 245 -17.10 16.16 2.66
CA ARG A 245 -18.50 16.45 2.33
C ARG A 245 -18.94 16.03 0.92
N SER A 246 -18.02 15.70 0.04
CA SER A 246 -18.41 15.15 -1.24
C SER A 246 -18.15 13.66 -1.40
N VAL A 247 -17.92 12.96 -0.28
CA VAL A 247 -17.60 11.53 -0.28
C VAL A 247 -18.72 10.70 0.34
N THR A 248 -19.31 9.79 -0.46
CA THR A 248 -20.36 8.91 0.06
C THR A 248 -20.32 7.60 -0.68
N GLY A 249 -20.77 6.55 -0.03
CA GLY A 249 -20.72 5.21 -0.63
C GLY A 249 -19.34 4.60 -0.71
N GLU A 250 -18.40 5.15 0.05
CA GLU A 250 -16.99 4.80 -0.12
C GLU A 250 -16.59 3.75 0.92
N VAL A 251 -15.81 2.76 0.46
CA VAL A 251 -15.14 1.84 1.35
C VAL A 251 -13.69 2.27 1.37
N HIS A 252 -13.27 2.86 2.48
CA HIS A 252 -11.97 3.51 2.59
C HIS A 252 -10.98 2.64 3.34
N HIS A 253 -9.91 2.23 2.67
CA HIS A 253 -8.92 1.34 3.31
C HIS A 253 -7.97 2.06 4.19
N VAL A 254 -7.98 1.72 5.47
CA VAL A 254 -7.04 2.23 6.42
C VAL A 254 -6.31 1.03 6.99
N ASP A 255 -5.32 0.58 6.24
CA ASP A 255 -4.73 -0.75 6.46
C ASP A 255 -3.28 -0.84 6.06
N SER A 256 -2.56 0.28 6.05
CA SER A 256 -1.17 0.31 5.64
C SER A 256 -0.97 -0.16 4.20
N GLY A 257 -2.03 -0.13 3.41
CA GLY A 257 -2.02 -0.56 2.01
C GLY A 257 -2.09 -2.06 1.77
N TYR A 258 -2.40 -2.85 2.80
CA TYR A 258 -2.39 -4.30 2.65
C TYR A 258 -3.25 -4.76 1.48
N ASN A 259 -4.41 -4.14 1.32
CA ASN A 259 -5.38 -4.57 0.31
C ASN A 259 -4.89 -4.55 -1.15
N ILE A 260 -3.80 -3.85 -1.41
CA ILE A 260 -3.31 -3.74 -2.75
C ILE A 260 -2.31 -4.84 -3.15
N ILE A 261 -1.87 -5.71 -2.22
CA ILE A 261 -0.85 -6.69 -2.63
C ILE A 261 -1.51 -7.98 -3.12
N GLY A 262 -0.90 -8.61 -4.13
CA GLY A 262 -1.45 -9.82 -4.70
C GLY A 262 -0.69 -11.06 -4.32
N LYS A 264 2.94 -12.23 -1.47
CA LYS A 264 4.17 -11.88 -0.73
C LYS A 264 5.25 -11.39 -1.72
N ALA A 265 6.08 -10.43 -1.34
CA ALA A 265 7.39 -10.30 -2.07
C ALA A 265 8.17 -11.66 -1.98
N VAL A 266 9.03 -11.97 -2.95
CA VAL A 266 9.92 -13.14 -2.83
C VAL A 266 11.15 -12.80 -1.99
N GLY B 8 -14.33 -33.87 -32.85
CA GLY B 8 -14.50 -33.50 -31.41
C GLY B 8 -15.78 -32.71 -31.20
N ASN B 9 -15.73 -31.72 -30.29
CA ASN B 9 -16.94 -30.95 -29.90
C ASN B 9 -17.60 -30.09 -31.00
N GLY B 10 -16.87 -29.79 -32.09
CA GLY B 10 -17.35 -28.97 -33.20
C GLY B 10 -17.70 -27.50 -32.86
N LEU B 11 -17.24 -27.02 -31.71
CA LEU B 11 -17.61 -25.66 -31.25
C LEU B 11 -17.10 -24.54 -32.16
N LEU B 12 -16.08 -24.81 -32.98
CA LEU B 12 -15.60 -23.82 -33.93
C LEU B 12 -15.71 -24.31 -35.37
N TYR B 13 -16.70 -25.18 -35.63
CA TYR B 13 -16.88 -25.70 -36.99
C TYR B 13 -17.10 -24.57 -37.98
N GLY B 14 -16.35 -24.58 -39.06
CA GLY B 14 -16.47 -23.58 -40.09
C GLY B 14 -15.85 -22.25 -39.76
N LYS B 15 -15.23 -22.10 -38.59
CA LYS B 15 -14.74 -20.78 -38.17
C LYS B 15 -13.30 -20.58 -38.56
N ARG B 16 -12.94 -19.34 -38.80
CA ARG B 16 -11.61 -18.97 -39.23
C ARG B 16 -11.05 -17.90 -38.32
N GLY B 17 -9.84 -18.13 -37.83
CA GLY B 17 -9.26 -17.26 -36.84
C GLY B 17 -7.78 -17.01 -37.02
N LEU B 18 -7.34 -15.88 -36.51
CA LEU B 18 -5.95 -15.46 -36.56
C LEU B 18 -5.39 -15.46 -35.13
N ILE B 19 -4.27 -16.13 -34.94
CA ILE B 19 -3.59 -16.15 -33.68
C ILE B 19 -2.23 -15.48 -33.84
N LEU B 20 -2.01 -14.39 -33.08
CA LEU B 20 -0.73 -13.71 -33.01
C LEU B 20 -0.03 -14.04 -31.70
N GLY B 21 1.22 -14.48 -31.80
CA GLY B 21 2.01 -14.78 -30.61
C GLY B 21 2.41 -16.23 -30.42
N LEU B 22 2.12 -17.11 -31.38
CA LEU B 22 2.61 -18.49 -31.27
C LEU B 22 4.13 -18.49 -31.50
N ALA B 23 4.89 -18.71 -30.43
CA ALA B 23 6.35 -18.64 -30.43
C ALA B 23 7.00 -20.03 -30.23
N ASN B 24 6.26 -20.94 -29.60
CA ASN B 24 6.74 -22.27 -29.29
C ASN B 24 5.58 -23.15 -28.83
N ASN B 25 5.86 -24.43 -28.61
CA ASN B 25 4.84 -25.40 -28.22
C ASN B 25 4.58 -25.48 -26.71
N ARG B 26 5.05 -24.47 -25.96
CA ARG B 26 4.84 -24.43 -24.52
C ARG B 26 3.96 -23.26 -24.10
N SER B 27 3.53 -22.45 -25.04
CA SER B 27 2.86 -21.18 -24.73
C SER B 27 1.33 -21.32 -24.69
N ILE B 28 0.69 -20.33 -24.07
CA ILE B 28 -0.77 -20.26 -24.04
C ILE B 28 -1.32 -20.27 -25.48
N ALA B 29 -0.71 -19.49 -26.35
CA ALA B 29 -1.11 -19.46 -27.77
C ALA B 29 -1.19 -20.86 -28.36
N TRP B 30 -0.24 -21.74 -27.99
CA TRP B 30 -0.24 -23.09 -28.54
C TRP B 30 -1.37 -23.88 -28.00
N GLY B 31 -1.64 -23.69 -26.69
CA GLY B 31 -2.79 -24.37 -26.06
C GLY B 31 -4.08 -23.96 -26.74
N ILE B 32 -4.21 -22.68 -27.03
CA ILE B 32 -5.37 -22.17 -27.72
C ILE B 32 -5.46 -22.73 -29.14
N ALA B 33 -4.34 -22.70 -29.88
CA ALA B 33 -4.33 -23.25 -31.25
C ALA B 33 -4.78 -24.71 -31.29
N LYS B 34 -4.24 -25.51 -30.37
CA LYS B 34 -4.52 -26.94 -30.36
C LYS B 34 -6.01 -27.14 -30.13
N THR B 35 -6.55 -26.50 -29.11
CA THR B 35 -7.98 -26.70 -28.78
C THR B 35 -8.89 -26.14 -29.86
N ALA B 36 -8.57 -24.97 -30.37
CA ALA B 36 -9.45 -24.35 -31.38
C ALA B 36 -9.47 -25.21 -32.66
N SER B 37 -8.30 -25.70 -33.05
CA SER B 37 -8.17 -26.53 -34.23
C SER B 37 -8.98 -27.82 -34.09
N SER B 38 -8.83 -28.46 -32.94
CA SER B 38 -9.53 -29.67 -32.69
C SER B 38 -11.06 -29.45 -32.61
N ALA B 39 -11.48 -28.23 -32.29
CA ALA B 39 -12.90 -27.88 -32.25
C ALA B 39 -13.45 -27.50 -33.65
N GLY B 40 -12.59 -27.56 -34.67
CA GLY B 40 -12.99 -27.32 -36.05
C GLY B 40 -12.42 -26.09 -36.75
N ALA B 41 -11.65 -25.26 -36.04
CA ALA B 41 -11.19 -23.99 -36.60
C ALA B 41 -10.10 -24.18 -37.63
N GLU B 42 -10.11 -23.37 -38.69
CA GLU B 42 -8.89 -23.15 -39.49
C GLU B 42 -8.20 -21.92 -38.98
N LEU B 43 -6.92 -22.03 -38.78
CA LEU B 43 -6.15 -21.01 -38.11
C LEU B 43 -5.05 -20.40 -38.99
N ALA B 44 -4.88 -19.09 -38.87
CA ALA B 44 -3.75 -18.40 -39.48
C ALA B 44 -2.81 -17.96 -38.34
N PHE B 45 -1.50 -17.98 -38.61
CA PHE B 45 -0.51 -17.59 -37.62
C PHE B 45 0.48 -16.61 -38.21
N THR B 46 0.81 -15.59 -37.43
CA THR B 46 1.89 -14.70 -37.73
C THR B 46 3.15 -15.19 -36.99
N TYR B 47 4.27 -14.53 -37.28
CA TYR B 47 5.52 -14.71 -36.56
C TYR B 47 6.32 -13.39 -36.61
N GLN B 48 7.30 -13.24 -35.71
CA GLN B 48 8.26 -12.13 -35.78
C GLN B 48 9.70 -12.65 -35.94
N LYS B 53 9.76 -18.18 -37.31
CA LYS B 53 9.08 -18.80 -38.47
C LYS B 53 9.34 -20.30 -38.46
N LYS B 54 10.60 -20.69 -38.25
CA LYS B 54 10.98 -22.10 -38.29
C LYS B 54 10.29 -22.90 -37.20
N ARG B 55 10.14 -22.29 -36.02
CA ARG B 55 9.44 -22.93 -34.91
C ARG B 55 7.92 -23.02 -35.17
N VAL B 56 7.35 -22.02 -35.82
CA VAL B 56 5.89 -21.92 -36.03
C VAL B 56 5.35 -22.79 -37.18
N GLU B 57 6.14 -22.93 -38.24
CA GLU B 57 5.73 -23.71 -39.42
C GLU B 57 5.25 -25.12 -39.10
N PRO B 58 6.02 -25.89 -38.31
CA PRO B 58 5.57 -27.26 -38.01
C PRO B 58 4.37 -27.27 -37.06
N LEU B 59 4.31 -26.29 -36.16
CA LEU B 59 3.15 -26.19 -35.28
C LEU B 59 1.89 -25.89 -36.11
N ALA B 60 2.01 -24.95 -37.04
CA ALA B 60 0.90 -24.64 -37.95
C ALA B 60 0.47 -25.84 -38.78
N GLU B 61 1.43 -26.65 -39.24
CA GLU B 61 1.10 -27.82 -40.04
C GLU B 61 0.33 -28.82 -39.18
N GLU B 62 0.82 -29.04 -37.97
CA GLU B 62 0.20 -29.99 -37.05
C GLU B 62 -1.29 -29.71 -36.90
N VAL B 63 -1.66 -28.44 -36.95
CA VAL B 63 -3.01 -28.02 -36.67
C VAL B 63 -3.82 -27.76 -37.94
N LYS B 64 -3.23 -28.13 -39.08
CA LYS B 64 -3.82 -27.90 -40.41
C LYS B 64 -4.12 -26.40 -40.66
N GLY B 65 -3.30 -25.54 -40.09
CA GLY B 65 -3.43 -24.10 -40.27
C GLY B 65 -2.42 -23.60 -41.27
N PHE B 66 -2.27 -22.30 -41.37
CA PHE B 66 -1.27 -21.76 -42.27
C PHE B 66 -0.61 -20.48 -41.74
N VAL B 67 0.61 -20.26 -42.19
CA VAL B 67 1.43 -19.15 -41.76
C VAL B 67 1.19 -17.97 -42.66
N CYS B 68 0.64 -16.88 -42.13
CA CYS B 68 0.23 -15.76 -42.99
C CYS B 68 1.21 -14.60 -43.03
N GLY B 69 2.32 -14.70 -42.32
CA GLY B 69 3.43 -13.77 -42.55
C GLY B 69 4.07 -13.13 -41.32
N HIS B 70 5.12 -12.38 -41.59
CA HIS B 70 5.87 -11.68 -40.57
C HIS B 70 5.03 -10.54 -40.08
N CYS B 71 4.95 -10.40 -38.77
CA CYS B 71 4.24 -9.26 -38.18
C CYS B 71 5.01 -8.67 -37.02
N ASP B 72 5.40 -7.41 -37.17
CA ASP B 72 5.96 -6.64 -36.07
C ASP B 72 4.85 -5.66 -35.75
N VAL B 73 4.30 -5.78 -34.55
CA VAL B 73 3.15 -4.98 -34.19
C VAL B 73 3.48 -3.51 -33.99
N SER B 74 4.77 -3.20 -33.85
CA SER B 74 5.23 -1.81 -33.85
C SER B 74 5.26 -1.22 -35.24
N ASP B 75 5.14 -2.06 -36.27
CA ASP B 75 5.22 -1.62 -37.67
C ASP B 75 3.84 -1.70 -38.36
N SER B 76 3.24 -0.54 -38.52
CA SER B 76 1.92 -0.37 -39.12
C SER B 76 1.75 -1.09 -40.48
N ALA B 77 2.73 -0.94 -41.36
CA ALA B 77 2.70 -1.59 -42.70
C ALA B 77 2.76 -3.10 -42.59
N SER B 78 3.56 -3.58 -41.65
CA SER B 78 3.63 -5.00 -41.34
C SER B 78 2.24 -5.55 -40.97
N ILE B 79 1.52 -4.84 -40.11
CA ILE B 79 0.16 -5.25 -39.73
C ILE B 79 -0.77 -5.22 -40.95
N ASP B 80 -0.67 -4.18 -41.77
CA ASP B 80 -1.52 -4.09 -42.97
C ASP B 80 -1.28 -5.25 -43.91
N ALA B 81 -0.03 -5.64 -44.09
CA ALA B 81 0.30 -6.72 -45.02
C ALA B 81 -0.32 -8.05 -44.58
N VAL B 82 -0.17 -8.36 -43.30
CA VAL B 82 -0.83 -9.54 -42.70
C VAL B 82 -2.35 -9.57 -42.93
N PHE B 83 -3.03 -8.47 -42.67
CA PHE B 83 -4.49 -8.48 -42.83
C PHE B 83 -4.93 -8.48 -44.29
N ASN B 84 -4.13 -7.86 -45.15
CA ASN B 84 -4.35 -7.96 -46.59
C ASN B 84 -4.26 -9.42 -47.05
N THR B 85 -3.24 -10.16 -46.58
CA THR B 85 -3.10 -11.59 -46.90
C THR B 85 -4.31 -12.42 -46.42
N ILE B 86 -4.85 -12.08 -45.25
CA ILE B 86 -6.01 -12.81 -44.70
C ILE B 86 -7.25 -12.47 -45.46
N GLU B 87 -7.39 -11.20 -45.80
CA GLU B 87 -8.52 -10.81 -46.60
C GLU B 87 -8.53 -11.53 -47.96
N LYS B 88 -7.37 -11.62 -48.62
CA LYS B 88 -7.28 -12.28 -49.96
C LYS B 88 -7.61 -13.75 -49.80
N LYS B 89 -7.08 -14.41 -48.77
CA LYS B 89 -7.31 -15.85 -48.62
C LYS B 89 -8.71 -16.21 -48.16
N TRP B 90 -9.30 -15.42 -47.27
CA TRP B 90 -10.59 -15.80 -46.61
C TRP B 90 -11.72 -14.86 -46.81
N GLY B 91 -11.43 -13.57 -46.94
CA GLY B 91 -12.49 -12.56 -47.09
C GLY B 91 -13.23 -12.15 -45.83
N LYS B 92 -13.13 -12.96 -44.77
CA LYS B 92 -13.88 -12.75 -43.50
C LYS B 92 -13.03 -13.37 -42.39
N LEU B 93 -13.21 -12.88 -41.18
CA LEU B 93 -12.48 -13.40 -40.02
C LEU B 93 -13.49 -13.57 -38.90
N ASP B 94 -13.47 -14.71 -38.25
CA ASP B 94 -14.40 -15.00 -37.15
C ASP B 94 -13.83 -14.67 -35.78
N PHE B 95 -12.52 -14.80 -35.62
CA PHE B 95 -11.91 -14.44 -34.35
C PHE B 95 -10.41 -14.11 -34.45
N LEU B 96 -9.91 -13.51 -33.40
CA LEU B 96 -8.55 -13.07 -33.32
C LEU B 96 -8.05 -13.30 -31.87
N VAL B 97 -6.87 -13.89 -31.74
CA VAL B 97 -6.22 -14.08 -30.46
C VAL B 97 -4.94 -13.28 -30.39
N HIS B 98 -4.86 -12.43 -29.39
CA HIS B 98 -3.75 -11.54 -29.17
C HIS B 98 -3.00 -12.06 -27.98
N ALA B 99 -1.94 -12.84 -28.23
CA ALA B 99 -1.07 -13.39 -27.19
C ALA B 99 0.33 -12.76 -27.32
N ILE B 100 0.36 -11.43 -27.43
CA ILE B 100 1.58 -10.65 -27.61
C ILE B 100 1.79 -9.76 -26.40
N GLY B 101 3.03 -9.70 -25.94
CA GLY B 101 3.38 -8.83 -24.82
C GLY B 101 4.86 -8.84 -24.66
N PHE B 102 5.41 -7.68 -24.36
CA PHE B 102 6.84 -7.56 -24.14
C PHE B 102 7.12 -6.55 -23.03
N SER B 103 8.14 -6.87 -22.25
CA SER B 103 8.73 -5.93 -21.30
C SER B 103 10.16 -6.39 -21.01
N ASP B 104 11.02 -5.44 -20.68
CA ASP B 104 12.42 -5.75 -20.48
C ASP B 104 12.61 -6.74 -19.31
N LYS B 105 13.12 -7.94 -19.65
CA LYS B 105 13.38 -9.01 -18.67
C LYS B 105 14.18 -8.54 -17.45
N GLU B 106 15.26 -7.79 -17.69
CA GLU B 106 16.12 -7.29 -16.60
C GLU B 106 15.32 -6.42 -15.63
N GLU B 107 14.57 -5.45 -16.16
CA GLU B 107 13.81 -4.49 -15.30
C GLU B 107 12.64 -5.13 -14.52
N LEU B 108 12.23 -6.34 -14.89
CA LEU B 108 11.19 -7.03 -14.14
C LEU B 108 11.65 -7.39 -12.74
N SER B 109 12.91 -7.78 -12.59
CA SER B 109 13.41 -8.13 -11.26
C SER B 109 13.50 -6.93 -10.32
N GLY B 110 13.55 -5.72 -10.87
CA GLY B 110 13.78 -4.53 -10.05
C GLY B 110 12.55 -4.01 -9.35
N ARG B 111 12.69 -2.81 -8.79
CA ARG B 111 11.58 -2.07 -8.28
C ARG B 111 10.87 -1.41 -9.46
N TYR B 112 9.53 -1.30 -9.37
CA TYR B 112 8.76 -0.60 -10.38
C TYR B 112 9.23 0.84 -10.57
N VAL B 113 9.51 1.54 -9.47
CA VAL B 113 9.96 2.93 -9.53
C VAL B 113 11.28 3.13 -10.29
N ASP B 114 12.07 2.07 -10.47
CA ASP B 114 13.36 2.19 -11.19
C ASP B 114 13.27 1.95 -12.70
N ILE B 115 12.07 1.76 -13.24
CA ILE B 115 11.99 1.43 -14.67
C ILE B 115 12.39 2.63 -15.54
N SER B 116 12.92 2.32 -16.71
CA SER B 116 13.32 3.36 -17.64
C SER B 116 12.15 3.78 -18.51
N GLU B 117 12.20 5.02 -18.97
CA GLU B 117 11.22 5.58 -19.87
C GLU B 117 11.09 4.74 -21.14
N SER B 118 12.23 4.31 -21.63
CA SER B 118 12.27 3.52 -22.81
C SER B 118 11.54 2.17 -22.63
N ASN B 119 11.80 1.47 -21.52
CA ASN B 119 11.13 0.20 -21.26
C ASN B 119 9.61 0.43 -21.12
N PHE B 120 9.25 1.49 -20.41
CA PHE B 120 7.86 1.83 -20.21
C PHE B 120 7.15 1.98 -21.55
N THR B 123 6.90 -1.17 -23.64
CA THR B 123 5.96 -2.10 -23.04
C THR B 123 4.52 -1.68 -23.36
N ASN B 125 3.51 0.13 -25.85
CA ASN B 125 3.26 -0.01 -27.28
C ASN B 125 3.01 -1.46 -27.71
N ILE B 126 3.94 -2.34 -27.38
CA ILE B 126 3.87 -3.74 -27.79
C ILE B 126 2.79 -4.51 -27.04
N SER B 127 2.64 -4.29 -25.72
CA SER B 127 1.67 -5.02 -24.90
C SER B 127 0.25 -4.45 -24.87
N VAL B 128 0.07 -3.17 -25.17
CA VAL B 128 -1.26 -2.53 -25.03
C VAL B 128 -1.77 -1.98 -26.35
N TYR B 129 -1.05 -1.02 -26.92
CA TYR B 129 -1.49 -0.40 -28.16
C TYR B 129 -1.69 -1.40 -29.32
N SER B 130 -0.87 -2.44 -29.35
CA SER B 130 -0.96 -3.45 -30.38
C SER B 130 -2.32 -4.08 -30.51
N LEU B 131 -3.02 -4.28 -29.39
CA LEU B 131 -4.37 -4.84 -29.46
C LEU B 131 -5.27 -3.87 -30.20
N THR B 132 -5.18 -2.59 -29.88
CA THR B 132 -5.98 -1.59 -30.55
C THR B 132 -5.62 -1.51 -32.02
N ALA B 133 -4.33 -1.52 -32.34
CA ALA B 133 -3.92 -1.50 -33.74
C ALA B 133 -4.46 -2.71 -34.48
N LEU B 134 -4.34 -3.87 -33.89
CA LEU B 134 -4.81 -5.07 -34.58
C LEU B 134 -6.32 -5.04 -34.79
N THR B 135 -7.01 -4.55 -33.79
CA THR B 135 -8.44 -4.55 -33.81
C THR B 135 -8.94 -3.59 -34.87
N LYS B 136 -8.29 -2.45 -35.02
CA LYS B 136 -8.70 -1.47 -36.05
C LYS B 136 -8.72 -2.18 -37.40
N ARG B 137 -7.66 -2.91 -37.72
CA ARG B 137 -7.63 -3.65 -39.00
C ARG B 137 -8.60 -4.80 -39.01
N ALA B 138 -8.74 -5.50 -37.90
CA ALA B 138 -9.61 -6.69 -37.85
C ALA B 138 -11.12 -6.37 -37.99
N GLU B 139 -11.50 -5.16 -37.60
CA GLU B 139 -12.90 -4.73 -37.63
C GLU B 139 -13.55 -4.90 -39.03
N LYS B 140 -12.87 -4.46 -40.08
CA LYS B 140 -13.37 -4.50 -41.44
C LYS B 140 -13.63 -5.94 -41.90
N LEU B 141 -12.87 -6.90 -41.39
CA LEU B 141 -13.02 -8.29 -41.76
C LEU B 141 -14.07 -9.04 -40.96
N SER B 143 -17.37 -8.10 -40.32
CA SER B 143 -18.70 -7.50 -40.56
C SER B 143 -19.85 -8.39 -40.02
N ASP B 144 -19.70 -9.71 -40.20
CA ASP B 144 -20.63 -10.72 -39.62
C ASP B 144 -20.65 -10.83 -38.06
N GLY B 145 -19.64 -10.29 -37.37
CA GLY B 145 -19.51 -10.45 -35.93
C GLY B 145 -18.26 -11.27 -35.67
N GLY B 146 -17.84 -11.35 -34.42
CA GLY B 146 -16.69 -12.15 -34.11
C GLY B 146 -16.28 -12.06 -32.68
N SER B 147 -15.10 -12.58 -32.38
CA SER B 147 -14.61 -12.62 -31.02
C SER B 147 -13.15 -12.28 -31.00
N ILE B 148 -12.75 -11.35 -30.12
CA ILE B 148 -11.36 -10.95 -29.97
C ILE B 148 -10.96 -11.23 -28.51
N LEU B 149 -9.85 -11.93 -28.35
CA LEU B 149 -9.40 -12.38 -27.05
C LEU B 149 -7.96 -11.95 -26.84
N THR B 150 -7.66 -11.44 -25.66
CA THR B 150 -6.29 -11.14 -25.28
C THR B 150 -5.98 -11.81 -23.94
N LEU B 151 -4.73 -11.71 -23.49
CA LEU B 151 -4.29 -12.35 -22.28
C LEU B 151 -3.82 -11.36 -21.29
N THR B 152 -4.12 -11.60 -20.01
CA THR B 152 -3.72 -10.71 -18.96
C THR B 152 -3.32 -11.52 -17.74
N TYR B 153 -3.09 -10.86 -16.62
CA TYR B 153 -2.59 -11.53 -15.45
C TYR B 153 -2.97 -10.73 -14.23
N TYR B 154 -3.07 -11.41 -13.08
CA TYR B 154 -3.54 -10.81 -11.83
C TYR B 154 -2.75 -9.60 -11.40
N GLY B 155 -1.50 -9.53 -11.85
CA GLY B 155 -0.67 -8.35 -11.65
C GLY B 155 -1.25 -7.04 -12.15
N ALA B 156 -2.22 -7.09 -13.06
CA ALA B 156 -3.03 -5.93 -13.42
C ALA B 156 -3.95 -5.41 -12.31
N GLU B 157 -4.33 -6.28 -11.37
CA GLU B 157 -5.29 -5.90 -10.32
C GLU B 157 -4.63 -5.66 -8.98
N LYS B 158 -3.66 -6.49 -8.62
CA LYS B 158 -2.97 -6.37 -7.35
C LYS B 158 -1.48 -6.38 -7.62
N VAL B 159 -0.72 -5.83 -6.70
CA VAL B 159 0.74 -5.83 -6.85
C VAL B 159 1.33 -7.24 -6.65
N VAL B 160 1.99 -7.71 -7.69
CA VAL B 160 2.65 -9.01 -7.68
C VAL B 160 4.14 -8.89 -7.99
N PRO B 161 4.92 -9.82 -7.41
CA PRO B 161 6.38 -9.82 -7.52
C PRO B 161 6.79 -9.89 -8.95
N ASN B 162 7.87 -9.17 -9.25
CA ASN B 162 8.58 -9.46 -10.47
C ASN B 162 7.73 -9.06 -11.68
N TYR B 163 6.70 -8.22 -11.52
CA TYR B 163 5.83 -7.94 -12.64
C TYR B 163 5.83 -6.47 -13.05
N ASN B 164 5.94 -5.58 -12.06
CA ASN B 164 6.24 -4.17 -12.26
C ASN B 164 5.49 -3.48 -13.41
N VAL B 165 6.21 -3.05 -14.44
CA VAL B 165 5.59 -2.28 -15.50
C VAL B 165 4.63 -3.12 -16.31
N GLY B 167 2.60 -5.13 -15.00
CA GLY B 167 1.31 -4.99 -14.27
C GLY B 167 0.54 -3.73 -14.67
N VAL B 168 1.29 -2.66 -14.83
CA VAL B 168 0.73 -1.41 -15.20
C VAL B 168 0.20 -1.52 -16.62
N ALA B 169 0.98 -2.17 -17.48
CA ALA B 169 0.58 -2.37 -18.85
C ALA B 169 -0.71 -3.24 -18.91
N LYS B 170 -0.74 -4.33 -18.16
CA LYS B 170 -1.92 -5.19 -18.22
C LYS B 170 -3.16 -4.49 -17.69
N ALA B 171 -3.00 -3.57 -16.74
CA ALA B 171 -4.13 -2.77 -16.28
C ALA B 171 -4.67 -1.94 -17.45
N ALA B 172 -3.75 -1.36 -18.22
CA ALA B 172 -4.11 -0.59 -19.41
C ALA B 172 -4.83 -1.47 -20.42
N LEU B 173 -4.30 -2.67 -20.63
CA LEU B 173 -4.88 -3.59 -21.59
C LEU B 173 -6.33 -3.90 -21.17
N GLU B 174 -6.53 -4.24 -19.90
CA GLU B 174 -7.85 -4.66 -19.43
C GLU B 174 -8.83 -3.53 -19.67
N ALA B 175 -8.43 -2.29 -19.37
CA ALA B 175 -9.30 -1.16 -19.59
C ALA B 175 -9.59 -1.01 -21.11
N SER B 176 -8.60 -1.24 -21.94
CA SER B 176 -8.79 -1.08 -23.37
C SER B 176 -9.75 -2.13 -23.92
N VAL B 177 -9.69 -3.34 -23.34
CA VAL B 177 -10.67 -4.38 -23.67
C VAL B 177 -12.10 -3.85 -23.49
N LYS B 178 -12.33 -3.13 -22.42
CA LYS B 178 -13.67 -2.65 -22.13
C LYS B 178 -14.10 -1.52 -23.09
N TYR B 179 -13.20 -0.57 -23.33
CA TYR B 179 -13.47 0.47 -24.31
C TYR B 179 -13.67 -0.11 -25.70
N LEU B 180 -12.84 -1.07 -26.09
CA LEU B 180 -13.05 -1.71 -27.39
C LEU B 180 -14.41 -2.46 -27.43
N ALA B 181 -14.79 -3.10 -26.32
CA ALA B 181 -16.04 -3.86 -26.27
C ALA B 181 -17.22 -2.94 -26.52
N VAL B 182 -17.16 -1.72 -26.00
CA VAL B 182 -18.22 -0.77 -26.22
C VAL B 182 -18.22 -0.29 -27.67
N ASP B 183 -17.06 -0.02 -28.25
CA ASP B 183 -17.01 0.46 -29.64
C ASP B 183 -17.56 -0.56 -30.62
N LEU B 184 -17.17 -1.82 -30.44
CA LEU B 184 -17.46 -2.88 -31.42
C LEU B 184 -18.70 -3.70 -31.07
N GLY B 185 -19.27 -3.49 -29.89
CA GLY B 185 -20.44 -4.22 -29.47
C GLY B 185 -21.61 -4.14 -30.44
N PRO B 186 -21.86 -2.96 -30.98
CA PRO B 186 -23.03 -2.89 -31.89
C PRO B 186 -22.86 -3.70 -33.17
N LYS B 187 -21.61 -3.95 -33.58
CA LYS B 187 -21.35 -4.82 -34.75
C LYS B 187 -21.25 -6.28 -34.28
N HIS B 188 -21.59 -6.54 -33.02
CA HIS B 188 -21.50 -7.87 -32.41
C HIS B 188 -20.13 -8.50 -32.45
N ILE B 189 -19.12 -7.67 -32.37
CA ILE B 189 -17.80 -8.16 -32.13
C ILE B 189 -17.52 -8.08 -30.61
N ARG B 190 -17.20 -9.21 -30.02
CA ARG B 190 -16.97 -9.28 -28.58
C ARG B 190 -15.50 -9.17 -28.31
N VAL B 191 -15.14 -8.56 -27.20
CA VAL B 191 -13.74 -8.39 -26.83
C VAL B 191 -13.59 -8.77 -25.37
N ASN B 192 -12.72 -9.72 -25.09
CA ASN B 192 -12.53 -10.22 -23.77
C ASN B 192 -11.05 -10.49 -23.48
N ALA B 193 -10.73 -10.71 -22.22
CA ALA B 193 -9.39 -11.14 -21.80
C ALA B 193 -9.46 -12.38 -20.91
N ILE B 194 -8.47 -13.27 -21.01
CA ILE B 194 -8.27 -14.29 -20.02
C ILE B 194 -7.12 -13.87 -19.10
N SER B 195 -7.40 -13.82 -17.81
CA SER B 195 -6.36 -13.60 -16.80
C SER B 195 -5.81 -14.98 -16.38
N ALA B 196 -4.70 -15.39 -16.97
CA ALA B 196 -4.14 -16.74 -16.76
C ALA B 196 -3.27 -16.75 -15.53
N GLY B 197 -3.30 -17.82 -14.76
CA GLY B 197 -2.28 -18.03 -13.69
C GLY B 197 -0.90 -18.33 -14.28
N PRO B 198 0.16 -18.30 -13.45
CA PRO B 198 1.46 -18.69 -14.01
C PRO B 198 1.46 -20.18 -14.40
N ILE B 199 2.25 -20.53 -15.42
CA ILE B 199 2.28 -21.88 -16.00
C ILE B 199 3.67 -22.54 -15.91
N LYS B 200 3.73 -23.80 -15.46
CA LYS B 200 5.02 -24.55 -15.34
C LYS B 200 5.50 -24.91 -16.74
N THR B 201 6.62 -24.35 -17.17
CA THR B 201 7.04 -24.44 -18.57
C THR B 201 8.57 -24.39 -18.70
N ASP B 209 13.46 -16.96 -9.36
CA ASP B 209 12.29 -16.30 -8.75
C ASP B 209 10.92 -16.82 -9.29
N PHE B 210 10.82 -17.07 -10.58
CA PHE B 210 9.60 -17.64 -11.17
C PHE B 210 9.19 -18.99 -10.59
N ARG B 211 10.15 -19.83 -10.20
CA ARG B 211 9.85 -21.06 -9.50
C ARG B 211 9.11 -20.80 -8.20
N TYR B 212 9.46 -19.71 -7.53
CA TYR B 212 8.77 -19.29 -6.30
C TYR B 212 7.29 -18.90 -6.57
N ILE B 213 7.05 -18.14 -7.63
CA ILE B 213 5.68 -17.72 -7.98
C ILE B 213 4.81 -18.94 -8.31
N LEU B 214 5.39 -19.91 -9.02
CA LEU B 214 4.68 -21.15 -9.35
C LEU B 214 4.33 -21.93 -8.08
N LYS B 215 5.33 -22.11 -7.20
CA LYS B 215 5.14 -22.86 -5.97
C LYS B 215 4.11 -22.16 -5.06
N TRP B 216 4.19 -20.85 -4.98
CA TRP B 216 3.25 -20.08 -4.20
C TRP B 216 1.81 -20.29 -4.67
N ASN B 217 1.58 -20.26 -5.98
CA ASN B 217 0.25 -20.55 -6.54
C ASN B 217 -0.15 -21.99 -6.26
N GLU B 218 0.81 -22.90 -6.44
CA GLU B 218 0.58 -24.32 -6.22
C GLU B 218 0.09 -24.63 -4.81
N TYR B 219 0.68 -24.00 -3.79
CA TYR B 219 0.25 -24.22 -2.43
C TYR B 219 -0.91 -23.36 -1.97
N ASN B 220 -1.20 -22.23 -2.62
CA ASN B 220 -2.21 -21.32 -2.10
C ASN B 220 -3.46 -21.12 -2.99
N ALA B 221 -3.39 -21.44 -4.27
CA ALA B 221 -4.59 -21.37 -5.13
C ALA B 221 -5.63 -22.35 -4.57
N PRO B 222 -6.89 -21.96 -4.57
CA PRO B 222 -7.98 -22.82 -4.13
C PRO B 222 -7.86 -24.27 -4.67
N LEU B 223 -7.54 -24.43 -5.94
CA LEU B 223 -7.46 -25.77 -6.53
C LEU B 223 -6.14 -26.46 -6.26
N ARG B 224 -5.19 -25.77 -5.63
CA ARG B 224 -3.93 -26.40 -5.19
C ARG B 224 -3.12 -26.98 -6.34
N ARG B 225 -3.09 -26.24 -7.45
CA ARG B 225 -2.28 -26.58 -8.60
C ARG B 225 -2.26 -25.40 -9.53
N THR B 226 -1.23 -25.34 -10.36
CA THR B 226 -1.15 -24.32 -11.36
C THR B 226 -1.81 -24.84 -12.62
N VAL B 227 -2.16 -23.93 -13.50
CA VAL B 227 -3.00 -24.26 -14.66
C VAL B 227 -2.08 -24.62 -15.80
N THR B 228 -2.61 -25.29 -16.80
CA THR B 228 -1.83 -25.65 -17.97
C THR B 228 -2.34 -24.94 -19.20
N ILE B 229 -1.54 -24.97 -20.27
CA ILE B 229 -1.91 -24.37 -21.54
C ILE B 229 -3.15 -25.04 -22.14
N GLU B 230 -3.35 -26.33 -21.88
CA GLU B 230 -4.55 -27.01 -22.37
C GLU B 230 -5.80 -26.50 -21.65
N GLU B 231 -5.67 -26.21 -20.37
CA GLU B 231 -6.81 -25.66 -19.64
C GLU B 231 -7.15 -24.23 -20.07
N VAL B 232 -6.12 -23.40 -20.24
CA VAL B 232 -6.33 -22.04 -20.68
C VAL B 232 -6.91 -22.10 -22.10
N GLY B 233 -6.42 -23.07 -22.88
CA GLY B 233 -6.97 -23.40 -24.21
C GLY B 233 -8.48 -23.64 -24.24
N ASP B 234 -8.98 -24.47 -23.33
CA ASP B 234 -10.42 -24.74 -23.28
C ASP B 234 -11.21 -23.51 -22.88
N SER B 235 -10.66 -22.70 -21.97
CA SER B 235 -11.35 -21.48 -21.57
C SER B 235 -11.36 -20.50 -22.75
N ALA B 236 -10.29 -20.51 -23.53
CA ALA B 236 -10.23 -19.67 -24.71
C ALA B 236 -11.29 -20.11 -25.71
N LEU B 237 -11.41 -21.43 -25.90
CA LEU B 237 -12.38 -22.01 -26.80
C LEU B 237 -13.76 -21.46 -26.52
N TYR B 238 -14.14 -21.50 -25.25
CA TYR B 238 -15.42 -20.96 -24.82
C TYR B 238 -15.58 -19.50 -25.31
N LEU B 239 -14.61 -18.65 -24.96
CA LEU B 239 -14.72 -17.24 -25.29
C LEU B 239 -14.69 -16.95 -26.78
N LEU B 240 -14.04 -17.83 -27.54
CA LEU B 240 -13.98 -17.68 -28.97
C LEU B 240 -15.25 -18.22 -29.67
N SER B 241 -15.95 -19.14 -29.03
CA SER B 241 -17.10 -19.79 -29.66
C SER B 241 -18.41 -19.04 -29.39
N ASP B 242 -19.47 -19.54 -30.01
CA ASP B 242 -20.82 -19.06 -29.80
C ASP B 242 -21.38 -19.38 -28.43
N LEU B 243 -20.74 -20.29 -27.70
CA LEU B 243 -21.18 -20.52 -26.31
C LEU B 243 -21.16 -19.22 -25.48
N SER B 244 -20.27 -18.30 -25.81
CA SER B 244 -20.05 -17.07 -25.04
C SER B 244 -20.61 -15.85 -25.77
N ARG B 245 -21.60 -16.07 -26.64
CA ARG B 245 -22.10 -14.99 -27.52
C ARG B 245 -22.72 -13.82 -26.82
N SER B 246 -23.04 -13.94 -25.54
CA SER B 246 -23.52 -12.78 -24.80
C SER B 246 -22.47 -12.20 -23.81
N VAL B 247 -21.20 -12.59 -23.95
CA VAL B 247 -20.14 -12.19 -23.04
C VAL B 247 -19.14 -11.25 -23.75
N THR B 248 -19.04 -10.03 -23.26
CA THR B 248 -18.05 -9.08 -23.83
C THR B 248 -17.57 -8.16 -22.74
N GLY B 249 -16.37 -7.65 -22.90
CA GLY B 249 -15.77 -6.76 -21.90
C GLY B 249 -15.33 -7.50 -20.65
N GLU B 250 -15.16 -8.83 -20.73
CA GLU B 250 -14.96 -9.63 -19.53
C GLU B 250 -13.47 -9.94 -19.33
N VAL B 251 -13.01 -9.83 -18.10
CA VAL B 251 -11.72 -10.33 -17.70
C VAL B 251 -11.98 -11.65 -16.96
N HIS B 252 -11.67 -12.77 -17.60
CA HIS B 252 -12.02 -14.10 -17.11
C HIS B 252 -10.83 -14.78 -16.46
N HIS B 253 -10.91 -15.09 -15.17
CA HIS B 253 -9.78 -15.71 -14.44
C HIS B 253 -9.69 -17.18 -14.66
N VAL B 254 -8.58 -17.63 -15.22
CA VAL B 254 -8.29 -19.05 -15.41
C VAL B 254 -6.96 -19.34 -14.68
N ASP B 255 -7.08 -19.47 -13.37
CA ASP B 255 -5.92 -19.40 -12.48
C ASP B 255 -6.11 -20.25 -11.23
N SER B 256 -6.94 -21.28 -11.30
CA SER B 256 -7.20 -22.16 -10.16
C SER B 256 -7.81 -21.41 -8.97
N GLY B 257 -8.41 -20.25 -9.27
CA GLY B 257 -9.02 -19.39 -8.27
C GLY B 257 -8.05 -18.53 -7.44
N TYR B 258 -6.79 -18.47 -7.83
CA TYR B 258 -5.82 -17.70 -7.03
C TYR B 258 -6.27 -16.27 -6.73
N ASN B 259 -6.86 -15.61 -7.70
CA ASN B 259 -7.24 -14.20 -7.57
C ASN B 259 -8.17 -13.88 -6.43
N ILE B 260 -8.85 -14.88 -5.90
CA ILE B 260 -9.80 -14.61 -4.82
C ILE B 260 -9.22 -14.65 -3.44
N ILE B 261 -7.96 -15.09 -3.26
CA ILE B 261 -7.43 -15.23 -1.90
C ILE B 261 -6.85 -13.90 -1.41
N GLY B 262 -7.03 -13.62 -0.13
CA GLY B 262 -6.58 -12.42 0.47
C GLY B 262 -5.36 -12.60 1.40
N LYS B 264 -2.00 -15.83 2.55
CA LYS B 264 -1.52 -17.22 2.59
C LYS B 264 -2.59 -18.14 3.19
N ALA B 265 -2.80 -19.32 2.60
CA ALA B 265 -3.78 -20.31 3.08
C ALA B 265 -3.47 -20.87 4.49
N GLY C 8 -25.46 -33.90 -29.70
CA GLY C 8 -24.89 -32.53 -29.75
C GLY C 8 -23.44 -32.54 -29.32
N ASN C 9 -23.01 -31.48 -28.63
CA ASN C 9 -21.59 -31.27 -28.28
C ASN C 9 -20.95 -32.30 -27.34
N GLY C 10 -21.76 -33.09 -26.62
CA GLY C 10 -21.28 -34.10 -25.65
C GLY C 10 -20.49 -33.59 -24.45
N LEU C 11 -20.54 -32.29 -24.18
CA LEU C 11 -19.73 -31.70 -23.10
C LEU C 11 -20.07 -32.21 -21.69
N LEU C 12 -21.28 -32.73 -21.50
CA LEU C 12 -21.67 -33.31 -20.23
C LEU C 12 -22.03 -34.78 -20.38
N TYR C 13 -21.40 -35.47 -21.34
CA TYR C 13 -21.61 -36.89 -21.49
C TYR C 13 -21.28 -37.63 -20.21
N GLY C 14 -22.19 -38.47 -19.76
CA GLY C 14 -21.98 -39.28 -18.58
C GLY C 14 -22.10 -38.53 -17.27
N LYS C 15 -22.43 -37.23 -17.31
CA LYS C 15 -22.49 -36.45 -16.09
C LYS C 15 -23.88 -36.43 -15.51
N ARG C 16 -23.92 -36.30 -14.19
CA ARG C 16 -25.16 -36.29 -13.45
C ARG C 16 -25.22 -35.07 -12.57
N GLY C 17 -26.33 -34.34 -12.67
CA GLY C 17 -26.45 -33.08 -11.99
C GLY C 17 -27.81 -32.79 -11.41
N LEU C 18 -27.81 -31.94 -10.38
CA LEU C 18 -29.01 -31.57 -9.67
C LEU C 18 -29.28 -30.11 -9.88
N ILE C 19 -30.49 -29.79 -10.29
CA ILE C 19 -30.89 -28.42 -10.52
C ILE C 19 -32.02 -28.08 -9.57
N LEU C 20 -31.77 -27.08 -8.72
CA LEU C 20 -32.77 -26.54 -7.81
C LEU C 20 -33.24 -25.20 -8.32
N GLY C 21 -34.57 -25.04 -8.40
CA GLY C 21 -35.16 -23.77 -8.80
C GLY C 21 -35.93 -23.78 -10.10
N LEU C 22 -36.09 -24.94 -10.74
CA LEU C 22 -36.89 -25.00 -11.96
C LEU C 22 -38.36 -24.82 -11.57
N ALA C 23 -38.92 -23.67 -11.89
CA ALA C 23 -40.31 -23.36 -11.54
C ALA C 23 -41.21 -23.35 -12.79
N ASN C 24 -40.63 -23.08 -13.96
CA ASN C 24 -41.35 -22.92 -15.20
C ASN C 24 -40.42 -22.91 -16.38
N ASN C 25 -40.96 -22.83 -17.60
CA ASN C 25 -40.17 -22.91 -18.83
C ASN C 25 -39.65 -21.56 -19.32
N ARG C 26 -39.73 -20.55 -18.47
CA ARG C 26 -39.26 -19.22 -18.85
C ARG C 26 -38.00 -18.80 -18.04
N SER C 27 -37.54 -19.64 -17.13
CA SER C 27 -36.48 -19.28 -16.20
C SER C 27 -35.08 -19.65 -16.70
N ILE C 28 -34.08 -19.04 -16.11
CA ILE C 28 -32.70 -19.39 -16.39
C ILE C 28 -32.46 -20.89 -16.10
N ALA C 29 -32.98 -21.37 -14.98
CA ALA C 29 -32.93 -22.80 -14.65
C ALA C 29 -33.35 -23.70 -15.82
N TRP C 30 -34.38 -23.29 -16.55
CA TRP C 30 -34.83 -24.07 -17.68
C TRP C 30 -33.87 -24.00 -18.80
N GLY C 31 -33.33 -22.82 -19.08
CA GLY C 31 -32.29 -22.66 -20.10
C GLY C 31 -31.11 -23.58 -19.79
N ILE C 32 -30.72 -23.64 -18.53
CA ILE C 32 -29.60 -24.47 -18.11
C ILE C 32 -29.94 -25.95 -18.28
N ALA C 33 -31.12 -26.36 -17.82
CA ALA C 33 -31.59 -27.75 -18.01
C ALA C 33 -31.59 -28.19 -19.48
N LYS C 34 -32.11 -27.35 -20.35
CA LYS C 34 -32.25 -27.67 -21.76
C LYS C 34 -30.86 -27.86 -22.36
N THR C 35 -29.95 -26.92 -22.11
CA THR C 35 -28.60 -27.04 -22.66
C THR C 35 -27.81 -28.22 -22.04
N ALA C 36 -27.92 -28.38 -20.74
CA ALA C 36 -27.16 -29.41 -20.07
C ALA C 36 -27.62 -30.80 -20.58
N SER C 37 -28.94 -30.95 -20.69
CA SER C 37 -29.51 -32.19 -21.16
C SER C 37 -29.04 -32.53 -22.59
N SER C 38 -29.12 -31.54 -23.45
CA SER C 38 -28.67 -31.71 -24.84
C SER C 38 -27.18 -32.04 -24.92
N ALA C 39 -26.42 -31.57 -23.94
CA ALA C 39 -25.00 -31.83 -23.88
C ALA C 39 -24.66 -33.21 -23.27
N GLY C 40 -25.69 -33.97 -22.89
CA GLY C 40 -25.52 -35.34 -22.41
C GLY C 40 -25.84 -35.57 -20.93
N ALA C 41 -26.18 -34.53 -20.19
CA ALA C 41 -26.39 -34.65 -18.76
C ALA C 41 -27.69 -35.38 -18.42
N GLU C 42 -27.67 -36.21 -17.39
CA GLU C 42 -28.89 -36.67 -16.76
C GLU C 42 -29.13 -35.74 -15.58
N LEU C 43 -30.35 -35.24 -15.46
CA LEU C 43 -30.65 -34.20 -14.52
C LEU C 43 -31.68 -34.64 -13.47
N ALA C 44 -31.49 -34.22 -12.23
CA ALA C 44 -32.48 -34.37 -11.17
C ALA C 44 -33.05 -32.99 -10.86
N PHE C 45 -34.33 -32.94 -10.51
CA PHE C 45 -34.99 -31.67 -10.20
C PHE C 45 -35.78 -31.75 -8.92
N THR C 46 -35.66 -30.71 -8.09
CA THR C 46 -36.51 -30.56 -6.93
C THR C 46 -37.68 -29.64 -7.29
N TYR C 47 -38.63 -29.50 -6.35
CA TYR C 47 -39.71 -28.53 -6.41
C TYR C 47 -40.11 -28.13 -5.00
N GLN C 48 -40.80 -27.01 -4.88
CA GLN C 48 -41.42 -26.62 -3.63
C GLN C 48 -42.93 -26.49 -3.81
N GLY C 49 -43.69 -27.42 -3.23
CA GLY C 49 -45.16 -27.35 -3.23
C GLY C 49 -45.78 -28.03 -4.44
N GLU C 50 -47.01 -28.51 -4.25
CA GLU C 50 -47.72 -29.32 -5.25
C GLU C 50 -47.96 -28.57 -6.57
N ALA C 51 -48.28 -27.28 -6.50
CA ALA C 51 -48.50 -26.49 -7.74
C ALA C 51 -47.26 -26.51 -8.63
N LYS C 53 -44.80 -28.76 -8.48
CA LYS C 53 -44.58 -30.15 -8.90
C LYS C 53 -45.24 -30.42 -10.27
N LYS C 54 -46.49 -29.99 -10.40
CA LYS C 54 -47.25 -30.23 -11.63
C LYS C 54 -46.62 -29.51 -12.80
N ARG C 55 -46.07 -28.32 -12.57
CA ARG C 55 -45.35 -27.60 -13.64
C ARG C 55 -43.99 -28.23 -13.98
N VAL C 56 -43.31 -28.79 -12.98
CA VAL C 56 -41.92 -29.30 -13.15
C VAL C 56 -41.85 -30.69 -13.74
N GLU C 57 -42.83 -31.53 -13.44
CA GLU C 57 -42.88 -32.90 -13.95
C GLU C 57 -42.74 -32.99 -15.47
N PRO C 58 -43.56 -32.24 -16.22
CA PRO C 58 -43.41 -32.35 -17.69
C PRO C 58 -42.11 -31.78 -18.18
N LEU C 59 -41.61 -30.75 -17.53
CA LEU C 59 -40.33 -30.15 -17.95
C LEU C 59 -39.23 -31.17 -17.75
N ALA C 60 -39.23 -31.81 -16.59
CA ALA C 60 -38.26 -32.89 -16.35
C ALA C 60 -38.38 -34.02 -17.38
N GLU C 61 -39.62 -34.39 -17.76
CA GLU C 61 -39.83 -35.47 -18.74
C GLU C 61 -39.28 -35.08 -20.10
N GLU C 62 -39.56 -33.84 -20.49
CA GLU C 62 -39.12 -33.28 -21.77
C GLU C 62 -37.55 -33.40 -21.93
N VAL C 63 -36.83 -33.34 -20.80
CA VAL C 63 -35.37 -33.37 -20.79
C VAL C 63 -34.79 -34.75 -20.37
N LYS C 64 -35.68 -35.73 -20.27
CA LYS C 64 -35.32 -37.10 -19.87
C LYS C 64 -34.66 -37.15 -18.48
N GLY C 65 -35.05 -36.21 -17.62
CA GLY C 65 -34.51 -36.13 -16.27
C GLY C 65 -35.52 -36.71 -15.32
N PHE C 66 -35.31 -36.54 -14.03
CA PHE C 66 -36.27 -37.06 -13.08
C PHE C 66 -36.44 -36.15 -11.87
N VAL C 67 -37.63 -36.25 -11.29
CA VAL C 67 -38.03 -35.39 -10.19
C VAL C 67 -37.65 -36.08 -8.91
N CYS C 68 -36.72 -35.52 -8.15
CA CYS C 68 -36.21 -36.18 -6.95
C CYS C 68 -36.88 -35.77 -5.63
N GLY C 69 -37.82 -34.82 -5.66
CA GLY C 69 -38.65 -34.56 -4.50
C GLY C 69 -38.86 -33.12 -4.08
N HIS C 70 -39.69 -32.94 -3.06
CA HIS C 70 -39.96 -31.64 -2.48
C HIS C 70 -38.76 -31.16 -1.73
N CYS C 71 -38.39 -29.91 -1.95
CA CYS C 71 -37.30 -29.28 -1.19
C CYS C 71 -37.66 -27.86 -0.79
N ASP C 72 -37.69 -27.63 0.51
CA ASP C 72 -37.75 -26.29 1.07
C ASP C 72 -36.36 -26.06 1.64
N VAL C 73 -35.64 -25.11 1.06
CA VAL C 73 -34.24 -24.87 1.42
C VAL C 73 -34.10 -24.30 2.82
N SER C 74 -35.17 -23.76 3.37
CA SER C 74 -35.19 -23.33 4.75
C SER C 74 -35.36 -24.55 5.73
N ASP C 75 -35.69 -25.73 5.19
CA ASP C 75 -35.94 -26.93 6.02
C ASP C 75 -34.81 -27.97 5.83
N SER C 76 -33.96 -28.03 6.84
CA SER C 76 -32.78 -28.88 6.85
C SER C 76 -33.07 -30.37 6.52
N ALA C 77 -34.10 -30.94 7.15
CA ALA C 77 -34.51 -32.31 6.90
C ALA C 77 -35.00 -32.53 5.45
N SER C 78 -35.71 -31.53 4.93
CA SER C 78 -36.13 -31.53 3.52
C SER C 78 -34.91 -31.66 2.58
N ILE C 79 -33.85 -30.89 2.85
CA ILE C 79 -32.62 -30.96 2.06
C ILE C 79 -31.94 -32.32 2.21
N ASP C 80 -31.88 -32.85 3.43
CA ASP C 80 -31.32 -34.18 3.63
C ASP C 80 -32.07 -35.25 2.82
N ALA C 81 -33.39 -35.17 2.79
CA ALA C 81 -34.18 -36.21 2.11
C ALA C 81 -33.86 -36.23 0.60
N VAL C 82 -33.81 -35.05 0.00
CA VAL C 82 -33.43 -34.91 -1.40
C VAL C 82 -32.07 -35.54 -1.68
N PHE C 83 -31.08 -35.24 -0.87
CA PHE C 83 -29.74 -35.77 -1.15
C PHE C 83 -29.64 -37.25 -0.88
N ASN C 84 -30.41 -37.73 0.10
CA ASN C 84 -30.52 -39.17 0.31
C ASN C 84 -31.05 -39.85 -0.93
N THR C 85 -32.11 -39.30 -1.52
CA THR C 85 -32.69 -39.86 -2.75
C THR C 85 -31.65 -39.92 -3.87
N ILE C 86 -30.81 -38.88 -3.96
CA ILE C 86 -29.83 -38.81 -5.03
C ILE C 86 -28.73 -39.79 -4.77
N GLU C 87 -28.32 -39.90 -3.52
CA GLU C 87 -27.32 -40.87 -3.17
C GLU C 87 -27.78 -42.30 -3.51
N LYS C 88 -29.03 -42.62 -3.22
CA LYS C 88 -29.56 -43.96 -3.49
C LYS C 88 -29.55 -44.22 -4.98
N LYS C 89 -30.01 -43.24 -5.76
CA LYS C 89 -30.14 -43.48 -7.20
C LYS C 89 -28.81 -43.47 -7.93
N TRP C 90 -27.90 -42.58 -7.54
CA TRP C 90 -26.68 -42.33 -8.32
C TRP C 90 -25.39 -42.59 -7.60
N GLY C 91 -25.36 -42.42 -6.28
CA GLY C 91 -24.15 -42.64 -5.50
C GLY C 91 -23.09 -41.54 -5.60
N LYS C 92 -23.20 -40.66 -6.60
CA LYS C 92 -22.19 -39.62 -6.93
C LYS C 92 -22.91 -38.48 -7.65
N LEU C 93 -22.37 -37.28 -7.56
CA LEU C 93 -22.99 -36.12 -8.18
C LEU C 93 -21.87 -35.35 -8.83
N ASP C 94 -22.09 -34.96 -10.07
CA ASP C 94 -21.06 -34.23 -10.84
C ASP C 94 -21.23 -32.72 -10.78
N PHE C 95 -22.47 -32.24 -10.69
CA PHE C 95 -22.69 -30.81 -10.54
C PHE C 95 -24.02 -30.46 -9.92
N LEU C 96 -24.15 -29.20 -9.53
CA LEU C 96 -25.29 -28.70 -8.82
C LEU C 96 -25.53 -27.27 -9.25
N VAL C 97 -26.78 -26.98 -9.59
CA VAL C 97 -27.16 -25.65 -10.02
C VAL C 97 -28.13 -25.08 -9.01
N HIS C 98 -27.78 -23.93 -8.48
CA HIS C 98 -28.54 -23.23 -7.48
C HIS C 98 -29.17 -22.04 -8.10
N ALA C 99 -30.42 -22.17 -8.50
CA ALA C 99 -31.19 -21.10 -9.13
C ALA C 99 -32.34 -20.68 -8.20
N ILE C 100 -32.02 -20.45 -6.95
CA ILE C 100 -32.97 -20.14 -5.89
C ILE C 100 -32.72 -18.75 -5.34
N GLY C 101 -33.77 -17.99 -5.14
CA GLY C 101 -33.68 -16.66 -4.58
C GLY C 101 -35.07 -16.12 -4.31
N PHE C 102 -35.22 -15.39 -3.20
CA PHE C 102 -36.47 -14.77 -2.84
C PHE C 102 -36.26 -13.46 -2.12
N SER C 103 -37.14 -12.51 -2.39
CA SER C 103 -37.25 -11.28 -1.62
C SER C 103 -38.66 -10.72 -1.77
N ASP C 104 -39.13 -9.96 -0.78
CA ASP C 104 -40.47 -9.42 -0.81
C ASP C 104 -40.68 -8.47 -2.00
N LYS C 105 -41.56 -8.87 -2.93
CA LYS C 105 -41.88 -8.12 -4.15
C LYS C 105 -42.25 -6.64 -3.86
N GLU C 106 -43.12 -6.43 -2.86
CA GLU C 106 -43.56 -5.07 -2.50
C GLU C 106 -42.37 -4.19 -2.05
N GLU C 107 -41.51 -4.71 -1.17
CA GLU C 107 -40.37 -3.92 -0.66
C GLU C 107 -39.26 -3.63 -1.70
N LEU C 108 -39.28 -4.30 -2.84
CA LEU C 108 -38.33 -4.00 -3.90
C LEU C 108 -38.57 -2.60 -4.47
N SER C 109 -39.81 -2.20 -4.61
CA SER C 109 -40.10 -0.88 -5.17
C SER C 109 -39.68 0.28 -4.26
N GLY C 110 -39.50 0.00 -2.98
CA GLY C 110 -39.22 1.07 -2.03
C GLY C 110 -37.77 1.53 -2.01
N ARG C 111 -37.46 2.32 -1.00
CA ARG C 111 -36.10 2.68 -0.65
C ARG C 111 -35.51 1.52 0.11
N TYR C 112 -34.23 1.26 -0.10
CA TYR C 112 -33.56 0.20 0.64
C TYR C 112 -33.67 0.43 2.15
N VAL C 113 -33.51 1.67 2.58
CA VAL C 113 -33.59 1.99 4.01
C VAL C 113 -34.94 1.68 4.67
N ASP C 114 -36.00 1.52 3.89
CA ASP C 114 -37.33 1.19 4.45
C ASP C 114 -37.61 -0.32 4.53
N ILE C 115 -36.63 -1.18 4.26
CA ILE C 115 -36.90 -2.61 4.32
C ILE C 115 -37.11 -3.11 5.75
N SER C 116 -37.90 -4.16 5.88
CA SER C 116 -38.19 -4.71 7.21
C SER C 116 -37.15 -5.76 7.57
N GLU C 117 -36.94 -5.93 8.85
CA GLU C 117 -36.04 -6.93 9.36
C GLU C 117 -36.44 -8.32 8.85
N SER C 118 -37.73 -8.56 8.81
CA SER C 118 -38.24 -9.85 8.39
C SER C 118 -37.92 -10.13 6.94
N ASN C 119 -38.13 -9.17 6.07
CA ASN C 119 -37.76 -9.35 4.67
C ASN C 119 -36.24 -9.56 4.49
N PHE C 120 -35.45 -8.77 5.21
CA PHE C 120 -34.00 -8.90 5.16
C PHE C 120 -33.59 -10.32 5.53
N THR C 123 -34.69 -12.99 3.04
CA THR C 123 -33.92 -12.84 1.79
C THR C 123 -32.54 -13.46 1.96
N ASN C 125 -31.63 -15.75 4.09
CA ASN C 125 -31.71 -17.18 4.30
C ASN C 125 -31.95 -17.94 3.00
N ILE C 126 -33.00 -17.55 2.29
CA ILE C 126 -33.40 -18.25 1.08
C ILE C 126 -32.42 -18.00 -0.06
N SER C 127 -31.96 -16.76 -0.22
CA SER C 127 -31.09 -16.38 -1.36
C SER C 127 -29.59 -16.62 -1.15
N VAL C 128 -29.13 -16.68 0.11
CA VAL C 128 -27.70 -16.79 0.38
C VAL C 128 -27.37 -18.07 1.12
N TYR C 129 -27.89 -18.22 2.34
CA TYR C 129 -27.55 -19.36 3.17
C TYR C 129 -27.84 -20.71 2.51
N SER C 130 -28.90 -20.75 1.71
CA SER C 130 -29.28 -21.95 1.01
C SER C 130 -28.17 -22.57 0.17
N LEU C 131 -27.34 -21.73 -0.46
CA LEU C 131 -26.23 -22.25 -1.26
C LEU C 131 -25.24 -22.96 -0.35
N THR C 132 -24.94 -22.38 0.78
CA THR C 132 -24.05 -23.01 1.72
C THR C 132 -24.65 -24.31 2.26
N ALA C 133 -25.93 -24.28 2.59
CA ALA C 133 -26.58 -25.50 3.08
C ALA C 133 -26.53 -26.61 2.01
N LEU C 134 -26.86 -26.26 0.78
CA LEU C 134 -26.89 -27.27 -0.27
C LEU C 134 -25.49 -27.83 -0.52
N THR C 135 -24.50 -26.95 -0.49
CA THR C 135 -23.13 -27.33 -0.74
C THR C 135 -22.60 -28.25 0.36
N LYS C 136 -22.93 -27.96 1.62
CA LYS C 136 -22.52 -28.85 2.72
C LYS C 136 -22.97 -30.28 2.41
N ARG C 137 -24.23 -30.47 2.04
CA ARG C 137 -24.72 -31.85 1.72
C ARG C 137 -24.11 -32.38 0.46
N ALA C 138 -23.94 -31.54 -0.54
CA ALA C 138 -23.43 -32.00 -1.84
C ALA C 138 -21.96 -32.47 -1.78
N GLU C 139 -21.21 -31.94 -0.83
CA GLU C 139 -19.78 -32.21 -0.74
C GLU C 139 -19.47 -33.70 -0.65
N LYS C 140 -20.21 -34.40 0.19
CA LYS C 140 -19.99 -35.83 0.39
C LYS C 140 -20.21 -36.63 -0.90
N LEU C 141 -21.12 -36.17 -1.75
CA LEU C 141 -21.45 -36.87 -3.00
C LEU C 141 -20.51 -36.52 -4.16
N SER C 143 -17.00 -36.52 -4.09
CA SER C 143 -15.62 -36.92 -3.71
C SER C 143 -14.67 -36.88 -4.92
N ASP C 144 -15.18 -37.31 -6.08
CA ASP C 144 -14.47 -37.24 -7.36
C ASP C 144 -14.15 -35.81 -7.89
N GLY C 145 -14.83 -34.78 -7.38
CA GLY C 145 -14.73 -33.44 -7.91
C GLY C 145 -16.08 -33.05 -8.49
N GLY C 146 -16.27 -31.79 -8.80
CA GLY C 146 -17.50 -31.37 -9.40
C GLY C 146 -17.59 -29.89 -9.60
N SER C 147 -18.78 -29.42 -9.95
CA SER C 147 -18.98 -28.02 -10.24
C SER C 147 -20.28 -27.57 -9.60
N ILE C 148 -20.25 -26.45 -8.88
CA ILE C 148 -21.41 -25.86 -8.26
C ILE C 148 -21.58 -24.46 -8.84
N LEU C 149 -22.77 -24.17 -9.34
CA LEU C 149 -23.06 -22.92 -10.01
C LEU C 149 -24.25 -22.25 -9.35
N THR C 150 -24.15 -20.95 -9.09
CA THR C 150 -25.28 -20.15 -8.66
C THR C 150 -25.47 -18.96 -9.55
N LEU C 151 -26.53 -18.22 -9.32
CA LEU C 151 -26.87 -17.05 -10.16
C LEU C 151 -26.84 -15.75 -9.35
N THR C 152 -26.32 -14.70 -9.96
CA THR C 152 -26.27 -13.40 -9.31
C THR C 152 -26.60 -12.33 -10.31
N TYR C 153 -26.43 -11.07 -9.93
CA TYR C 153 -26.85 -9.94 -10.77
C TYR C 153 -26.02 -8.71 -10.40
N TYR C 154 -25.84 -7.82 -11.34
CA TYR C 154 -24.99 -6.63 -11.22
C TYR C 154 -25.34 -5.76 -10.03
N GLY C 155 -26.58 -5.83 -9.61
CA GLY C 155 -27.03 -5.15 -8.38
C GLY C 155 -26.25 -5.52 -7.14
N ALA C 156 -25.49 -6.63 -7.19
CA ALA C 156 -24.49 -6.95 -6.14
C ALA C 156 -23.29 -6.01 -6.13
N GLU C 157 -22.95 -5.41 -7.28
CA GLU C 157 -21.73 -4.59 -7.43
C GLU C 157 -22.03 -3.09 -7.44
N LYS C 158 -23.13 -2.69 -8.06
CA LYS C 158 -23.49 -1.28 -8.16
C LYS C 158 -24.96 -1.14 -7.78
N VAL C 159 -25.35 0.06 -7.39
CA VAL C 159 -26.73 0.31 -7.02
C VAL C 159 -27.66 0.38 -8.24
N VAL C 160 -28.62 -0.53 -8.27
CA VAL C 160 -29.62 -0.59 -9.29
C VAL C 160 -30.98 -0.36 -8.65
N PRO C 161 -31.81 0.50 -9.24
CA PRO C 161 -33.14 0.83 -8.71
C PRO C 161 -33.98 -0.40 -8.48
N ASN C 162 -34.68 -0.42 -7.34
CA ASN C 162 -35.67 -1.46 -7.07
C ASN C 162 -35.08 -2.89 -6.98
N TYR C 163 -33.83 -2.96 -6.58
CA TYR C 163 -33.22 -4.25 -6.30
C TYR C 163 -32.90 -4.35 -4.81
N ASN C 164 -32.58 -3.21 -4.20
CA ASN C 164 -32.53 -3.03 -2.77
C ASN C 164 -31.89 -4.19 -2.01
N VAL C 165 -32.66 -4.91 -1.21
CA VAL C 165 -32.07 -5.91 -0.33
C VAL C 165 -31.53 -7.08 -1.12
N GLY C 167 -29.89 -6.81 -3.78
CA GLY C 167 -28.51 -6.44 -4.11
C GLY C 167 -27.53 -6.74 -2.96
N VAL C 168 -27.98 -6.44 -1.75
CA VAL C 168 -27.19 -6.69 -0.56
C VAL C 168 -27.02 -8.19 -0.41
N ALA C 169 -28.09 -8.94 -0.65
CA ALA C 169 -28.02 -10.40 -0.59
C ALA C 169 -27.09 -10.99 -1.64
N LYS C 170 -27.22 -10.52 -2.89
CA LYS C 170 -26.36 -11.05 -3.94
C LYS C 170 -24.88 -10.71 -3.68
N ALA C 171 -24.58 -9.60 -3.04
CA ALA C 171 -23.19 -9.29 -2.67
C ALA C 171 -22.69 -10.35 -1.66
N ALA C 172 -23.53 -10.73 -0.74
CA ALA C 172 -23.25 -11.78 0.24
C ALA C 172 -23.07 -13.12 -0.46
N LEU C 173 -23.91 -13.40 -1.45
CA LEU C 173 -23.82 -14.63 -2.20
C LEU C 173 -22.48 -14.74 -2.92
N GLU C 174 -22.10 -13.68 -3.62
CA GLU C 174 -20.87 -13.64 -4.38
C GLU C 174 -19.67 -13.86 -3.46
N ALA C 175 -19.68 -13.24 -2.29
CA ALA C 175 -18.63 -13.47 -1.34
C ALA C 175 -18.64 -14.93 -0.84
N SER C 176 -19.82 -15.52 -0.66
CA SER C 176 -19.88 -16.88 -0.16
C SER C 176 -19.35 -17.86 -1.21
N VAL C 177 -19.58 -17.55 -2.49
CA VAL C 177 -19.03 -18.36 -3.59
C VAL C 177 -17.50 -18.45 -3.47
N LYS C 178 -16.87 -17.35 -3.10
CA LYS C 178 -15.44 -17.35 -2.95
C LYS C 178 -14.96 -18.14 -1.73
N TYR C 179 -15.60 -17.95 -0.59
CA TYR C 179 -15.24 -18.71 0.60
C TYR C 179 -15.49 -20.19 0.37
N LEU C 180 -16.62 -20.54 -0.24
CA LEU C 180 -16.86 -21.95 -0.55
C LEU C 180 -15.83 -22.50 -1.52
N ALA C 181 -15.43 -21.69 -2.50
CA ALA C 181 -14.45 -22.10 -3.48
C ALA C 181 -13.09 -22.44 -2.83
N VAL C 182 -12.70 -21.67 -1.82
CA VAL C 182 -11.49 -21.96 -1.07
C VAL C 182 -11.66 -23.25 -0.25
N ASP C 183 -12.81 -23.45 0.39
CA ASP C 183 -13.01 -24.66 1.21
C ASP C 183 -12.96 -25.93 0.40
N LEU C 184 -13.63 -25.92 -0.73
CA LEU C 184 -13.81 -27.12 -1.54
C LEU C 184 -12.78 -27.28 -2.67
N GLY C 185 -11.98 -26.25 -2.91
CA GLY C 185 -10.97 -26.31 -3.97
C GLY C 185 -10.01 -27.47 -3.89
N PRO C 186 -9.50 -27.77 -2.69
CA PRO C 186 -8.60 -28.90 -2.61
C PRO C 186 -9.21 -30.26 -3.01
N LYS C 187 -10.53 -30.41 -2.90
CA LYS C 187 -11.22 -31.62 -3.37
C LYS C 187 -11.65 -31.46 -4.82
N HIS C 188 -11.16 -30.41 -5.46
CA HIS C 188 -11.49 -30.09 -6.83
C HIS C 188 -12.95 -29.93 -7.12
N ILE C 189 -13.69 -29.41 -6.15
CA ILE C 189 -15.02 -28.94 -6.40
C ILE C 189 -14.95 -27.45 -6.66
N ARG C 190 -15.43 -27.03 -7.82
CA ARG C 190 -15.40 -25.64 -8.21
C ARG C 190 -16.71 -24.98 -7.86
N VAL C 191 -16.67 -23.70 -7.53
CA VAL C 191 -17.86 -22.96 -7.14
C VAL C 191 -17.81 -21.59 -7.79
N ASN C 192 -18.80 -21.32 -8.63
CA ASN C 192 -18.83 -20.15 -9.47
C ASN C 192 -20.26 -19.58 -9.56
N ALA C 193 -20.36 -18.36 -10.03
CA ALA C 193 -21.64 -17.73 -10.23
C ALA C 193 -21.70 -17.12 -11.63
N ILE C 194 -22.90 -17.13 -12.24
CA ILE C 194 -23.16 -16.32 -13.43
C ILE C 194 -23.92 -15.07 -13.01
N SER C 195 -23.40 -13.92 -13.37
CA SER C 195 -24.10 -12.65 -13.17
C SER C 195 -24.89 -12.36 -14.46
N ALA C 196 -26.15 -12.71 -14.45
CA ALA C 196 -26.97 -12.66 -15.67
C ALA C 196 -27.55 -11.30 -15.85
N GLY C 197 -27.64 -10.84 -17.08
CA GLY C 197 -28.36 -9.66 -17.36
C GLY C 197 -29.83 -9.99 -17.26
N PRO C 198 -30.68 -8.97 -17.26
CA PRO C 198 -32.10 -9.25 -17.10
C PRO C 198 -32.63 -9.86 -18.38
N ILE C 199 -33.65 -10.69 -18.27
CA ILE C 199 -34.16 -11.45 -19.43
C ILE C 199 -35.63 -11.12 -19.72
N LYS C 200 -35.97 -10.89 -20.99
CA LYS C 200 -37.38 -10.66 -21.43
C LYS C 200 -38.19 -11.97 -21.41
N THR C 201 -39.38 -11.96 -20.79
CA THR C 201 -40.15 -13.19 -20.59
C THR C 201 -41.67 -12.91 -20.60
N PHE C 210 -39.37 -3.50 -13.67
CA PHE C 210 -38.54 -4.50 -14.38
C PHE C 210 -38.47 -4.27 -15.89
N ARG C 211 -39.55 -3.74 -16.46
CA ARG C 211 -39.51 -3.35 -17.85
C ARG C 211 -38.45 -2.26 -18.07
N TYR C 212 -38.28 -1.41 -17.06
CA TYR C 212 -37.32 -0.34 -17.12
C TYR C 212 -35.89 -0.91 -17.18
N ILE C 213 -35.60 -1.89 -16.34
CA ILE C 213 -34.27 -2.51 -16.28
C ILE C 213 -33.95 -3.21 -17.59
N LEU C 214 -34.94 -3.86 -18.19
CA LEU C 214 -34.77 -4.46 -19.51
C LEU C 214 -34.41 -3.46 -20.58
N LYS C 215 -35.23 -2.41 -20.68
CA LYS C 215 -35.05 -1.44 -21.78
C LYS C 215 -33.70 -0.73 -21.62
N TRP C 216 -33.39 -0.42 -20.38
CA TRP C 216 -32.13 0.24 -20.08
C TRP C 216 -30.94 -0.57 -20.54
N ASN C 217 -30.96 -1.85 -20.28
CA ASN C 217 -29.95 -2.76 -20.80
C ASN C 217 -29.93 -2.86 -22.29
N GLU C 218 -31.12 -2.98 -22.85
CA GLU C 218 -31.27 -3.08 -24.28
C GLU C 218 -30.61 -1.93 -25.01
N TYR C 219 -30.82 -0.71 -24.53
CA TYR C 219 -30.23 0.48 -25.20
C TYR C 219 -28.81 0.79 -24.80
N ASN C 220 -28.34 0.29 -23.66
CA ASN C 220 -27.00 0.73 -23.17
C ASN C 220 -25.96 -0.36 -23.10
N ALA C 221 -26.36 -1.62 -23.09
CA ALA C 221 -25.39 -2.69 -23.09
C ALA C 221 -24.58 -2.62 -24.39
N PRO C 222 -23.26 -2.86 -24.29
CA PRO C 222 -22.41 -2.92 -25.47
C PRO C 222 -23.01 -3.67 -26.66
N LEU C 223 -23.61 -4.85 -26.43
CA LEU C 223 -24.17 -5.62 -27.52
C LEU C 223 -25.57 -5.17 -27.95
N ARG C 224 -26.15 -4.20 -27.24
CA ARG C 224 -27.43 -3.59 -27.64
C ARG C 224 -28.56 -4.61 -27.75
N ARG C 225 -28.56 -5.55 -26.83
CA ARG C 225 -29.66 -6.48 -26.67
C ARG C 225 -29.52 -7.13 -25.31
N THR C 226 -30.63 -7.64 -24.82
CA THR C 226 -30.59 -8.37 -23.58
C THR C 226 -30.34 -9.83 -23.90
N VAL C 227 -30.00 -10.60 -22.89
CA VAL C 227 -29.59 -11.98 -23.09
C VAL C 227 -30.81 -12.89 -22.94
N THR C 228 -30.70 -14.12 -23.41
CA THR C 228 -31.80 -15.08 -23.31
C THR C 228 -31.39 -16.22 -22.42
N ILE C 229 -32.38 -17.02 -22.02
CA ILE C 229 -32.12 -18.16 -21.16
C ILE C 229 -31.27 -19.18 -21.88
N GLU C 230 -31.36 -19.26 -23.19
CA GLU C 230 -30.53 -20.21 -23.94
C GLU C 230 -29.08 -19.79 -23.91
N GLU C 231 -28.84 -18.49 -23.94
CA GLU C 231 -27.48 -17.96 -23.88
C GLU C 231 -26.88 -18.18 -22.51
N VAL C 232 -27.65 -17.89 -21.46
CA VAL C 232 -27.16 -18.10 -20.13
C VAL C 232 -26.91 -19.58 -19.96
N GLY C 233 -27.80 -20.39 -20.52
CA GLY C 233 -27.65 -21.84 -20.57
C GLY C 233 -26.31 -22.32 -21.11
N ASP C 234 -25.87 -21.77 -22.24
CA ASP C 234 -24.58 -22.14 -22.83
C ASP C 234 -23.39 -21.68 -21.99
N SER C 235 -23.48 -20.50 -21.38
CA SER C 235 -22.47 -20.08 -20.43
C SER C 235 -22.42 -21.00 -19.18
N ALA C 236 -23.59 -21.44 -18.73
CA ALA C 236 -23.66 -22.37 -17.60
C ALA C 236 -23.01 -23.69 -17.99
N LEU C 237 -23.26 -24.14 -19.20
CA LEU C 237 -22.68 -25.39 -19.70
C LEU C 237 -21.16 -25.36 -19.57
N TYR C 238 -20.55 -24.27 -20.02
CA TYR C 238 -19.13 -24.07 -19.89
C TYR C 238 -18.67 -24.25 -18.46
N LEU C 239 -19.31 -23.54 -17.55
CA LEU C 239 -18.90 -23.61 -16.14
C LEU C 239 -19.13 -24.97 -15.51
N LEU C 240 -20.18 -25.67 -15.96
CA LEU C 240 -20.50 -26.99 -15.42
C LEU C 240 -19.59 -28.06 -16.01
N SER C 241 -19.02 -27.83 -17.19
CA SER C 241 -18.24 -28.84 -17.89
C SER C 241 -16.74 -28.76 -17.53
N ASP C 242 -15.98 -29.73 -18.02
CA ASP C 242 -14.54 -29.77 -17.88
C ASP C 242 -13.81 -28.66 -18.66
N LEU C 243 -14.50 -27.99 -19.59
CA LEU C 243 -13.87 -26.88 -20.27
C LEU C 243 -13.39 -25.82 -19.26
N SER C 244 -14.09 -25.73 -18.13
CA SER C 244 -13.81 -24.69 -17.13
C SER C 244 -13.11 -25.26 -15.87
N ARG C 245 -12.39 -26.37 -16.05
CA ARG C 245 -11.81 -27.08 -14.90
C ARG C 245 -10.76 -26.29 -14.10
N SER C 246 -10.23 -25.21 -14.61
CA SER C 246 -9.34 -24.39 -13.83
C SER C 246 -9.97 -23.07 -13.34
N VAL C 247 -11.31 -22.99 -13.39
CA VAL C 247 -12.05 -21.78 -13.01
C VAL C 247 -12.88 -22.03 -11.73
N THR C 248 -12.57 -21.28 -10.67
CA THR C 248 -13.36 -21.37 -9.45
C THR C 248 -13.36 -20.04 -8.76
N GLY C 249 -14.40 -19.77 -7.98
CA GLY C 249 -14.52 -18.48 -7.31
C GLY C 249 -14.88 -17.33 -8.23
N GLU C 250 -15.38 -17.65 -9.42
CA GLU C 250 -15.54 -16.64 -10.46
C GLU C 250 -16.98 -16.13 -10.51
N VAL C 251 -17.14 -14.82 -10.65
CA VAL C 251 -18.42 -14.24 -10.94
C VAL C 251 -18.37 -13.88 -12.40
N HIS C 252 -19.06 -14.65 -13.24
CA HIS C 252 -18.97 -14.55 -14.69
C HIS C 252 -20.12 -13.77 -15.30
N HIS C 253 -19.85 -12.65 -15.96
CA HIS C 253 -20.90 -11.80 -16.48
C HIS C 253 -21.41 -12.28 -17.78
N VAL C 254 -22.71 -12.60 -17.84
CA VAL C 254 -23.38 -12.97 -19.09
C VAL C 254 -24.54 -11.99 -19.27
N ASP C 255 -24.20 -10.82 -19.80
CA ASP C 255 -25.06 -9.64 -19.72
C ASP C 255 -24.86 -8.69 -20.87
N SER C 256 -24.37 -9.17 -22.01
CA SER C 256 -24.12 -8.32 -23.18
C SER C 256 -23.10 -7.21 -22.91
N GLY C 257 -22.31 -7.39 -21.85
CA GLY C 257 -21.32 -6.43 -21.41
C GLY C 257 -21.82 -5.25 -20.59
N TYR C 258 -23.08 -5.30 -20.17
CA TYR C 258 -23.65 -4.14 -19.45
C TYR C 258 -22.79 -3.71 -18.29
N ASN C 259 -22.24 -4.65 -17.55
CA ASN C 259 -21.51 -4.33 -16.32
C ASN C 259 -20.31 -3.39 -16.48
N ILE C 260 -19.81 -3.24 -17.69
CA ILE C 260 -18.62 -2.41 -17.90
C ILE C 260 -18.92 -0.95 -18.20
N ILE C 261 -20.18 -0.55 -18.37
CA ILE C 261 -20.47 0.82 -18.72
C ILE C 261 -20.57 1.70 -17.47
N GLY C 262 -20.09 2.94 -17.60
CA GLY C 262 -20.07 3.86 -16.50
C GLY C 262 -21.06 4.99 -16.61
N LYS C 264 -24.90 6.27 -19.16
CA LYS C 264 -25.76 6.15 -20.36
C LYS C 264 -24.91 6.32 -21.63
N ALA C 265 -25.17 5.48 -22.65
CA ALA C 265 -24.48 5.50 -23.95
C ALA C 265 -24.73 6.76 -24.78
N GLY D 10 -3.97 23.90 10.95
CA GLY D 10 -2.51 23.63 11.01
C GLY D 10 -2.12 22.22 10.55
N LEU D 11 -2.95 21.57 9.74
CA LEU D 11 -2.72 20.17 9.36
C LEU D 11 -1.43 19.98 8.54
N LEU D 12 -0.96 21.03 7.88
CA LEU D 12 0.31 20.96 7.15
C LEU D 12 1.34 21.94 7.71
N TYR D 13 1.28 22.21 9.01
CA TYR D 13 2.23 23.17 9.61
C TYR D 13 3.66 22.70 9.41
N GLY D 14 4.50 23.59 8.93
CA GLY D 14 5.89 23.27 8.68
C GLY D 14 6.18 22.42 7.47
N LYS D 15 5.17 22.07 6.71
CA LYS D 15 5.38 21.15 5.58
C LYS D 15 5.68 21.91 4.34
N ARG D 16 6.45 21.26 3.46
CA ARG D 16 6.84 21.82 2.19
C ARG D 16 6.51 20.86 1.06
N GLY D 17 5.80 21.38 0.06
CA GLY D 17 5.29 20.54 -1.01
C GLY D 17 5.36 21.15 -2.36
N LEU D 18 5.38 20.26 -3.36
CA LEU D 18 5.46 20.64 -4.76
C LEU D 18 4.16 20.24 -5.44
N ILE D 19 3.56 21.20 -6.11
CA ILE D 19 2.35 20.97 -6.86
C ILE D 19 2.62 21.20 -8.32
N LEU D 20 2.45 20.15 -9.13
CA LEU D 20 2.54 20.25 -10.59
C LEU D 20 1.16 20.25 -11.19
N GLY D 21 0.88 21.22 -12.03
CA GLY D 21 -0.39 21.26 -12.77
C GLY D 21 -1.27 22.46 -12.50
N LEU D 22 -0.80 23.41 -11.71
CA LEU D 22 -1.57 24.65 -11.52
C LEU D 22 -1.48 25.51 -12.80
N ALA D 23 -2.59 25.56 -13.54
CA ALA D 23 -2.67 26.27 -14.82
C ALA D 23 -3.56 27.50 -14.75
N ASN D 24 -4.47 27.51 -13.78
CA ASN D 24 -5.44 28.60 -13.64
C ASN D 24 -6.17 28.48 -12.31
N ASN D 25 -7.02 29.46 -12.01
CA ASN D 25 -7.73 29.49 -10.73
C ASN D 25 -9.04 28.71 -10.73
N ARG D 26 -9.23 27.84 -11.73
CA ARG D 26 -10.42 27.01 -11.85
C ARG D 26 -10.14 25.54 -11.70
N SER D 27 -8.88 25.18 -11.57
CA SER D 27 -8.48 23.76 -11.59
C SER D 27 -8.39 23.11 -10.21
N ILE D 28 -8.40 21.77 -10.21
CA ILE D 28 -8.24 21.05 -8.97
C ILE D 28 -6.95 21.47 -8.29
N ALA D 29 -5.86 21.57 -9.04
CA ALA D 29 -4.59 22.02 -8.46
C ALA D 29 -4.74 23.28 -7.64
N TRP D 30 -5.58 24.22 -8.08
CA TRP D 30 -5.77 25.44 -7.36
C TRP D 30 -6.50 25.20 -6.08
N GLY D 31 -7.52 24.36 -6.13
CA GLY D 31 -8.27 23.98 -4.94
C GLY D 31 -7.35 23.37 -3.89
N ILE D 32 -6.47 22.49 -4.35
CA ILE D 32 -5.51 21.85 -3.47
C ILE D 32 -4.52 22.88 -2.89
N ALA D 33 -3.99 23.78 -3.73
CA ALA D 33 -3.08 24.81 -3.28
C ALA D 33 -3.69 25.65 -2.19
N LYS D 34 -4.92 26.09 -2.42
CA LYS D 34 -5.61 27.02 -1.51
C LYS D 34 -5.76 26.34 -0.14
N THR D 35 -6.28 25.11 -0.13
CA THR D 35 -6.49 24.41 1.12
C THR D 35 -5.16 24.05 1.81
N ALA D 36 -4.17 23.60 1.04
CA ALA D 36 -2.91 23.17 1.65
C ALA D 36 -2.19 24.37 2.28
N SER D 37 -2.22 25.47 1.56
CA SER D 37 -1.58 26.69 2.03
C SER D 37 -2.23 27.19 3.31
N SER D 38 -3.54 27.22 3.29
CA SER D 38 -4.26 27.67 4.46
C SER D 38 -4.06 26.73 5.68
N ALA D 39 -3.72 25.48 5.42
CA ALA D 39 -3.39 24.52 6.48
C ALA D 39 -1.92 24.62 6.95
N GLY D 40 -1.16 25.55 6.37
CA GLY D 40 0.20 25.83 6.81
C GLY D 40 1.32 25.46 5.85
N ALA D 41 1.01 24.86 4.71
CA ALA D 41 2.03 24.40 3.80
C ALA D 41 2.68 25.55 3.00
N GLU D 42 4.00 25.47 2.81
CA GLU D 42 4.70 26.31 1.89
C GLU D 42 4.81 25.50 0.58
N LEU D 43 4.41 26.10 -0.52
CA LEU D 43 4.19 25.39 -1.77
C LEU D 43 5.11 25.89 -2.88
N ALA D 44 5.66 24.96 -3.65
CA ALA D 44 6.40 25.27 -4.84
C ALA D 44 5.51 24.87 -6.05
N PHE D 45 5.56 25.65 -7.13
CA PHE D 45 4.74 25.41 -8.31
C PHE D 45 5.58 25.42 -9.56
N THR D 46 5.35 24.45 -10.42
CA THR D 46 5.91 24.41 -11.72
C THR D 46 4.92 24.99 -12.72
N TYR D 47 5.38 25.18 -13.96
CA TYR D 47 4.54 25.63 -15.07
C TYR D 47 5.12 25.08 -16.35
N GLN D 48 4.31 25.08 -17.40
CA GLN D 48 4.77 24.70 -18.74
C GLN D 48 4.49 25.86 -19.68
N GLY D 49 5.53 26.59 -20.08
CA GLY D 49 5.39 27.70 -21.03
C GLY D 49 5.12 29.04 -20.40
N GLU D 50 5.56 30.11 -21.08
CA GLU D 50 5.44 31.47 -20.56
C GLU D 50 4.04 31.93 -20.25
N ALA D 51 3.08 31.59 -21.12
CA ALA D 51 1.69 32.01 -20.94
C ALA D 51 1.19 31.51 -19.58
N LYS D 53 3.14 30.64 -16.98
CA LYS D 53 3.93 31.30 -15.93
C LYS D 53 3.24 32.56 -15.45
N LYS D 54 2.78 33.37 -16.38
CA LYS D 54 2.14 34.64 -16.03
C LYS D 54 0.83 34.42 -15.26
N ARG D 55 0.12 33.36 -15.59
CA ARG D 55 -1.09 33.01 -14.84
C ARG D 55 -0.79 32.45 -13.45
N VAL D 56 0.31 31.70 -13.32
CA VAL D 56 0.66 31.02 -12.07
C VAL D 56 1.32 31.92 -11.01
N GLU D 57 2.09 32.90 -11.46
CA GLU D 57 2.79 33.82 -10.54
C GLU D 57 1.88 34.49 -9.52
N PRO D 58 0.78 35.13 -9.94
CA PRO D 58 -0.10 35.75 -8.96
C PRO D 58 -0.83 34.72 -8.05
N LEU D 59 -1.13 33.54 -8.59
CA LEU D 59 -1.73 32.48 -7.78
C LEU D 59 -0.75 32.03 -6.71
N ALA D 60 0.50 31.83 -7.10
CA ALA D 60 1.57 31.48 -6.16
C ALA D 60 1.74 32.55 -5.07
N GLU D 61 1.67 33.83 -5.44
CA GLU D 61 1.85 34.91 -4.44
C GLU D 61 0.69 34.92 -3.47
N GLU D 62 -0.52 34.76 -3.98
CA GLU D 62 -1.71 34.71 -3.16
C GLU D 62 -1.59 33.67 -2.03
N VAL D 63 -0.93 32.54 -2.29
CA VAL D 63 -0.81 31.44 -1.31
C VAL D 63 0.51 31.51 -0.54
N LYS D 64 1.28 32.57 -0.73
CA LYS D 64 2.60 32.70 -0.09
C LYS D 64 3.53 31.51 -0.49
N GLY D 65 3.35 31.01 -1.71
CA GLY D 65 4.24 30.01 -2.29
C GLY D 65 5.23 30.60 -3.25
N PHE D 66 5.93 29.76 -4.00
CA PHE D 66 6.86 30.26 -4.99
C PHE D 66 6.91 29.41 -6.25
N VAL D 67 7.33 30.04 -7.34
CA VAL D 67 7.39 29.41 -8.64
C VAL D 67 8.77 28.81 -8.84
N CYS D 68 8.89 27.47 -8.92
CA CYS D 68 10.21 26.82 -8.99
C CYS D 68 10.71 26.46 -10.39
N GLY D 69 9.91 26.74 -11.42
CA GLY D 69 10.43 26.67 -12.78
C GLY D 69 9.59 25.94 -13.80
N HIS D 70 10.05 26.00 -15.03
CA HIS D 70 9.44 25.34 -16.15
C HIS D 70 9.64 23.88 -16.01
N CYS D 71 8.58 23.11 -16.18
CA CYS D 71 8.72 21.67 -16.17
C CYS D 71 7.95 21.08 -17.31
N ASP D 72 8.65 20.37 -18.18
CA ASP D 72 8.02 19.54 -19.15
C ASP D 72 8.28 18.13 -18.68
N VAL D 73 7.20 17.42 -18.34
CA VAL D 73 7.33 16.11 -17.71
C VAL D 73 7.80 15.03 -18.70
N SER D 74 7.71 15.31 -20.00
CA SER D 74 8.36 14.46 -21.02
C SER D 74 9.88 14.64 -21.08
N ASP D 75 10.40 15.70 -20.45
CA ASP D 75 11.82 16.04 -20.54
C ASP D 75 12.52 15.78 -19.20
N SER D 76 13.25 14.68 -19.17
CA SER D 76 13.96 14.20 -18.00
C SER D 76 14.85 15.26 -17.33
N ALA D 77 15.62 16.01 -18.12
CA ALA D 77 16.48 17.08 -17.61
C ALA D 77 15.65 18.20 -16.98
N SER D 78 14.52 18.51 -17.60
CA SER D 78 13.58 19.51 -17.08
C SER D 78 13.14 19.11 -15.66
N ILE D 79 12.82 17.84 -15.46
CA ILE D 79 12.43 17.32 -14.15
C ILE D 79 13.61 17.40 -13.16
N ASP D 80 14.81 17.04 -13.63
CA ASP D 80 16.01 17.17 -12.80
C ASP D 80 16.25 18.62 -12.36
N ALA D 81 16.05 19.58 -13.25
CA ALA D 81 16.30 21.00 -12.91
C ALA D 81 15.35 21.47 -11.78
N VAL D 82 14.08 21.11 -11.91
CA VAL D 82 13.08 21.44 -10.88
C VAL D 82 13.46 20.88 -9.54
N PHE D 83 13.84 19.64 -9.48
CA PHE D 83 14.16 19.04 -8.19
C PHE D 83 15.51 19.55 -7.62
N ASN D 84 16.46 19.88 -8.50
CA ASN D 84 17.66 20.60 -8.07
C ASN D 84 17.30 21.93 -7.40
N THR D 85 16.42 22.72 -8.02
CA THR D 85 15.98 24.00 -7.45
C THR D 85 15.36 23.81 -6.08
N ILE D 86 14.59 22.74 -5.92
CA ILE D 86 13.93 22.48 -4.66
C ILE D 86 14.92 22.02 -3.63
N GLU D 87 15.87 21.20 -4.05
CA GLU D 87 16.90 20.74 -3.14
C GLU D 87 17.73 21.93 -2.60
N LYS D 88 18.08 22.88 -3.50
CA LYS D 88 18.88 24.05 -3.10
C LYS D 88 18.07 24.93 -2.13
N LYS D 89 16.79 25.15 -2.41
CA LYS D 89 15.99 26.03 -1.58
C LYS D 89 15.57 25.40 -0.25
N TRP D 90 15.28 24.11 -0.24
CA TRP D 90 14.65 23.45 0.92
C TRP D 90 15.39 22.27 1.50
N GLY D 91 16.11 21.54 0.67
CA GLY D 91 16.84 20.36 1.13
C GLY D 91 16.02 19.10 1.36
N LYS D 92 14.70 19.22 1.44
CA LYS D 92 13.78 18.11 1.75
C LYS D 92 12.46 18.42 1.04
N LEU D 93 11.63 17.41 0.83
CA LEU D 93 10.29 17.61 0.29
C LEU D 93 9.33 16.72 1.11
N ASP D 94 8.21 17.27 1.58
CA ASP D 94 7.24 16.53 2.36
C ASP D 94 6.11 15.94 1.57
N PHE D 95 5.72 16.58 0.48
CA PHE D 95 4.70 15.99 -0.36
C PHE D 95 4.75 16.50 -1.80
N LEU D 96 4.03 15.80 -2.68
CA LEU D 96 4.07 16.05 -4.11
C LEU D 96 2.70 15.80 -4.69
N VAL D 97 2.19 16.77 -5.43
CA VAL D 97 0.89 16.65 -6.07
C VAL D 97 1.02 16.66 -7.56
N HIS D 98 0.52 15.60 -8.18
CA HIS D 98 0.62 15.37 -9.59
C HIS D 98 -0.76 15.57 -10.16
N ALA D 99 -1.02 16.77 -10.67
CA ALA D 99 -2.30 17.11 -11.34
C ALA D 99 -2.06 17.36 -12.83
N ILE D 100 -1.34 16.43 -13.46
CA ILE D 100 -0.87 16.53 -14.83
C ILE D 100 -1.52 15.41 -15.68
N GLY D 101 -1.97 15.77 -16.87
CA GLY D 101 -2.55 14.78 -17.78
C GLY D 101 -2.82 15.43 -19.13
N PHE D 102 -2.59 14.68 -20.21
CA PHE D 102 -2.87 15.16 -21.54
C PHE D 102 -3.38 14.03 -22.43
N SER D 103 -4.32 14.38 -23.31
CA SER D 103 -4.71 13.53 -24.43
C SER D 103 -5.31 14.41 -25.53
N ASP D 104 -5.21 13.95 -26.79
CA ASP D 104 -5.67 14.75 -27.93
C ASP D 104 -7.17 15.04 -27.84
N LYS D 105 -7.52 16.32 -27.66
CA LYS D 105 -8.92 16.78 -27.55
C LYS D 105 -9.81 16.25 -28.69
N GLU D 106 -9.32 16.31 -29.93
CA GLU D 106 -10.10 15.83 -31.08
C GLU D 106 -10.45 14.33 -30.96
N GLU D 107 -9.45 13.50 -30.68
CA GLU D 107 -9.65 12.04 -30.60
C GLU D 107 -10.50 11.58 -29.41
N LEU D 108 -10.75 12.46 -28.44
CA LEU D 108 -11.66 12.12 -27.33
C LEU D 108 -13.08 11.92 -27.83
N SER D 109 -13.53 12.74 -28.77
CA SER D 109 -14.91 12.63 -29.26
C SER D 109 -15.15 11.36 -30.07
N GLY D 110 -14.08 10.75 -30.57
CA GLY D 110 -14.23 9.61 -31.45
C GLY D 110 -14.49 8.29 -30.74
N ARG D 111 -14.39 7.22 -31.51
CA ARG D 111 -14.36 5.88 -30.99
C ARG D 111 -12.96 5.61 -30.46
N TYR D 112 -12.86 4.87 -29.36
CA TYR D 112 -11.57 4.50 -28.83
C TYR D 112 -10.73 3.76 -29.86
N VAL D 113 -11.34 2.86 -30.61
CA VAL D 113 -10.62 2.06 -31.59
C VAL D 113 -9.99 2.93 -32.71
N ASP D 114 -10.46 4.16 -32.91
CA ASP D 114 -9.87 5.01 -33.97
C ASP D 114 -8.70 5.86 -33.50
N ILE D 115 -8.23 5.70 -32.27
CA ILE D 115 -7.13 6.53 -31.79
C ILE D 115 -5.82 6.24 -32.54
N SER D 116 -4.99 7.27 -32.66
CA SER D 116 -3.72 7.14 -33.36
C SER D 116 -2.65 6.68 -32.38
N GLU D 117 -1.65 5.99 -32.91
CA GLU D 117 -0.54 5.53 -32.14
C GLU D 117 0.14 6.69 -31.42
N SER D 118 0.25 7.80 -32.12
CA SER D 118 0.90 8.95 -31.58
C SER D 118 0.15 9.54 -30.39
N ASN D 119 -1.16 9.67 -30.50
CA ASN D 119 -1.96 10.12 -29.36
C ASN D 119 -1.88 9.15 -28.15
N PHE D 120 -1.93 7.87 -28.45
CA PHE D 120 -1.81 6.85 -27.43
C PHE D 120 -0.50 7.03 -26.67
N THR D 123 -0.22 10.21 -24.61
CA THR D 123 -1.13 10.16 -23.48
C THR D 123 -0.51 9.32 -22.36
N ASN D 125 2.64 8.66 -21.87
CA ASN D 125 3.86 9.28 -21.36
C ASN D 125 3.57 10.44 -20.41
N ILE D 126 2.75 11.37 -20.86
CA ILE D 126 2.42 12.56 -20.08
C ILE D 126 1.50 12.24 -18.89
N SER D 127 0.48 11.41 -19.08
CA SER D 127 -0.51 11.12 -18.05
C SER D 127 -0.16 9.99 -17.09
N VAL D 128 0.75 9.07 -17.48
CA VAL D 128 1.07 7.93 -16.64
C VAL D 128 2.53 7.89 -16.22
N TYR D 129 3.43 7.77 -17.20
CA TYR D 129 4.85 7.67 -16.91
C TYR D 129 5.40 8.85 -16.08
N SER D 130 4.86 10.04 -16.32
CA SER D 130 5.27 11.22 -15.59
C SER D 130 5.23 11.06 -14.08
N LEU D 131 4.24 10.31 -13.56
CA LEU D 131 4.16 10.14 -12.10
C LEU D 131 5.33 9.31 -11.63
N THR D 132 5.64 8.25 -12.36
CA THR D 132 6.76 7.41 -12.04
C THR D 132 8.07 8.20 -12.15
N ALA D 133 8.24 8.99 -13.21
CA ALA D 133 9.46 9.79 -13.36
C ALA D 133 9.58 10.78 -12.21
N LEU D 134 8.51 11.47 -11.88
CA LEU D 134 8.58 12.44 -10.81
C LEU D 134 8.92 11.74 -9.46
N THR D 135 8.34 10.58 -9.24
CA THR D 135 8.51 9.86 -7.99
C THR D 135 9.91 9.34 -7.86
N LYS D 136 10.49 8.83 -8.94
CA LYS D 136 11.87 8.39 -8.93
C LYS D 136 12.79 9.53 -8.45
N ARG D 137 12.63 10.72 -9.02
CA ARG D 137 13.46 11.86 -8.66
C ARG D 137 13.14 12.36 -7.23
N ALA D 138 11.86 12.33 -6.87
CA ALA D 138 11.49 12.87 -5.58
C ALA D 138 11.95 11.99 -4.39
N GLU D 139 12.19 10.70 -4.65
CA GLU D 139 12.41 9.71 -3.60
C GLU D 139 13.58 10.11 -2.71
N LYS D 140 14.66 10.54 -3.34
CA LYS D 140 15.84 10.96 -2.60
C LYS D 140 15.57 12.15 -1.67
N LEU D 141 14.64 13.04 -2.04
CA LEU D 141 14.35 14.25 -1.24
C LEU D 141 13.34 14.02 -0.16
N SER D 143 11.03 13.07 2.78
CA SER D 143 10.96 12.66 4.15
C SER D 143 10.23 11.35 4.34
N ASP D 144 10.80 10.56 5.20
CA ASP D 144 10.07 9.52 5.82
C ASP D 144 8.68 10.06 6.17
N GLY D 145 7.65 9.34 5.78
CA GLY D 145 6.32 9.80 6.16
C GLY D 145 5.70 10.74 5.17
N GLY D 146 6.38 11.02 4.03
CA GLY D 146 5.83 11.92 2.99
C GLY D 146 4.61 11.37 2.24
N SER D 147 4.06 12.17 1.34
CA SER D 147 2.82 11.81 0.70
C SER D 147 2.84 12.25 -0.77
N ILE D 148 2.47 11.36 -1.68
CA ILE D 148 2.38 11.63 -3.12
C ILE D 148 0.91 11.39 -3.53
N LEU D 149 0.33 12.37 -4.20
CA LEU D 149 -1.08 12.34 -4.58
C LEU D 149 -1.22 12.63 -6.07
N THR D 150 -2.00 11.84 -6.75
CA THR D 150 -2.30 12.07 -8.14
C THR D 150 -3.81 12.09 -8.34
N LEU D 151 -4.26 12.44 -9.54
CA LEU D 151 -5.71 12.54 -9.86
C LEU D 151 -6.12 11.57 -10.93
N THR D 152 -7.27 10.97 -10.74
CA THR D 152 -7.80 10.00 -11.69
C THR D 152 -9.29 10.24 -11.86
N TYR D 153 -9.97 9.35 -12.55
CA TYR D 153 -11.37 9.57 -12.86
C TYR D 153 -12.02 8.20 -13.12
N TYR D 154 -13.32 8.12 -12.90
CA TYR D 154 -14.09 6.88 -12.99
C TYR D 154 -13.96 6.18 -14.33
N GLY D 155 -13.63 6.94 -15.37
CA GLY D 155 -13.36 6.38 -16.68
C GLY D 155 -12.27 5.32 -16.69
N ALA D 156 -11.43 5.28 -15.65
CA ALA D 156 -10.43 4.23 -15.47
C ALA D 156 -11.07 2.90 -15.09
N GLU D 157 -12.27 2.93 -14.49
CA GLU D 157 -12.94 1.72 -14.00
C GLU D 157 -14.06 1.26 -14.91
N LYS D 158 -14.85 2.18 -15.43
CA LYS D 158 -15.97 1.85 -16.28
C LYS D 158 -15.92 2.71 -17.52
N VAL D 159 -16.55 2.25 -18.59
CA VAL D 159 -16.49 2.99 -19.84
C VAL D 159 -17.39 4.23 -19.77
N VAL D 160 -16.79 5.38 -19.96
CA VAL D 160 -17.44 6.67 -19.98
C VAL D 160 -17.24 7.30 -21.37
N PRO D 161 -18.30 7.79 -21.99
CA PRO D 161 -18.26 8.40 -23.34
C PRO D 161 -17.21 9.48 -23.46
N ASN D 162 -16.50 9.49 -24.58
CA ASN D 162 -15.56 10.56 -24.91
C ASN D 162 -14.40 10.70 -23.91
N TYR D 163 -14.02 9.59 -23.29
CA TYR D 163 -12.86 9.57 -22.43
C TYR D 163 -11.80 8.66 -23.02
N ASN D 164 -12.24 7.60 -23.72
CA ASN D 164 -11.41 6.80 -24.62
C ASN D 164 -9.99 6.47 -24.04
N VAL D 165 -8.95 6.99 -24.66
CA VAL D 165 -7.59 6.62 -24.30
C VAL D 165 -7.21 7.15 -22.94
N GLY D 167 -9.15 7.04 -20.45
CA GLY D 167 -9.60 6.00 -19.53
C GLY D 167 -8.58 4.89 -19.37
N VAL D 168 -7.99 4.51 -20.50
CA VAL D 168 -7.00 3.46 -20.54
C VAL D 168 -5.78 3.94 -19.76
N ALA D 169 -5.40 5.20 -19.99
CA ALA D 169 -4.28 5.80 -19.32
C ALA D 169 -4.52 5.86 -17.79
N LYS D 170 -5.72 6.30 -17.39
CA LYS D 170 -5.99 6.39 -15.95
C LYS D 170 -5.98 5.01 -15.29
N ALA D 171 -6.34 3.96 -16.03
CA ALA D 171 -6.32 2.62 -15.48
C ALA D 171 -4.88 2.26 -15.17
N ALA D 172 -4.00 2.62 -16.09
CA ALA D 172 -2.57 2.42 -15.91
C ALA D 172 -2.06 3.23 -14.71
N LEU D 173 -2.54 4.46 -14.58
CA LEU D 173 -2.08 5.32 -13.52
C LEU D 173 -2.45 4.71 -12.17
N GLU D 174 -3.69 4.29 -12.06
CA GLU D 174 -4.17 3.71 -10.80
C GLU D 174 -3.34 2.48 -10.42
N ALA D 175 -3.03 1.64 -11.41
CA ALA D 175 -2.17 0.48 -11.15
C ALA D 175 -0.76 0.93 -10.71
N SER D 176 -0.25 2.00 -11.32
CA SER D 176 1.09 2.48 -10.98
C SER D 176 1.14 3.03 -9.58
N VAL D 177 0.05 3.65 -9.13
CA VAL D 177 -0.06 4.10 -7.77
C VAL D 177 0.18 2.95 -6.79
N LYS D 178 -0.36 1.79 -7.11
CA LYS D 178 -0.22 0.68 -6.23
C LYS D 178 1.20 0.10 -6.21
N TYR D 179 1.79 -0.06 -7.40
CA TYR D 179 3.17 -0.51 -7.49
C TYR D 179 4.10 0.49 -6.80
N LEU D 180 3.88 1.78 -7.02
CA LEU D 180 4.70 2.79 -6.35
C LEU D 180 4.53 2.72 -4.85
N ALA D 181 3.30 2.47 -4.39
CA ALA D 181 3.04 2.42 -2.97
C ALA D 181 3.83 1.31 -2.30
N VAL D 182 3.98 0.18 -3.00
CA VAL D 182 4.77 -0.90 -2.47
C VAL D 182 6.24 -0.52 -2.48
N ASP D 183 6.73 0.14 -3.53
CA ASP D 183 8.17 0.48 -3.59
C ASP D 183 8.56 1.44 -2.49
N LEU D 184 7.72 2.43 -2.22
CA LEU D 184 8.05 3.49 -1.28
C LEU D 184 7.51 3.27 0.12
N GLY D 185 6.69 2.26 0.31
CA GLY D 185 6.10 1.98 1.61
C GLY D 185 7.10 1.79 2.73
N PRO D 186 8.24 1.14 2.46
CA PRO D 186 9.19 0.97 3.56
C PRO D 186 9.81 2.26 4.06
N LYS D 187 9.83 3.29 3.23
CA LYS D 187 10.22 4.63 3.66
C LYS D 187 9.05 5.44 4.20
N HIS D 188 7.92 4.79 4.32
CA HIS D 188 6.68 5.40 4.76
C HIS D 188 6.25 6.55 3.89
N ILE D 189 6.60 6.51 2.61
CA ILE D 189 6.09 7.48 1.70
C ILE D 189 4.81 6.84 1.15
N ARG D 190 3.70 7.57 1.26
CA ARG D 190 2.39 7.09 0.80
C ARG D 190 2.08 7.62 -0.58
N VAL D 191 1.39 6.81 -1.38
CA VAL D 191 1.04 7.13 -2.71
C VAL D 191 -0.43 6.81 -2.91
N ASN D 192 -1.23 7.83 -3.23
CA ASN D 192 -2.64 7.67 -3.38
C ASN D 192 -3.15 8.50 -4.59
N ALA D 193 -4.39 8.22 -4.97
CA ALA D 193 -5.05 8.97 -6.03
C ALA D 193 -6.44 9.43 -5.55
N ILE D 194 -6.85 10.63 -5.94
CA ILE D 194 -8.25 11.06 -5.82
C ILE D 194 -8.93 10.84 -7.18
N SER D 195 -9.99 10.08 -7.21
CA SER D 195 -10.86 9.93 -8.40
C SER D 195 -11.94 11.00 -8.30
N ALA D 196 -11.71 12.12 -8.98
CA ALA D 196 -12.61 13.31 -8.88
C ALA D 196 -13.77 13.14 -9.83
N GLY D 197 -14.96 13.57 -9.40
CA GLY D 197 -16.06 13.74 -10.35
C GLY D 197 -15.79 14.90 -11.29
N PRO D 198 -16.57 15.00 -12.37
CA PRO D 198 -16.39 16.17 -13.24
C PRO D 198 -16.77 17.47 -12.52
N ILE D 199 -16.11 18.57 -12.87
CA ILE D 199 -16.30 19.86 -12.18
C ILE D 199 -16.82 20.95 -13.13
N LYS D 200 -17.87 21.68 -12.70
CA LYS D 200 -18.49 22.75 -13.48
C LYS D 200 -17.49 23.91 -13.56
N THR D 201 -17.00 24.17 -14.77
CA THR D 201 -15.73 24.86 -14.97
C THR D 201 -15.90 26.12 -15.83
N ASP D 209 -20.42 18.08 -25.15
CA ASP D 209 -20.33 16.72 -24.68
C ASP D 209 -20.06 16.71 -23.17
N PHE D 210 -19.07 17.49 -22.75
CA PHE D 210 -18.77 17.65 -21.33
C PHE D 210 -19.95 18.20 -20.50
N ARG D 211 -20.76 19.07 -21.10
CA ARG D 211 -21.97 19.55 -20.44
C ARG D 211 -22.87 18.36 -20.11
N TYR D 212 -22.87 17.36 -20.99
CA TYR D 212 -23.69 16.15 -20.79
C TYR D 212 -23.19 15.38 -19.56
N ILE D 213 -21.89 15.18 -19.47
CA ILE D 213 -21.30 14.43 -18.36
C ILE D 213 -21.57 15.12 -17.01
N LEU D 214 -21.51 16.44 -16.99
CA LEU D 214 -21.84 17.21 -15.81
C LEU D 214 -23.27 17.03 -15.38
N LYS D 215 -24.20 17.23 -16.31
CA LYS D 215 -25.61 17.18 -16.00
C LYS D 215 -25.97 15.78 -15.53
N TRP D 216 -25.40 14.80 -16.20
CA TRP D 216 -25.67 13.42 -15.85
C TRP D 216 -25.27 13.13 -14.42
N ASN D 217 -24.10 13.58 -14.01
CA ASN D 217 -23.66 13.47 -12.62
C ASN D 217 -24.55 14.26 -11.67
N GLU D 218 -24.89 15.45 -12.08
CA GLU D 218 -25.76 16.29 -11.30
C GLU D 218 -27.11 15.62 -10.95
N TYR D 219 -27.72 14.97 -11.92
CA TYR D 219 -28.99 14.30 -11.65
C TYR D 219 -28.91 12.91 -11.09
N ASN D 220 -27.78 12.23 -11.23
CA ASN D 220 -27.73 10.82 -10.86
C ASN D 220 -26.75 10.48 -9.73
N ALA D 221 -25.79 11.33 -9.45
CA ALA D 221 -24.93 11.12 -8.28
C ALA D 221 -25.82 11.10 -7.03
N PRO D 222 -25.56 10.15 -6.13
CA PRO D 222 -26.22 10.14 -4.84
C PRO D 222 -26.44 11.54 -4.20
N LEU D 223 -25.42 12.41 -4.19
CA LEU D 223 -25.58 13.71 -3.52
C LEU D 223 -26.24 14.75 -4.40
N ARG D 224 -26.54 14.41 -5.66
CA ARG D 224 -27.34 15.27 -6.54
C ARG D 224 -26.68 16.59 -6.78
N ARG D 225 -25.36 16.56 -6.94
CA ARG D 225 -24.59 17.75 -7.32
C ARG D 225 -23.21 17.29 -7.72
N THR D 226 -22.54 18.10 -8.51
CA THR D 226 -21.19 17.84 -8.87
C THR D 226 -20.27 18.50 -7.83
N VAL D 227 -19.03 18.08 -7.79
CA VAL D 227 -18.12 18.50 -6.75
C VAL D 227 -17.35 19.73 -7.20
N THR D 228 -16.73 20.45 -6.27
CA THR D 228 -15.99 21.65 -6.60
C THR D 228 -14.55 21.44 -6.25
N ILE D 229 -13.70 22.37 -6.71
CA ILE D 229 -12.28 22.30 -6.48
C ILE D 229 -11.97 22.51 -5.03
N GLU D 230 -12.81 23.22 -4.29
CA GLU D 230 -12.60 23.38 -2.85
C GLU D 230 -12.84 22.07 -2.13
N GLU D 231 -13.81 21.31 -2.62
CA GLU D 231 -14.13 20.04 -1.98
C GLU D 231 -13.03 19.00 -2.24
N VAL D 232 -12.56 18.95 -3.49
CA VAL D 232 -11.48 18.05 -3.83
C VAL D 232 -10.27 18.50 -3.04
N GLY D 233 -10.09 19.83 -2.91
CA GLY D 233 -9.03 20.41 -2.08
C GLY D 233 -8.97 19.86 -0.64
N ASP D 234 -10.12 19.83 0.03
CA ASP D 234 -10.18 19.31 1.38
C ASP D 234 -9.89 17.81 1.44
N SER D 235 -10.36 17.05 0.46
CA SER D 235 -10.01 15.63 0.40
C SER D 235 -8.53 15.43 0.16
N ALA D 236 -7.93 16.30 -0.65
CA ALA D 236 -6.52 16.27 -0.87
C ALA D 236 -5.77 16.54 0.45
N LEU D 237 -6.23 17.56 1.19
CA LEU D 237 -5.63 17.92 2.46
C LEU D 237 -5.50 16.70 3.37
N TYR D 238 -6.58 15.95 3.48
CA TYR D 238 -6.59 14.72 4.27
C TYR D 238 -5.49 13.77 3.80
N LEU D 239 -5.43 13.48 2.50
CA LEU D 239 -4.42 12.56 2.00
C LEU D 239 -2.98 13.05 2.11
N LEU D 240 -2.79 14.38 2.08
CA LEU D 240 -1.45 14.95 2.21
C LEU D 240 -1.04 15.04 3.67
N SER D 241 -1.99 15.08 4.58
CA SER D 241 -1.67 15.26 5.99
C SER D 241 -1.48 13.94 6.73
N ASP D 242 -1.08 14.06 8.00
CA ASP D 242 -0.90 12.93 8.91
C ASP D 242 -2.23 12.26 9.34
N LEU D 243 -3.35 12.93 9.11
CA LEU D 243 -4.63 12.24 9.31
C LEU D 243 -4.74 10.93 8.50
N SER D 244 -4.08 10.86 7.33
CA SER D 244 -4.15 9.71 6.45
C SER D 244 -2.89 8.86 6.50
N ARG D 245 -2.15 8.89 7.61
CA ARG D 245 -0.82 8.27 7.66
C ARG D 245 -0.82 6.75 7.49
N SER D 246 -1.96 6.10 7.60
CA SER D 246 -2.00 4.67 7.35
C SER D 246 -2.68 4.31 6.02
N VAL D 247 -2.78 5.27 5.12
CA VAL D 247 -3.49 5.09 3.87
C VAL D 247 -2.54 5.21 2.71
N THR D 248 -2.37 4.10 1.98
CA THR D 248 -1.52 4.15 0.79
C THR D 248 -2.03 3.19 -0.25
N GLY D 249 -1.77 3.49 -1.50
CA GLY D 249 -2.25 2.67 -2.59
C GLY D 249 -3.74 2.83 -2.85
N GLU D 250 -4.33 3.91 -2.36
CA GLU D 250 -5.77 4.05 -2.36
C GLU D 250 -6.22 4.88 -3.55
N VAL D 251 -7.30 4.47 -4.18
CA VAL D 251 -8.03 5.33 -5.11
C VAL D 251 -9.26 5.82 -4.39
N HIS D 252 -9.26 7.11 -4.02
CA HIS D 252 -10.30 7.69 -3.18
C HIS D 252 -11.32 8.50 -4.00
N HIS D 253 -12.57 8.09 -3.99
CA HIS D 253 -13.59 8.76 -4.80
C HIS D 253 -14.11 9.99 -4.16
N VAL D 254 -13.93 11.12 -4.82
CA VAL D 254 -14.52 12.39 -4.40
C VAL D 254 -15.41 12.88 -5.56
N ASP D 255 -16.60 12.32 -5.61
CA ASP D 255 -17.47 12.39 -6.78
C ASP D 255 -18.95 12.36 -6.42
N SER D 256 -19.31 12.78 -5.22
CA SER D 256 -20.70 12.79 -4.81
C SER D 256 -21.34 11.38 -4.86
N GLY D 257 -20.48 10.36 -4.83
CA GLY D 257 -20.89 8.96 -4.83
C GLY D 257 -21.24 8.41 -6.20
N TYR D 258 -20.95 9.14 -7.28
CA TYR D 258 -21.39 8.72 -8.60
C TYR D 258 -20.93 7.29 -8.92
N ASN D 259 -19.71 6.94 -8.52
CA ASN D 259 -19.11 5.68 -8.88
C ASN D 259 -19.87 4.46 -8.42
N ILE D 260 -20.77 4.61 -7.45
CA ILE D 260 -21.49 3.45 -6.93
C ILE D 260 -22.80 3.15 -7.65
N ILE D 261 -23.27 4.00 -8.57
CA ILE D 261 -24.54 3.72 -9.24
C ILE D 261 -24.39 2.79 -10.44
N GLY D 262 -25.36 1.90 -10.63
CA GLY D 262 -25.31 0.97 -11.73
C GLY D 262 -26.28 1.29 -12.88
N LYS D 264 -29.20 4.75 -14.38
CA LYS D 264 -29.97 5.98 -14.13
C LYS D 264 -30.80 5.80 -12.89
N ALA D 265 -30.72 6.77 -11.97
CA ALA D 265 -31.25 6.65 -10.63
C ALA D 265 -31.90 7.97 -10.21
N ASN E 9 21.30 27.08 7.97
CA ASN E 9 21.39 25.65 8.46
C ASN E 9 20.08 24.86 8.22
N GLY E 10 19.01 25.25 8.93
CA GLY E 10 17.64 24.79 8.69
C GLY E 10 17.35 23.32 8.95
N LEU E 11 18.21 22.64 9.70
CA LEU E 11 18.08 21.21 9.91
C LEU E 11 16.82 20.81 10.67
N LEU E 12 16.23 21.73 11.43
CA LEU E 12 14.97 21.46 12.11
C LEU E 12 13.86 22.42 11.68
N TYR E 13 13.90 22.85 10.43
CA TYR E 13 12.91 23.79 9.91
C TYR E 13 11.53 23.17 10.03
N GLY E 14 10.59 23.91 10.60
CA GLY E 14 9.23 23.44 10.75
C GLY E 14 8.99 22.45 11.87
N LYS E 15 10.02 22.09 12.63
CA LYS E 15 9.87 21.07 13.63
C LYS E 15 9.51 21.67 14.97
N ARG E 16 8.79 20.89 15.77
CA ARG E 16 8.35 21.26 17.09
C ARG E 16 8.76 20.22 18.11
N GLY E 17 9.39 20.68 19.18
CA GLY E 17 9.98 19.77 20.14
C GLY E 17 9.85 20.20 21.56
N LEU E 18 9.90 19.21 22.44
CA LEU E 18 9.72 19.40 23.88
C LEU E 18 11.00 19.04 24.56
N ILE E 19 11.53 19.97 25.35
CA ILE E 19 12.75 19.76 26.08
C ILE E 19 12.43 19.80 27.56
N LEU E 20 12.69 18.70 28.24
CA LEU E 20 12.51 18.61 29.67
C LEU E 20 13.85 18.64 30.32
N GLY E 21 14.00 19.50 31.30
CA GLY E 21 15.23 19.57 32.09
C GLY E 21 15.98 20.87 32.02
N LEU E 22 15.44 21.87 31.33
CA LEU E 22 16.14 23.16 31.27
C LEU E 22 16.00 23.86 32.62
N ALA E 23 17.08 23.89 33.37
CA ALA E 23 17.11 24.47 34.71
C ALA E 23 17.86 25.80 34.74
N ASN E 24 18.79 25.98 33.80
CA ASN E 24 19.71 27.11 33.79
C ASN E 24 20.48 27.16 32.50
N ASN E 25 21.32 28.17 32.34
CA ASN E 25 22.06 28.39 31.10
C ASN E 25 23.41 27.67 31.05
N ARG E 26 23.63 26.73 31.97
CA ARG E 26 24.88 25.99 32.01
C ARG E 26 24.71 24.52 31.64
N SER E 27 23.46 24.08 31.45
CA SER E 27 23.17 22.66 31.29
C SER E 27 23.23 22.19 29.82
N ILE E 28 23.36 20.89 29.66
CA ILE E 28 23.31 20.31 28.34
C ILE E 28 21.97 20.67 27.66
N ALA E 29 20.87 20.56 28.38
CA ALA E 29 19.59 20.96 27.86
C ALA E 29 19.63 22.37 27.21
N TRP E 30 20.39 23.31 27.76
CA TRP E 30 20.48 24.65 27.21
C TRP E 30 21.26 24.66 25.96
N GLY E 31 22.34 23.90 25.93
CA GLY E 31 23.13 23.71 24.69
C GLY E 31 22.28 23.13 23.57
N ILE E 32 21.46 22.13 23.90
CA ILE E 32 20.58 21.54 22.93
C ILE E 32 19.51 22.57 22.46
N ALA E 33 18.89 23.28 23.41
CA ALA E 33 17.89 24.32 23.07
C ALA E 33 18.42 25.35 22.12
N LYS E 34 19.64 25.81 22.40
CA LYS E 34 20.27 26.88 21.61
C LYS E 34 20.50 26.40 20.19
N THR E 35 21.13 25.25 20.04
CA THR E 35 21.37 24.72 18.72
C THR E 35 20.10 24.32 17.95
N ALA E 36 19.15 23.68 18.60
CA ALA E 36 17.92 23.25 17.93
C ALA E 36 17.15 24.47 17.44
N SER E 37 17.06 25.47 18.29
CA SER E 37 16.33 26.72 17.95
C SER E 37 16.96 27.38 16.75
N SER E 38 18.27 27.48 16.77
CA SER E 38 18.98 28.13 15.70
C SER E 38 18.87 27.34 14.39
N ALA E 39 18.60 26.03 14.51
CA ALA E 39 18.38 25.17 13.38
C ALA E 39 16.90 25.22 12.84
N GLY E 40 16.07 26.04 13.48
CA GLY E 40 14.69 26.25 13.03
C GLY E 40 13.59 25.69 13.93
N ALA E 41 13.95 24.99 14.99
CA ALA E 41 12.95 24.35 15.86
C ALA E 41 12.18 25.35 16.71
N GLU E 42 10.89 25.12 16.88
CA GLU E 42 10.11 25.80 17.93
C GLU E 42 10.08 24.85 19.14
N LEU E 43 10.39 25.38 20.32
CA LEU E 43 10.64 24.56 21.49
C LEU E 43 9.65 24.86 22.62
N ALA E 44 9.19 23.80 23.28
CA ALA E 44 8.40 23.91 24.50
C ALA E 44 9.27 23.44 25.67
N PHE E 45 9.12 24.06 26.83
CA PHE E 45 9.93 23.76 27.99
C PHE E 45 9.07 23.58 29.21
N THR E 46 9.37 22.55 30.01
CA THR E 46 8.76 22.36 31.31
C THR E 46 9.68 22.93 32.38
N TYR E 47 9.19 22.92 33.61
CA TYR E 47 9.97 23.29 34.79
C TYR E 47 9.38 22.56 36.01
N GLN E 48 10.16 22.48 37.08
CA GLN E 48 9.66 21.98 38.36
C GLN E 48 9.85 23.06 39.43
N GLY E 49 8.75 23.65 39.88
CA GLY E 49 8.79 24.65 40.96
C GLY E 49 8.99 26.09 40.49
N GLU E 50 8.47 27.03 41.27
CA GLU E 50 8.47 28.45 40.94
C GLU E 50 9.87 29.07 40.76
N ALA E 51 10.83 28.67 41.59
CA ALA E 51 12.21 29.17 41.44
C ALA E 51 12.78 28.85 40.05
N LYS E 53 10.96 28.12 37.32
CA LYS E 53 10.15 28.83 36.33
C LYS E 53 10.77 30.20 36.00
N LYS E 54 11.15 30.94 37.05
CA LYS E 54 11.72 32.28 36.89
C LYS E 54 13.04 32.23 36.10
N ARG E 55 13.83 31.16 36.32
CA ARG E 55 15.08 31.00 35.57
C ARG E 55 14.82 30.60 34.11
N VAL E 56 13.78 29.81 33.88
CA VAL E 56 13.52 29.24 32.56
C VAL E 56 12.85 30.20 31.59
N GLU E 57 11.98 31.05 32.12
CA GLU E 57 11.22 32.00 31.29
C GLU E 57 12.10 32.83 30.36
N PRO E 58 13.15 33.46 30.89
CA PRO E 58 14.01 34.26 29.98
C PRO E 58 14.79 33.41 28.98
N LEU E 59 15.20 32.21 29.41
CA LEU E 59 15.91 31.31 28.53
C LEU E 59 15.00 30.88 27.38
N ALA E 60 13.77 30.53 27.73
CA ALA E 60 12.76 30.21 26.69
C ALA E 60 12.53 31.39 25.72
N GLU E 61 12.48 32.63 26.23
CA GLU E 61 12.24 33.81 25.36
C GLU E 61 13.41 34.01 24.42
N GLU E 62 14.62 33.85 24.95
CA GLU E 62 15.83 33.99 24.16
C GLU E 62 15.82 33.05 22.94
N VAL E 63 15.22 31.87 23.06
CA VAL E 63 15.16 30.90 21.94
C VAL E 63 13.85 30.92 21.19
N LYS E 64 13.01 31.92 21.47
CA LYS E 64 11.71 32.06 20.80
C LYS E 64 10.83 30.82 21.03
N GLY E 65 11.00 30.22 22.19
CA GLY E 65 10.21 29.05 22.57
C GLY E 65 9.14 29.46 23.56
N PHE E 66 8.50 28.48 24.18
CA PHE E 66 7.51 28.78 25.18
C PHE E 66 7.49 27.79 26.34
N VAL E 67 7.05 28.27 27.48
CA VAL E 67 7.01 27.49 28.69
C VAL E 67 5.66 26.80 28.81
N CYS E 68 5.64 25.45 28.76
CA CYS E 68 4.38 24.72 28.72
C CYS E 68 3.89 24.19 30.05
N GLY E 69 4.62 24.43 31.13
CA GLY E 69 4.06 24.20 32.46
C GLY E 69 4.92 23.41 33.44
N HIS E 70 4.41 23.33 34.66
CA HIS E 70 5.05 22.60 35.73
C HIS E 70 4.97 21.12 35.46
N CYS E 71 6.10 20.42 35.60
CA CYS E 71 6.11 18.97 35.42
C CYS E 71 6.95 18.31 36.49
N ASP E 72 6.31 17.48 37.30
CA ASP E 72 6.98 16.61 38.23
C ASP E 72 6.84 15.24 37.61
N VAL E 73 7.96 14.67 37.20
CA VAL E 73 7.94 13.41 36.44
C VAL E 73 7.54 12.23 37.30
N SER E 74 7.59 12.37 38.62
CA SER E 74 7.00 11.40 39.55
C SER E 74 5.48 11.48 39.65
N ASP E 75 4.90 12.54 39.10
CA ASP E 75 3.45 12.77 39.18
C ASP E 75 2.81 12.58 37.79
N SER E 76 2.15 11.44 37.64
CA SER E 76 1.47 11.04 36.42
C SER E 76 0.52 12.10 35.85
N ALA E 77 -0.32 12.69 36.70
CA ALA E 77 -1.28 13.75 36.26
C ALA E 77 -0.55 14.99 35.77
N SER E 78 0.56 15.32 36.44
CA SER E 78 1.43 16.41 36.04
C SER E 78 1.93 16.22 34.60
N ILE E 79 2.38 15.00 34.28
CA ILE E 79 2.80 14.66 32.94
C ILE E 79 1.64 14.75 31.95
N ASP E 80 0.46 14.24 32.34
CA ASP E 80 -0.71 14.34 31.46
C ASP E 80 -1.09 15.83 31.15
N ALA E 81 -0.98 16.70 32.14
CA ALA E 81 -1.34 18.11 31.92
C ALA E 81 -0.41 18.76 30.90
N VAL E 82 0.89 18.52 31.05
CA VAL E 82 1.90 19.02 30.11
C VAL E 82 1.57 18.58 28.67
N PHE E 83 1.28 17.31 28.47
CA PHE E 83 1.01 16.83 27.12
C PHE E 83 -0.32 17.30 26.56
N ASN E 84 -1.29 17.50 27.45
CA ASN E 84 -2.54 18.16 27.05
C ASN E 84 -2.28 19.56 26.52
N THR E 85 -1.48 20.34 27.25
CA THR E 85 -1.14 21.70 26.83
C THR E 85 -0.47 21.70 25.46
N ILE E 86 0.38 20.70 25.20
CA ILE E 86 1.08 20.62 23.94
C ILE E 86 0.13 20.21 22.83
N GLU E 87 -0.74 19.28 23.14
CA GLU E 87 -1.72 18.85 22.17
C GLU E 87 -2.63 20.03 21.74
N LYS E 88 -3.04 20.85 22.71
CA LYS E 88 -3.91 21.99 22.41
C LYS E 88 -3.16 23.01 21.55
N LYS E 89 -1.92 23.31 21.89
CA LYS E 89 -1.18 24.35 21.19
C LYS E 89 -0.69 23.91 19.81
N TRP E 90 -0.29 22.64 19.67
CA TRP E 90 0.37 22.16 18.44
C TRP E 90 -0.30 21.01 17.73
N GLY E 91 -0.97 20.13 18.47
CA GLY E 91 -1.58 18.94 17.87
C GLY E 91 -0.66 17.77 17.56
N LYS E 92 0.65 18.01 17.52
CA LYS E 92 1.66 17.05 17.06
C LYS E 92 2.97 17.39 17.76
N LEU E 93 3.89 16.45 17.83
CA LEU E 93 5.21 16.67 18.38
C LEU E 93 6.23 15.96 17.48
N ASP E 94 7.33 16.62 17.15
CA ASP E 94 8.38 16.02 16.29
C ASP E 94 9.55 15.41 17.04
N PHE E 95 9.87 15.96 18.19
CA PHE E 95 10.93 15.36 18.97
C PHE E 95 10.79 15.69 20.45
N LEU E 96 11.58 14.98 21.25
CA LEU E 96 11.51 15.07 22.70
C LEU E 96 12.89 14.86 23.28
N VAL E 97 13.30 15.79 24.15
CA VAL E 97 14.62 15.73 24.76
C VAL E 97 14.45 15.55 26.27
N HIS E 98 15.04 14.48 26.76
CA HIS E 98 14.94 14.09 28.13
C HIS E 98 16.27 14.34 28.75
N ALA E 99 16.40 15.48 29.44
CA ALA E 99 17.63 15.86 30.11
C ALA E 99 17.36 15.94 31.63
N ILE E 100 16.72 14.91 32.14
CA ILE E 100 16.24 14.82 33.50
C ILE E 100 16.97 13.70 34.21
N GLY E 101 17.43 13.98 35.42
CA GLY E 101 18.07 12.99 36.23
C GLY E 101 18.24 13.56 37.63
N PHE E 102 18.02 12.72 38.62
CA PHE E 102 18.24 13.11 39.98
C PHE E 102 18.83 11.94 40.76
N SER E 103 19.73 12.27 41.68
CA SER E 103 20.20 11.34 42.70
C SER E 103 20.72 12.16 43.89
N ASP E 104 20.66 11.58 45.09
CA ASP E 104 21.03 12.31 46.29
C ASP E 104 22.53 12.71 46.25
N LYS E 105 22.78 14.02 46.23
CA LYS E 105 24.13 14.59 46.16
C LYS E 105 25.06 13.99 47.21
N GLU E 106 24.58 13.91 48.45
CA GLU E 106 25.42 13.41 49.56
C GLU E 106 25.88 11.98 49.31
N GLU E 107 24.95 11.09 48.93
CA GLU E 107 25.27 9.67 48.71
C GLU E 107 26.16 9.40 47.49
N LEU E 108 26.35 10.38 46.61
CA LEU E 108 27.27 10.21 45.49
C LEU E 108 28.70 10.11 45.98
N SER E 109 29.08 10.85 47.01
CA SER E 109 30.46 10.78 47.51
C SER E 109 30.79 9.45 48.19
N GLY E 110 29.78 8.71 48.62
CA GLY E 110 30.00 7.49 49.37
C GLY E 110 30.35 6.28 48.52
N ARG E 111 30.33 5.13 49.18
CA ARG E 111 30.43 3.85 48.51
C ARG E 111 29.05 3.54 47.94
N TYR E 112 29.01 2.90 46.79
CA TYR E 112 27.75 2.47 46.19
C TYR E 112 26.98 1.57 47.15
N VAL E 113 27.66 0.66 47.83
CA VAL E 113 27.00 -0.26 48.72
C VAL E 113 26.29 0.44 49.91
N ASP E 114 26.65 1.68 50.23
CA ASP E 114 26.01 2.37 51.36
C ASP E 114 24.78 3.19 50.96
N ILE E 115 24.33 3.10 49.72
CA ILE E 115 23.18 3.88 49.34
C ILE E 115 21.89 3.42 50.02
N SER E 116 20.98 4.37 50.24
CA SER E 116 19.72 4.08 50.93
C SER E 116 18.68 3.65 49.91
N GLU E 117 17.74 2.85 50.37
CA GLU E 117 16.67 2.38 49.55
C GLU E 117 15.90 3.53 48.94
N SER E 118 15.69 4.54 49.75
CA SER E 118 14.95 5.71 49.32
C SER E 118 15.67 6.45 48.16
N ASN E 119 16.98 6.67 48.28
CA ASN E 119 17.73 7.31 47.19
C ASN E 119 17.71 6.44 45.93
N PHE E 120 17.88 5.12 46.09
CA PHE E 120 17.87 4.21 44.97
C PHE E 120 16.55 4.34 44.23
N THR E 123 15.97 7.68 42.51
CA THR E 123 16.84 7.84 41.40
C THR E 123 16.28 7.07 40.20
N ASN E 125 13.28 6.21 39.59
CA ASN E 125 12.02 6.76 39.12
C ASN E 125 12.26 8.02 38.29
N ILE E 126 12.97 8.98 38.87
CA ILE E 126 13.20 10.27 38.21
C ILE E 126 14.17 10.15 37.01
N SER E 127 15.24 9.37 37.14
CA SER E 127 16.27 9.23 36.08
C SER E 127 15.97 8.18 35.01
N VAL E 128 15.15 7.16 35.29
CA VAL E 128 14.94 6.07 34.33
C VAL E 128 13.51 5.95 33.89
N TYR E 129 12.62 5.67 34.84
CA TYR E 129 11.21 5.48 34.53
C TYR E 129 10.58 6.66 33.82
N SER E 130 11.04 7.86 34.17
CA SER E 130 10.52 9.08 33.56
C SER E 130 10.60 9.09 32.04
N LEU E 131 11.67 8.50 31.47
CA LEU E 131 11.78 8.47 30.02
C LEU E 131 10.68 7.59 29.46
N THR E 132 10.43 6.44 30.07
CA THR E 132 9.37 5.56 29.62
C THR E 132 8.01 6.21 29.78
N ALA E 133 7.80 6.86 30.92
CA ALA E 133 6.51 7.54 31.14
C ALA E 133 6.28 8.64 30.12
N LEU E 134 7.32 9.43 29.85
CA LEU E 134 7.16 10.55 28.91
C LEU E 134 6.91 10.04 27.52
N THR E 135 7.61 8.95 27.16
CA THR E 135 7.48 8.37 25.83
C THR E 135 6.08 7.77 25.65
N LYS E 136 5.52 7.09 26.67
CA LYS E 136 4.16 6.55 26.60
C LYS E 136 3.15 7.68 26.22
N ARG E 137 3.21 8.81 26.91
CA ARG E 137 2.32 9.96 26.59
C ARG E 137 2.72 10.64 25.26
N ALA E 138 3.99 10.71 24.95
CA ALA E 138 4.43 11.35 23.68
C ALA E 138 4.04 10.57 22.42
N GLU E 139 3.87 9.26 22.55
CA GLU E 139 3.68 8.38 21.40
C GLU E 139 2.48 8.80 20.55
N LYS E 140 1.37 9.11 21.22
CA LYS E 140 0.15 9.52 20.52
C LYS E 140 0.34 10.78 19.71
N LEU E 141 1.21 11.68 20.18
CA LEU E 141 1.42 12.97 19.53
C LEU E 141 2.46 12.90 18.44
N SER E 143 4.82 12.39 15.39
CA SER E 143 4.96 12.11 14.00
C SER E 143 5.78 10.84 13.72
N ASP E 144 5.28 10.10 12.77
CA ASP E 144 6.12 9.19 12.04
C ASP E 144 7.45 9.90 11.77
N GLY E 145 8.54 9.23 12.10
CA GLY E 145 9.83 9.84 11.76
C GLY E 145 10.36 10.75 12.84
N GLY E 146 9.67 10.85 13.98
CA GLY E 146 10.15 11.65 15.14
C GLY E 146 11.38 11.09 15.85
N SER E 147 11.88 11.83 16.85
CA SER E 147 13.16 11.50 17.47
C SER E 147 13.12 11.79 18.98
N ILE E 148 13.56 10.84 19.79
CA ILE E 148 13.57 10.94 21.22
C ILE E 148 15.03 10.78 21.64
N LEU E 149 15.51 11.72 22.45
CA LEU E 149 16.91 11.77 22.85
C LEU E 149 17.01 11.88 24.34
N THR E 150 17.88 11.08 24.95
CA THR E 150 18.18 11.18 26.37
C THR E 150 19.67 11.32 26.58
N LEU E 151 20.09 11.57 27.82
CA LEU E 151 21.50 11.79 28.12
C LEU E 151 21.98 10.73 29.09
N THR E 152 23.18 10.29 28.87
CA THR E 152 23.77 9.29 29.74
C THR E 152 25.25 9.64 29.95
N TYR E 153 25.99 8.72 30.57
CA TYR E 153 27.37 8.98 30.92
C TYR E 153 28.12 7.66 31.02
N TYR E 154 29.44 7.70 30.82
CA TYR E 154 30.33 6.53 30.80
C TYR E 154 30.21 5.67 32.08
N GLY E 155 29.81 6.32 33.18
CA GLY E 155 29.52 5.62 34.42
C GLY E 155 28.50 4.49 34.33
N ALA E 156 27.68 4.51 33.29
CA ALA E 156 26.80 3.41 32.95
C ALA E 156 27.54 2.15 32.45
N GLU E 157 28.74 2.30 31.89
CA GLU E 157 29.49 1.20 31.29
C GLU E 157 30.63 0.72 32.18
N LYS E 158 31.33 1.65 32.81
CA LYS E 158 32.48 1.33 33.64
C LYS E 158 32.30 2.04 34.97
N VAL E 159 32.94 1.52 36.00
CA VAL E 159 32.84 2.16 37.31
C VAL E 159 33.62 3.48 37.36
N VAL E 160 32.88 4.55 37.65
CA VAL E 160 33.47 5.88 37.78
C VAL E 160 33.23 6.39 39.19
N PRO E 161 34.25 7.03 39.79
CA PRO E 161 34.18 7.51 41.19
C PRO E 161 33.02 8.43 41.41
N ASN E 162 32.31 8.24 42.53
CA ASN E 162 31.31 9.20 42.98
C ASN E 162 30.16 9.38 41.96
N TYR E 163 29.88 8.31 41.24
CA TYR E 163 28.71 8.26 40.39
C TYR E 163 27.70 7.21 40.90
N ASN E 164 28.23 6.13 41.47
CA ASN E 164 27.48 5.18 42.26
C ASN E 164 26.12 4.77 41.68
N VAL E 165 25.03 5.16 42.33
CA VAL E 165 23.71 4.72 41.93
C VAL E 165 23.29 5.36 40.62
N GLY E 167 25.24 5.64 38.16
CA GLY E 167 25.79 4.73 37.15
C GLY E 167 24.86 3.56 36.89
N VAL E 168 24.28 3.05 37.96
CA VAL E 168 23.38 1.95 37.85
C VAL E 168 22.14 2.40 37.10
N ALA E 169 21.67 3.60 37.40
CA ALA E 169 20.48 4.13 36.82
C ALA E 169 20.74 4.37 35.33
N LYS E 170 21.90 4.94 35.00
CA LYS E 170 22.17 5.20 33.58
C LYS E 170 22.31 3.91 32.79
N ALA E 171 22.79 2.83 33.42
CA ALA E 171 22.85 1.51 32.74
C ALA E 171 21.43 1.05 32.41
N ALA E 172 20.51 1.24 33.35
CA ALA E 172 19.10 0.94 33.13
C ALA E 172 18.53 1.84 32.00
N LEU E 173 18.88 3.11 32.01
CA LEU E 173 18.36 4.06 31.03
C LEU E 173 18.79 3.62 29.63
N GLU E 174 20.07 3.30 29.49
CA GLU E 174 20.60 2.90 28.19
C GLU E 174 19.87 1.66 27.67
N ALA E 175 19.62 0.69 28.54
CA ALA E 175 18.84 -0.47 28.14
C ALA E 175 17.41 -0.09 27.75
N SER E 176 16.81 0.83 28.48
CA SER E 176 15.44 1.23 28.18
C SER E 176 15.36 1.94 26.82
N VAL E 177 16.43 2.67 26.46
CA VAL E 177 16.52 3.31 25.12
C VAL E 177 16.40 2.26 24.03
N LYS E 178 17.03 1.12 24.25
CA LYS E 178 16.98 0.08 23.23
C LYS E 178 15.61 -0.62 23.15
N TYR E 179 15.02 -0.96 24.31
CA TYR E 179 13.68 -1.51 24.31
C TYR E 179 12.68 -0.52 23.72
N LEU E 180 12.77 0.74 24.09
CA LEU E 180 11.88 1.74 23.49
C LEU E 180 12.09 1.81 21.99
N ALA E 181 13.34 1.71 21.55
CA ALA E 181 13.62 1.83 20.11
C ALA E 181 12.97 0.71 19.31
N VAL E 182 12.91 -0.46 19.91
CA VAL E 182 12.22 -1.56 19.28
C VAL E 182 10.70 -1.31 19.30
N ASP E 183 10.16 -0.81 20.40
CA ASP E 183 8.68 -0.58 20.45
C ASP E 183 8.21 0.43 19.42
N LEU E 184 8.97 1.51 19.28
CA LEU E 184 8.57 2.66 18.47
C LEU E 184 9.15 2.62 17.06
N GLY E 185 10.05 1.68 16.79
CA GLY E 185 10.66 1.57 15.49
C GLY E 185 9.67 1.43 14.35
N PRO E 186 8.60 0.65 14.54
CA PRO E 186 7.67 0.54 13.42
C PRO E 186 6.95 1.83 13.06
N LYS E 187 6.84 2.75 13.99
CA LYS E 187 6.33 4.11 13.70
C LYS E 187 7.42 5.04 13.21
N HIS E 188 8.61 4.50 12.98
CA HIS E 188 9.81 5.26 12.64
C HIS E 188 10.15 6.35 13.66
N ILE E 189 9.79 6.15 14.92
CA ILE E 189 10.22 7.06 15.95
C ILE E 189 11.57 6.47 16.45
N ARG E 190 12.61 7.29 16.40
CA ARG E 190 13.92 6.87 16.82
C ARG E 190 14.19 7.25 18.26
N VAL E 191 14.95 6.42 18.97
CA VAL E 191 15.25 6.66 20.36
C VAL E 191 16.73 6.44 20.56
N ASN E 192 17.44 7.48 21.00
CA ASN E 192 18.87 7.43 21.18
C ASN E 192 19.31 8.15 22.46
N ALA E 193 20.56 7.91 22.84
CA ALA E 193 21.15 8.61 23.96
C ALA E 193 22.48 9.21 23.53
N ILE E 194 22.81 10.36 24.08
CA ILE E 194 24.18 10.86 24.05
C ILE E 194 24.88 10.57 25.37
N SER E 195 26.01 9.88 25.32
CA SER E 195 26.88 9.68 26.48
C SER E 195 27.89 10.83 26.53
N ALA E 196 27.56 11.86 27.31
CA ALA E 196 28.35 13.10 27.34
C ALA E 196 29.53 12.95 28.28
N GLY E 197 30.67 13.55 27.96
CA GLY E 197 31.76 13.66 28.95
C GLY E 197 31.40 14.66 30.02
N PRO E 198 32.20 14.75 31.11
CA PRO E 198 31.89 15.76 32.10
C PRO E 198 32.14 17.15 31.52
N ILE E 199 31.39 18.13 31.99
CA ILE E 199 31.42 19.50 31.41
C ILE E 199 31.87 20.58 32.43
N ASP E 209 35.20 16.80 44.40
CA ASP E 209 35.97 15.78 43.62
C ASP E 209 35.69 15.98 42.12
N PHE E 210 34.65 16.73 41.76
CA PHE E 210 34.33 16.99 40.35
C PHE E 210 35.44 17.70 39.55
N ARG E 211 36.19 18.61 40.18
CA ARG E 211 37.34 19.24 39.53
C ARG E 211 38.35 18.16 39.11
N TYR E 212 38.48 17.13 39.93
CA TYR E 212 39.37 16.02 39.64
C TYR E 212 38.92 15.21 38.38
N ILE E 213 37.64 14.93 38.29
CA ILE E 213 37.11 14.23 37.14
C ILE E 213 37.30 15.03 35.84
N LEU E 214 37.10 16.32 35.92
CA LEU E 214 37.31 17.18 34.76
C LEU E 214 38.79 17.18 34.32
N LYS E 215 39.70 17.34 35.29
CA LYS E 215 41.15 17.38 35.01
C LYS E 215 41.63 16.06 34.45
N TRP E 216 41.12 14.98 35.02
CA TRP E 216 41.44 13.68 34.54
C TRP E 216 41.05 13.49 33.07
N ASN E 217 39.84 13.91 32.69
CA ASN E 217 39.41 13.83 31.30
C ASN E 217 40.27 14.74 30.44
N GLU E 218 40.54 15.92 30.96
CA GLU E 218 41.34 16.91 30.24
C GLU E 218 42.72 16.38 29.86
N TYR E 219 43.38 15.67 30.76
CA TYR E 219 44.69 15.14 30.48
C TYR E 219 44.71 13.78 29.80
N ASN E 220 43.61 13.01 29.84
CA ASN E 220 43.65 11.65 29.33
C ASN E 220 42.73 11.37 28.16
N ALA E 221 41.70 12.17 27.94
CA ALA E 221 40.88 12.01 26.75
C ALA E 221 41.77 12.15 25.52
N PRO E 222 41.57 11.31 24.51
CA PRO E 222 42.24 11.47 23.23
C PRO E 222 42.36 12.93 22.73
N LEU E 223 41.29 13.72 22.80
CA LEU E 223 41.33 15.08 22.29
C LEU E 223 41.92 16.07 23.30
N ARG E 224 42.23 15.61 24.50
CA ARG E 224 42.97 16.47 25.48
C ARG E 224 42.19 17.72 25.86
N ARG E 225 40.88 17.59 25.99
CA ARG E 225 40.02 18.65 26.46
C ARG E 225 38.66 18.03 26.81
N THR E 226 37.93 18.69 27.68
CA THR E 226 36.57 18.31 27.99
C THR E 226 35.61 18.99 27.02
N VAL E 227 34.39 18.47 26.93
CA VAL E 227 33.43 18.89 25.93
C VAL E 227 32.58 19.99 26.49
N THR E 228 31.91 20.75 25.63
CA THR E 228 31.05 21.83 26.09
C THR E 228 29.61 21.52 25.72
N ILE E 229 28.69 22.30 26.29
CA ILE E 229 27.27 22.16 26.01
C ILE E 229 26.95 22.50 24.57
N GLU E 230 27.73 23.38 23.94
CA GLU E 230 27.51 23.71 22.54
C GLU E 230 27.90 22.54 21.66
N GLU E 231 28.94 21.82 22.06
CA GLU E 231 29.34 20.62 21.29
C GLU E 231 28.34 19.48 21.43
N VAL E 232 27.87 19.26 22.63
CA VAL E 232 26.86 18.25 22.87
C VAL E 232 25.60 18.66 22.13
N GLY E 233 25.30 19.95 22.17
CA GLY E 233 24.21 20.52 21.38
C GLY E 233 24.22 20.15 19.90
N ASP E 234 25.38 20.30 19.25
CA ASP E 234 25.49 19.98 17.83
C ASP E 234 25.31 18.48 17.59
N SER E 235 25.83 17.65 18.49
CA SER E 235 25.60 16.22 18.36
C SER E 235 24.12 15.90 18.55
N ALA E 236 23.45 16.63 19.45
CA ALA E 236 22.02 16.45 19.67
C ALA E 236 21.30 16.81 18.38
N LEU E 237 21.71 17.90 17.76
CA LEU E 237 21.08 18.37 16.52
C LEU E 237 21.06 17.26 15.49
N TYR E 238 22.21 16.61 15.32
CA TYR E 238 22.32 15.51 14.40
C TYR E 238 21.27 14.45 14.72
N LEU E 239 21.23 14.02 15.97
CA LEU E 239 20.31 12.94 16.34
C LEU E 239 18.85 13.33 16.23
N LEU E 240 18.56 14.62 16.42
CA LEU E 240 17.20 15.11 16.35
C LEU E 240 16.76 15.33 14.91
N SER E 241 17.72 15.52 14.00
CA SER E 241 17.40 15.83 12.61
C SER E 241 17.37 14.60 11.71
N ASP E 242 16.99 14.84 10.46
CA ASP E 242 16.90 13.81 9.45
C ASP E 242 18.26 13.26 9.00
N LEU E 243 19.31 13.98 9.34
CA LEU E 243 20.63 13.45 9.07
C LEU E 243 20.82 12.07 9.71
N SER E 244 20.15 11.82 10.84
CA SER E 244 20.30 10.58 11.58
C SER E 244 19.13 9.63 11.44
N ARG E 245 18.40 9.75 10.33
CA ARG E 245 17.14 9.04 10.18
C ARG E 245 17.24 7.51 10.18
N SER E 246 18.44 6.94 10.03
CA SER E 246 18.57 5.51 10.15
C SER E 246 19.26 5.05 11.44
N VAL E 247 19.32 5.93 12.43
CA VAL E 247 19.98 5.66 13.68
C VAL E 247 18.99 5.59 14.80
N THR E 248 18.91 4.43 15.44
CA THR E 248 18.06 4.29 16.61
C THR E 248 18.65 3.26 17.55
N GLY E 249 18.33 3.41 18.83
CA GLY E 249 18.88 2.52 19.83
C GLY E 249 20.35 2.73 20.17
N GLU E 250 20.88 3.89 19.80
CA GLU E 250 22.31 4.11 19.80
C GLU E 250 22.68 4.85 21.07
N VAL E 251 23.79 4.46 21.65
CA VAL E 251 24.42 5.24 22.65
C VAL E 251 25.63 5.92 22.02
N HIS E 252 25.53 7.23 21.82
CA HIS E 252 26.50 7.99 21.08
C HIS E 252 27.47 8.78 21.97
N HIS E 253 28.77 8.45 21.95
CA HIS E 253 29.75 9.07 22.87
C HIS E 253 30.19 10.41 22.37
N VAL E 254 29.93 11.47 23.15
CA VAL E 254 30.38 12.83 22.86
C VAL E 254 31.21 13.25 24.05
N ASP E 255 32.45 12.80 24.04
CA ASP E 255 33.30 12.85 25.25
C ASP E 255 34.79 12.97 24.93
N SER E 256 35.13 13.54 23.78
CA SER E 256 36.52 13.67 23.39
C SER E 256 37.25 12.34 23.26
N GLY E 257 36.47 11.26 23.12
CA GLY E 257 36.98 9.91 23.02
C GLY E 257 37.42 9.27 24.34
N TYR E 258 37.10 9.88 25.46
CA TYR E 258 37.53 9.31 26.74
C TYR E 258 37.17 7.83 26.89
N ASN E 259 35.97 7.45 26.50
CA ASN E 259 35.45 6.09 26.71
C ASN E 259 36.29 4.97 26.11
N ILE E 260 37.17 5.31 25.18
CA ILE E 260 37.99 4.30 24.52
C ILE E 260 39.31 4.02 25.23
N ILE E 261 39.68 4.78 26.27
CA ILE E 261 40.99 4.52 26.88
C ILE E 261 40.92 3.44 27.95
N GLY E 262 41.97 2.64 28.06
CA GLY E 262 42.03 1.58 29.04
C GLY E 262 42.98 1.82 30.21
N LYS E 264 45.45 5.35 32.27
CA LYS E 264 46.10 6.68 32.20
C LYS E 264 47.06 6.76 31.00
N ALA E 265 47.05 7.88 30.29
CA ALA E 265 47.95 8.17 29.13
C ALA E 265 49.44 8.26 29.50
N GLY F 10 25.90 23.91 4.14
CA GLY F 10 27.33 24.30 3.94
C GLY F 10 28.22 23.64 5.00
N LEU F 11 27.86 22.44 5.47
CA LEU F 11 28.59 21.81 6.58
C LEU F 11 30.05 21.50 6.26
N LEU F 12 30.37 21.36 4.98
CA LEU F 12 31.74 21.14 4.58
C LEU F 12 32.27 22.27 3.68
N TYR F 13 31.77 23.49 3.88
CA TYR F 13 32.23 24.65 3.07
C TYR F 13 33.71 24.84 3.23
N GLY F 14 34.41 24.95 2.11
CA GLY F 14 35.85 25.17 2.11
C GLY F 14 36.69 23.94 2.45
N LYS F 15 36.06 22.78 2.68
CA LYS F 15 36.81 21.60 3.12
C LYS F 15 37.23 20.77 1.95
N ARG F 16 38.36 20.11 2.12
CA ARG F 16 38.97 19.29 1.08
C ARG F 16 39.23 17.88 1.61
N GLY F 17 38.74 16.90 0.88
CA GLY F 17 38.80 15.54 1.34
C GLY F 17 39.14 14.53 0.29
N LEU F 18 39.71 13.43 0.75
CA LEU F 18 40.10 12.32 -0.11
C LEU F 18 39.20 11.13 0.21
N ILE F 19 38.58 10.57 -0.84
CA ILE F 19 37.75 9.39 -0.71
C ILE F 19 38.42 8.25 -1.47
N LEU F 20 38.77 7.18 -0.74
CA LEU F 20 39.29 5.96 -1.33
C LEU F 20 38.21 4.89 -1.33
N GLY F 21 37.96 4.30 -2.49
CA GLY F 21 37.01 3.19 -2.61
C GLY F 21 35.84 3.43 -3.53
N LEU F 22 35.78 4.57 -4.21
CA LEU F 22 34.68 4.82 -5.13
C LEU F 22 34.92 3.95 -6.37
N ALA F 23 34.09 2.93 -6.53
CA ALA F 23 34.18 2.00 -7.66
C ALA F 23 33.03 2.15 -8.64
N ASN F 24 31.89 2.66 -8.16
CA ASN F 24 30.67 2.78 -8.96
C ASN F 24 29.65 3.65 -8.24
N ASN F 25 28.51 3.90 -8.89
CA ASN F 25 27.48 4.78 -8.35
C ASN F 25 26.44 4.06 -7.47
N ARG F 26 26.78 2.86 -7.01
CA ARG F 26 25.91 2.11 -6.13
C ARG F 26 26.50 1.95 -4.72
N SER F 27 27.72 2.42 -4.49
CA SER F 27 28.46 2.12 -3.25
C SER F 27 28.29 3.17 -2.16
N ILE F 28 28.62 2.79 -0.92
CA ILE F 28 28.59 3.72 0.20
C ILE F 28 29.49 4.90 -0.12
N ALA F 29 30.67 4.63 -0.65
CA ALA F 29 31.59 5.70 -1.08
C ALA F 29 30.90 6.77 -1.96
N TRP F 30 30.02 6.35 -2.83
CA TRP F 30 29.30 7.28 -3.69
C TRP F 30 28.30 8.07 -2.94
N GLY F 31 27.59 7.43 -2.01
CA GLY F 31 26.68 8.15 -1.12
C GLY F 31 27.39 9.21 -0.33
N ILE F 32 28.55 8.87 0.21
CA ILE F 32 29.36 9.80 0.96
C ILE F 32 29.84 10.97 0.05
N ALA F 33 30.36 10.64 -1.15
CA ALA F 33 30.80 11.67 -2.13
C ALA F 33 29.68 12.63 -2.49
N LYS F 34 28.50 12.10 -2.76
CA LYS F 34 27.35 12.94 -3.18
C LYS F 34 26.99 13.88 -2.03
N THR F 35 26.86 13.36 -0.81
CA THR F 35 26.49 14.23 0.34
C THR F 35 27.58 15.23 0.71
N ALA F 36 28.83 14.79 0.71
CA ALA F 36 29.93 15.68 1.08
C ALA F 36 30.05 16.81 0.08
N SER F 37 29.95 16.47 -1.19
CA SER F 37 30.05 17.44 -2.27
C SER F 37 28.93 18.47 -2.19
N SER F 38 27.73 17.99 -2.01
CA SER F 38 26.61 18.88 -1.88
C SER F 38 26.69 19.77 -0.61
N ALA F 39 27.42 19.33 0.42
CA ALA F 39 27.64 20.14 1.62
C ALA F 39 28.79 21.13 1.48
N GLY F 40 29.42 21.15 0.30
CA GLY F 40 30.48 22.14 0.00
C GLY F 40 31.89 21.58 -0.18
N ALA F 41 32.09 20.28 0.01
CA ALA F 41 33.40 19.70 -0.06
C ALA F 41 33.96 19.62 -1.48
N GLU F 42 35.25 19.87 -1.64
CA GLU F 42 35.98 19.53 -2.87
C GLU F 42 36.64 18.18 -2.61
N LEU F 43 36.47 17.23 -3.53
CA LEU F 43 36.83 15.86 -3.29
C LEU F 43 37.89 15.34 -4.25
N ALA F 44 38.83 14.56 -3.73
CA ALA F 44 39.76 13.81 -4.58
C ALA F 44 39.43 12.33 -4.48
N PHE F 45 39.62 11.61 -5.58
CA PHE F 45 39.31 10.20 -5.66
C PHE F 45 40.45 9.41 -6.23
N THR F 46 40.74 8.28 -5.61
CA THR F 46 41.65 7.29 -6.16
C THR F 46 40.88 6.24 -6.95
N TYR F 47 41.61 5.36 -7.61
CA TYR F 47 41.05 4.19 -8.29
C TYR F 47 42.12 3.09 -8.33
N GLN F 48 41.71 1.87 -8.58
CA GLN F 48 42.63 0.77 -8.83
C GLN F 48 42.33 0.16 -10.20
N GLY F 49 43.22 0.41 -11.17
CA GLY F 49 43.09 -0.18 -12.52
C GLY F 49 42.29 0.68 -13.48
N GLU F 50 42.62 0.54 -14.78
CA GLU F 50 42.03 1.34 -15.87
C GLU F 50 40.50 1.21 -16.00
N ALA F 51 39.97 0.01 -15.81
CA ALA F 51 38.51 -0.19 -15.87
C ALA F 51 37.79 0.70 -14.85
N LYS F 53 39.05 3.42 -13.37
CA LYS F 53 39.30 4.83 -13.74
C LYS F 53 38.16 5.36 -14.59
N LYS F 54 37.79 4.58 -15.60
CA LYS F 54 36.77 5.01 -16.56
C LYS F 54 35.42 5.17 -15.88
N ARG F 55 35.13 4.30 -14.90
CA ARG F 55 33.89 4.43 -14.13
C ARG F 55 33.91 5.61 -13.17
N VAL F 56 35.09 5.91 -12.62
CA VAL F 56 35.21 6.96 -11.58
C VAL F 56 35.25 8.38 -12.13
N GLU F 57 35.84 8.53 -13.32
CA GLU F 57 35.99 9.87 -13.96
C GLU F 57 34.69 10.65 -14.07
N PRO F 58 33.63 10.05 -14.62
CA PRO F 58 32.36 10.77 -14.69
C PRO F 58 31.73 11.03 -13.33
N LEU F 59 31.89 10.10 -12.40
CA LEU F 59 31.36 10.29 -11.04
C LEU F 59 32.06 11.45 -10.38
N ALA F 60 33.39 11.50 -10.50
CA ALA F 60 34.16 12.65 -10.03
C ALA F 60 33.69 13.96 -10.66
N GLU F 61 33.41 13.96 -11.96
CA GLU F 61 33.02 15.21 -12.67
C GLU F 61 31.66 15.66 -12.16
N GLU F 62 30.75 14.72 -11.99
CA GLU F 62 29.42 14.99 -11.46
C GLU F 62 29.46 15.77 -10.13
N VAL F 63 30.47 15.47 -9.32
CA VAL F 63 30.58 16.02 -8.01
C VAL F 63 31.59 17.19 -7.93
N LYS F 64 32.07 17.63 -9.10
CA LYS F 64 33.04 18.71 -9.20
C LYS F 64 34.34 18.39 -8.44
N GLY F 65 34.67 17.11 -8.40
CA GLY F 65 35.88 16.64 -7.74
C GLY F 65 36.92 16.32 -8.76
N PHE F 66 38.00 15.67 -8.34
CA PHE F 66 39.03 15.28 -9.28
C PHE F 66 39.70 13.95 -8.94
N VAL F 67 40.20 13.29 -9.97
CA VAL F 67 40.78 11.98 -9.88
C VAL F 67 42.27 12.12 -9.62
N CYS F 68 42.75 11.70 -8.44
CA CYS F 68 44.15 11.95 -8.05
C CYS F 68 45.11 10.80 -8.32
N GLY F 69 44.63 9.68 -8.82
CA GLY F 69 45.54 8.64 -9.32
C GLY F 69 45.26 7.21 -8.89
N HIS F 70 46.04 6.30 -9.46
CA HIS F 70 45.96 4.88 -9.16
C HIS F 70 46.49 4.62 -7.79
N CYS F 71 45.73 3.87 -7.00
CA CYS F 71 46.18 3.47 -5.68
C CYS F 71 45.91 2.00 -5.42
N ASP F 72 46.97 1.24 -5.20
CA ASP F 72 46.89 -0.12 -4.69
C ASP F 72 47.39 0.01 -3.27
N VAL F 73 46.49 -0.25 -2.33
CA VAL F 73 46.82 -0.05 -0.91
C VAL F 73 47.82 -1.07 -0.39
N SER F 74 48.02 -2.16 -1.10
CA SER F 74 49.12 -3.09 -0.81
C SER F 74 50.48 -2.57 -1.27
N ASP F 75 50.49 -1.51 -2.08
CA ASP F 75 51.73 -0.98 -2.66
C ASP F 75 52.10 0.38 -2.04
N SER F 76 53.07 0.35 -1.15
CA SER F 76 53.53 1.51 -0.41
C SER F 76 53.87 2.74 -1.29
N ALA F 77 54.59 2.52 -2.38
CA ALA F 77 54.93 3.58 -3.32
C ALA F 77 53.69 4.18 -3.99
N SER F 78 52.73 3.32 -4.31
CA SER F 78 51.46 3.74 -4.86
C SER F 78 50.75 4.73 -3.93
N ILE F 79 50.74 4.41 -2.63
CA ILE F 79 50.14 5.30 -1.62
C ILE F 79 50.92 6.60 -1.52
N ASP F 80 52.24 6.52 -1.54
CA ASP F 80 53.06 7.76 -1.50
C ASP F 80 52.77 8.66 -2.68
N ALA F 81 52.61 8.09 -3.86
CA ALA F 81 52.42 8.91 -5.07
C ALA F 81 51.12 9.68 -4.96
N VAL F 82 50.05 8.99 -4.54
CA VAL F 82 48.76 9.62 -4.34
C VAL F 82 48.87 10.81 -3.37
N PHE F 83 49.53 10.63 -2.24
CA PHE F 83 49.60 11.73 -1.27
C PHE F 83 50.52 12.87 -1.72
N ASN F 84 51.56 12.54 -2.47
CA ASN F 84 52.34 13.56 -3.13
C ASN F 84 51.50 14.42 -4.08
N THR F 85 50.67 13.78 -4.91
CA THR F 85 49.75 14.52 -5.79
C THR F 85 48.83 15.47 -4.99
N ILE F 86 48.35 15.01 -3.83
CA ILE F 86 47.39 15.79 -3.04
C ILE F 86 48.12 16.94 -2.40
N GLU F 87 49.34 16.67 -1.94
CA GLU F 87 50.14 17.72 -1.36
C GLU F 87 50.43 18.83 -2.38
N LYS F 88 50.75 18.46 -3.61
CA LYS F 88 51.03 19.44 -4.66
C LYS F 88 49.78 20.26 -4.95
N LYS F 89 48.62 19.60 -5.08
CA LYS F 89 47.42 20.31 -5.50
C LYS F 89 46.78 21.13 -4.39
N TRP F 90 46.85 20.66 -3.14
CA TRP F 90 46.14 21.31 -2.04
C TRP F 90 46.98 21.75 -0.89
N GLY F 91 48.07 21.05 -0.62
CA GLY F 91 48.95 21.40 0.50
C GLY F 91 48.47 20.97 1.87
N LYS F 92 47.17 20.65 1.98
CA LYS F 92 46.47 20.37 3.25
C LYS F 92 45.33 19.40 2.95
N LEU F 93 44.90 18.65 3.96
CA LEU F 93 43.75 17.74 3.80
C LEU F 93 42.87 17.87 5.02
N ASP F 94 41.56 17.99 4.82
CA ASP F 94 40.64 18.14 5.95
C ASP F 94 40.03 16.82 6.41
N PHE F 95 39.81 15.91 5.49
CA PHE F 95 39.27 14.63 5.85
C PHE F 95 39.62 13.53 4.86
N LEU F 96 39.43 12.30 5.30
CA LEU F 96 39.78 11.12 4.52
C LEU F 96 38.74 10.06 4.79
N VAL F 97 38.24 9.47 3.72
CA VAL F 97 37.24 8.41 3.83
C VAL F 97 37.82 7.12 3.27
N HIS F 98 37.82 6.11 4.11
CA HIS F 98 38.40 4.80 3.81
C HIS F 98 37.27 3.83 3.63
N ALA F 99 36.89 3.60 2.37
CA ALA F 99 35.81 2.66 2.01
C ALA F 99 36.37 1.47 1.25
N ILE F 100 37.44 0.89 1.79
CA ILE F 100 38.21 -0.16 1.14
C ILE F 100 38.16 -1.43 1.98
N GLY F 101 37.95 -2.56 1.32
CA GLY F 101 37.95 -3.85 1.99
C GLY F 101 37.91 -4.96 0.97
N PHE F 102 38.64 -6.04 1.24
CA PHE F 102 38.66 -7.19 0.36
C PHE F 102 38.76 -8.47 1.15
N SER F 103 38.07 -9.51 0.65
CA SER F 103 38.24 -10.88 1.13
C SER F 103 37.78 -11.84 0.03
N ASP F 104 38.35 -13.05 0.01
CA ASP F 104 38.04 -14.01 -1.06
C ASP F 104 36.56 -14.39 -1.07
N LYS F 105 35.86 -14.04 -2.16
CA LYS F 105 34.43 -14.31 -2.33
C LYS F 105 34.08 -15.78 -2.03
N GLU F 106 34.86 -16.71 -2.57
CA GLU F 106 34.57 -18.15 -2.43
C GLU F 106 34.61 -18.57 -0.96
N GLU F 107 35.66 -18.17 -0.25
CA GLU F 107 35.81 -18.53 1.17
C GLU F 107 34.79 -17.88 2.12
N LEU F 108 34.07 -16.86 1.66
CA LEU F 108 33.01 -16.28 2.50
C LEU F 108 31.89 -17.26 2.75
N SER F 109 31.52 -18.04 1.74
CA SER F 109 30.42 -18.97 1.91
C SER F 109 30.77 -20.13 2.87
N GLY F 110 32.05 -20.36 3.10
CA GLY F 110 32.46 -21.50 3.91
C GLY F 110 32.37 -21.28 5.40
N ARG F 111 32.96 -22.23 6.13
CA ARG F 111 33.18 -22.11 7.55
C ARG F 111 34.39 -21.23 7.75
N TYR F 112 34.36 -20.39 8.78
CA TYR F 112 35.51 -19.57 9.12
C TYR F 112 36.77 -20.42 9.30
N VAL F 113 36.65 -21.55 9.97
CA VAL F 113 37.79 -22.38 10.26
C VAL F 113 38.47 -22.94 8.99
N ASP F 114 37.78 -22.94 7.86
CA ASP F 114 38.37 -23.47 6.63
C ASP F 114 39.09 -22.41 5.80
N ILE F 115 39.24 -21.19 6.29
CA ILE F 115 39.93 -20.16 5.48
C ILE F 115 41.42 -20.44 5.32
N SER F 116 41.95 -20.00 4.18
CA SER F 116 43.36 -20.23 3.86
C SER F 116 44.18 -19.11 4.44
N GLU F 117 45.42 -19.43 4.75
CA GLU F 117 46.35 -18.47 5.26
C GLU F 117 46.47 -17.28 4.32
N SER F 118 46.52 -17.58 3.03
CA SER F 118 46.68 -16.56 2.04
C SER F 118 45.49 -15.60 2.04
N ASN F 119 44.27 -16.10 2.10
CA ASN F 119 43.10 -15.22 2.16
C ASN F 119 43.12 -14.37 3.44
N PHE F 120 43.49 -15.00 4.55
CA PHE F 120 43.56 -14.31 5.82
C PHE F 120 44.49 -13.14 5.74
N THR F 123 43.34 -10.33 3.42
CA THR F 123 42.20 -9.64 3.97
C THR F 123 42.66 -8.65 5.04
N ASN F 125 45.58 -7.30 5.33
CA ASN F 125 46.36 -6.21 4.73
C ASN F 125 45.50 -5.16 4.05
N ILE F 126 44.63 -5.60 3.14
CA ILE F 126 43.79 -4.70 2.36
C ILE F 126 42.70 -4.06 3.23
N SER F 127 42.08 -4.83 4.11
CA SER F 127 40.93 -4.34 4.91
C SER F 127 41.29 -3.65 6.21
N VAL F 128 42.47 -3.92 6.76
CA VAL F 128 42.81 -3.36 8.05
C VAL F 128 44.05 -2.49 7.99
N TYR F 129 45.19 -3.07 7.63
CA TYR F 129 46.43 -2.33 7.60
C TYR F 129 46.39 -1.09 6.72
N SER F 130 45.63 -1.18 5.63
CA SER F 130 45.47 -0.06 4.73
C SER F 130 45.01 1.24 5.40
N LEU F 131 44.16 1.14 6.40
CA LEU F 131 43.71 2.35 7.11
C LEU F 131 44.89 2.97 7.85
N THR F 132 45.66 2.16 8.56
CA THR F 132 46.80 2.65 9.24
C THR F 132 47.85 3.22 8.25
N ALA F 133 48.07 2.54 7.14
CA ALA F 133 49.02 3.00 6.15
C ALA F 133 48.56 4.35 5.60
N LEU F 134 47.29 4.47 5.26
CA LEU F 134 46.78 5.73 4.71
C LEU F 134 46.86 6.86 5.72
N THR F 135 46.56 6.54 6.97
CA THR F 135 46.58 7.51 8.04
C THR F 135 48.00 8.01 8.33
N LYS F 136 48.99 7.12 8.32
CA LYS F 136 50.40 7.54 8.49
C LYS F 136 50.74 8.63 7.46
N ARG F 137 50.41 8.43 6.20
CA ARG F 137 50.71 9.46 5.18
C ARG F 137 49.82 10.67 5.35
N ALA F 138 48.57 10.48 5.71
CA ALA F 138 47.63 11.61 5.82
C ALA F 138 47.94 12.56 6.98
N GLU F 139 48.61 12.05 8.01
CA GLU F 139 48.84 12.80 9.23
C GLU F 139 49.56 14.12 8.94
N LYS F 140 50.61 14.06 8.12
CA LYS F 140 51.42 15.23 7.80
C LYS F 140 50.59 16.33 7.14
N LEU F 141 49.59 15.93 6.36
CA LEU F 141 48.75 16.86 5.62
C LEU F 141 47.61 17.45 6.44
N SER F 143 47.80 18.87 9.64
CA SER F 143 48.36 19.64 10.77
C SER F 143 47.29 20.44 11.50
N ASP F 144 46.42 21.07 10.71
CA ASP F 144 45.28 21.82 11.21
C ASP F 144 44.19 21.02 11.97
N GLY F 145 44.18 19.70 11.82
CA GLY F 145 43.13 18.88 12.38
C GLY F 145 42.35 18.27 11.23
N GLY F 146 41.52 17.29 11.53
CA GLY F 146 40.73 16.68 10.51
C GLY F 146 39.89 15.54 11.01
N SER F 147 39.33 14.79 10.07
CA SER F 147 38.44 13.71 10.39
C SER F 147 38.73 12.54 9.45
N ILE F 148 38.91 11.36 10.01
CA ILE F 148 39.21 10.15 9.24
C ILE F 148 38.08 9.13 9.57
N LEU F 149 37.43 8.65 8.53
CA LEU F 149 36.24 7.81 8.66
C LEU F 149 36.50 6.52 7.91
N THR F 150 36.19 5.41 8.53
CA THR F 150 36.21 4.11 7.85
C THR F 150 34.84 3.43 7.99
N LEU F 151 34.65 2.32 7.31
CA LEU F 151 33.39 1.59 7.32
C LEU F 151 33.55 0.20 7.91
N THR F 152 32.59 -0.20 8.71
CA THR F 152 32.67 -1.49 9.35
C THR F 152 31.26 -2.11 9.31
N TYR F 153 31.09 -3.21 10.00
CA TYR F 153 29.83 -3.94 9.93
C TYR F 153 29.70 -4.76 11.22
N TYR F 154 28.45 -5.05 11.59
CA TYR F 154 28.08 -5.75 12.85
C TYR F 154 28.76 -7.09 13.02
N GLY F 155 29.11 -7.72 11.89
CA GLY F 155 29.93 -8.93 11.86
C GLY F 155 31.24 -8.82 12.64
N ALA F 156 31.72 -7.60 12.93
CA ALA F 156 32.84 -7.39 13.85
C ALA F 156 32.50 -7.67 15.31
N GLU F 157 31.24 -7.56 15.70
CA GLU F 157 30.81 -7.67 17.08
C GLU F 157 30.12 -9.00 17.40
N LYS F 158 29.30 -9.47 16.49
CA LYS F 158 28.59 -10.73 16.66
C LYS F 158 28.81 -11.59 15.42
N VAL F 159 28.69 -12.92 15.58
CA VAL F 159 28.93 -13.81 14.45
C VAL F 159 27.77 -13.75 13.46
N VAL F 160 28.09 -13.37 12.25
CA VAL F 160 27.12 -13.33 11.17
C VAL F 160 27.52 -14.35 10.07
N PRO F 161 26.59 -15.17 9.59
CA PRO F 161 26.85 -16.15 8.52
C PRO F 161 27.54 -15.56 7.30
N ASN F 162 28.53 -16.27 6.77
CA ASN F 162 29.16 -15.91 5.50
C ASN F 162 29.89 -14.55 5.52
N TYR F 163 30.33 -14.14 6.69
CA TYR F 163 31.12 -12.96 6.82
C TYR F 163 32.53 -13.37 7.27
N ASN F 164 32.60 -14.42 8.07
CA ASN F 164 33.84 -15.14 8.36
C ASN F 164 35.04 -14.24 8.63
N VAL F 165 36.04 -14.29 7.75
CA VAL F 165 37.32 -13.61 7.98
C VAL F 165 37.14 -12.13 7.90
N GLY F 167 34.66 -10.57 9.26
CA GLY F 167 34.26 -10.19 10.61
C GLY F 167 35.48 -10.02 11.54
N VAL F 168 36.44 -10.92 11.37
CA VAL F 168 37.64 -10.90 12.16
C VAL F 168 38.43 -9.65 11.78
N ALA F 169 38.49 -9.36 10.48
CA ALA F 169 39.17 -8.20 9.97
C ALA F 169 38.51 -6.93 10.52
N LYS F 170 37.18 -6.87 10.45
CA LYS F 170 36.52 -5.64 10.87
C LYS F 170 36.70 -5.43 12.36
N ALA F 171 36.82 -6.50 13.13
CA ALA F 171 37.10 -6.35 14.57
C ALA F 171 38.44 -5.70 14.77
N ALA F 172 39.41 -6.14 13.99
CA ALA F 172 40.75 -5.52 14.01
C ALA F 172 40.68 -4.05 13.60
N LEU F 173 39.91 -3.75 12.56
CA LEU F 173 39.78 -2.41 12.05
C LEU F 173 39.23 -1.49 13.16
N GLU F 174 38.16 -1.93 13.80
CA GLU F 174 37.53 -1.16 14.84
C GLU F 174 38.51 -0.86 15.93
N ALA F 175 39.28 -1.87 16.35
CA ALA F 175 40.27 -1.64 17.39
C ALA F 175 41.36 -0.69 16.90
N SER F 176 41.75 -0.79 15.63
CA SER F 176 42.75 0.13 15.10
C SER F 176 42.23 1.59 15.07
N VAL F 177 40.94 1.78 14.80
CA VAL F 177 40.33 3.10 14.86
C VAL F 177 40.59 3.71 16.23
N LYS F 178 40.44 2.92 17.28
CA LYS F 178 40.61 3.45 18.62
C LYS F 178 42.08 3.77 18.94
N TYR F 179 42.99 2.89 18.57
CA TYR F 179 44.40 3.17 18.76
C TYR F 179 44.81 4.42 17.94
N LEU F 180 44.34 4.51 16.70
CA LEU F 180 44.67 5.68 15.88
C LEU F 180 44.08 6.93 16.52
N ALA F 181 42.90 6.82 17.11
CA ALA F 181 42.25 7.98 17.68
C ALA F 181 43.05 8.53 18.85
N VAL F 182 43.66 7.63 19.61
CA VAL F 182 44.50 8.04 20.73
C VAL F 182 45.77 8.68 20.20
N ASP F 183 46.38 8.11 19.17
CA ASP F 183 47.62 8.68 18.66
C ASP F 183 47.41 10.11 18.16
N LEU F 184 46.35 10.30 17.38
CA LEU F 184 46.15 11.52 16.60
C LEU F 184 45.24 12.52 17.30
N GLY F 185 44.63 12.12 18.39
CA GLY F 185 43.76 13.01 19.14
C GLY F 185 44.40 14.32 19.55
N PRO F 186 45.65 14.29 20.05
CA PRO F 186 46.25 15.55 20.49
C PRO F 186 46.46 16.52 19.37
N LYS F 187 46.56 16.04 18.12
CA LYS F 187 46.66 16.93 16.93
C LYS F 187 45.24 17.24 16.40
N HIS F 188 44.21 16.85 17.18
CA HIS F 188 42.82 17.06 16.81
C HIS F 188 42.39 16.41 15.51
N ILE F 189 43.02 15.30 15.16
CA ILE F 189 42.53 14.48 14.07
C ILE F 189 41.64 13.38 14.71
N ARG F 190 40.37 13.35 14.31
CA ARG F 190 39.42 12.39 14.83
C ARG F 190 39.39 11.19 13.94
N VAL F 191 39.17 10.01 14.51
CA VAL F 191 39.13 8.77 13.74
C VAL F 191 37.91 7.96 14.20
N ASN F 192 36.98 7.69 13.27
CA ASN F 192 35.73 7.08 13.59
C ASN F 192 35.34 6.04 12.52
N ALA F 193 34.41 5.16 12.86
CA ALA F 193 33.88 4.21 11.89
C ALA F 193 32.38 4.30 11.88
N ILE F 194 31.79 4.10 10.72
CA ILE F 194 30.38 3.85 10.61
C ILE F 194 30.19 2.35 10.46
N SER F 195 29.39 1.77 11.32
CA SER F 195 28.95 0.38 11.18
C SER F 195 27.63 0.41 10.38
N ALA F 196 27.74 0.19 9.06
CA ALA F 196 26.59 0.32 8.17
C ALA F 196 25.82 -1.00 8.13
N GLY F 197 24.50 -0.91 8.07
CA GLY F 197 23.70 -2.09 7.77
C GLY F 197 23.92 -2.47 6.32
N PRO F 198 23.49 -3.67 5.95
CA PRO F 198 23.60 -4.06 4.55
C PRO F 198 22.66 -3.24 3.67
N ILE F 199 23.10 -3.00 2.42
CA ILE F 199 22.39 -2.11 1.52
C ILE F 199 21.92 -2.85 0.28
N LYS F 200 20.64 -2.68 -0.08
CA LYS F 200 20.05 -3.32 -1.28
C LYS F 200 20.67 -2.61 -2.49
N THR F 201 21.59 -3.28 -3.19
CA THR F 201 22.63 -2.56 -4.00
C THR F 201 22.59 -2.92 -5.48
N ASP F 209 23.57 -15.79 -0.46
CA ASP F 209 23.66 -15.55 0.98
C ASP F 209 23.37 -14.10 1.38
N PHE F 210 23.92 -13.14 0.62
CA PHE F 210 23.68 -11.71 0.87
C PHE F 210 22.20 -11.29 0.81
N ARG F 211 21.42 -11.94 -0.06
CA ARG F 211 19.99 -11.70 -0.10
C ARG F 211 19.38 -12.05 1.27
N TYR F 212 19.92 -13.07 1.92
CA TYR F 212 19.44 -13.52 3.24
C TYR F 212 19.69 -12.44 4.30
N ILE F 213 20.90 -11.89 4.31
CA ILE F 213 21.27 -10.85 5.26
C ILE F 213 20.40 -9.61 5.09
N LEU F 214 20.10 -9.24 3.84
CA LEU F 214 19.20 -8.12 3.57
C LEU F 214 17.83 -8.31 4.08
N LYS F 215 17.23 -9.42 3.72
CA LYS F 215 15.85 -9.67 4.13
C LYS F 215 15.73 -9.76 5.64
N TRP F 216 16.73 -10.39 6.26
CA TRP F 216 16.71 -10.57 7.68
C TRP F 216 16.70 -9.23 8.39
N ASN F 217 17.51 -8.30 7.90
CA ASN F 217 17.55 -6.95 8.43
C ASN F 217 16.24 -6.21 8.19
N GLU F 218 15.73 -6.38 6.99
CA GLU F 218 14.48 -5.75 6.62
C GLU F 218 13.33 -6.13 7.55
N TYR F 219 13.23 -7.41 7.89
CA TYR F 219 12.11 -7.84 8.75
C TYR F 219 12.41 -7.68 10.23
N ASN F 220 13.68 -7.58 10.65
CA ASN F 220 13.97 -7.62 12.11
C ASN F 220 14.61 -6.37 12.69
N ALA F 221 15.19 -5.50 11.85
CA ALA F 221 15.67 -4.23 12.33
C ALA F 221 14.51 -3.40 12.92
N PRO F 222 14.75 -2.70 14.00
CA PRO F 222 13.74 -1.86 14.65
C PRO F 222 12.97 -0.98 13.68
N LEU F 223 13.65 -0.35 12.72
CA LEU F 223 12.97 0.50 11.76
C LEU F 223 12.32 -0.26 10.60
N ARG F 224 12.50 -1.58 10.52
CA ARG F 224 11.85 -2.42 9.49
C ARG F 224 12.17 -2.01 8.06
N ARG F 225 13.42 -1.67 7.84
CA ARG F 225 13.91 -1.39 6.50
C ARG F 225 15.42 -1.40 6.58
N THR F 226 16.04 -1.58 5.44
CA THR F 226 17.48 -1.45 5.38
C THR F 226 17.83 -0.03 5.04
N VAL F 227 19.09 0.32 5.24
CA VAL F 227 19.54 1.68 5.07
C VAL F 227 19.99 1.87 3.63
N THR F 228 20.10 3.12 3.20
CA THR F 228 20.54 3.40 1.83
C THR F 228 21.89 4.13 1.89
N ILE F 229 22.54 4.24 0.74
CA ILE F 229 23.82 4.93 0.63
C ILE F 229 23.66 6.41 0.89
N GLU F 230 22.49 6.99 0.60
CA GLU F 230 22.27 8.40 0.93
C GLU F 230 22.21 8.60 2.45
N GLU F 231 21.61 7.64 3.15
CA GLU F 231 21.49 7.75 4.59
C GLU F 231 22.86 7.59 5.23
N VAL F 232 23.64 6.62 4.77
CA VAL F 232 24.96 6.41 5.31
C VAL F 232 25.79 7.65 5.00
N GLY F 233 25.57 8.20 3.80
CA GLY F 233 26.13 9.48 3.42
C GLY F 233 25.91 10.61 4.40
N ASP F 234 24.66 10.80 4.86
CA ASP F 234 24.34 11.88 5.81
C ASP F 234 24.99 11.63 7.19
N SER F 235 25.08 10.37 7.59
CA SER F 235 25.75 10.06 8.84
C SER F 235 27.25 10.31 8.70
N ALA F 236 27.80 10.05 7.51
CA ALA F 236 29.18 10.35 7.20
C ALA F 236 29.42 11.83 7.31
N LEU F 237 28.51 12.60 6.74
CA LEU F 237 28.60 14.06 6.76
C LEU F 237 28.78 14.59 8.16
N TYR F 238 27.95 14.10 9.07
CA TYR F 238 28.04 14.46 10.48
C TYR F 238 29.46 14.19 11.01
N LEU F 239 29.95 12.97 10.78
CA LEU F 239 31.25 12.61 11.34
C LEU F 239 32.42 13.34 10.71
N LEU F 240 32.27 13.73 9.44
CA LEU F 240 33.30 14.45 8.72
C LEU F 240 33.26 15.93 9.06
N SER F 241 32.12 16.45 9.50
CA SER F 241 31.99 17.88 9.76
C SER F 241 32.34 18.27 11.18
N ASP F 242 32.32 19.56 11.44
CA ASP F 242 32.54 20.12 12.76
C ASP F 242 31.38 19.85 13.73
N LEU F 243 30.23 19.42 13.22
CA LEU F 243 29.15 18.99 14.14
C LEU F 243 29.58 17.88 15.10
N SER F 244 30.53 17.05 14.67
CA SER F 244 31.02 15.92 15.48
C SER F 244 32.41 16.18 16.10
N ARG F 245 32.77 17.45 16.31
CA ARG F 245 34.16 17.80 16.66
C ARG F 245 34.60 17.28 18.02
N SER F 246 33.68 16.82 18.86
CA SER F 246 34.12 16.17 20.09
C SER F 246 33.97 14.67 20.07
N VAL F 247 33.82 14.06 18.89
CA VAL F 247 33.60 12.63 18.74
C VAL F 247 34.81 11.95 18.07
N THR F 248 35.46 11.04 18.77
CA THR F 248 36.56 10.27 18.17
C THR F 248 36.61 8.88 18.77
N GLY F 249 37.14 7.93 18.01
CA GLY F 249 37.20 6.55 18.46
C GLY F 249 35.87 5.83 18.45
N GLU F 250 34.89 6.36 17.71
CA GLU F 250 33.51 5.93 17.85
C GLU F 250 33.16 4.96 16.72
N VAL F 251 32.43 3.90 17.08
CA VAL F 251 31.83 3.04 16.10
C VAL F 251 30.36 3.35 16.07
N HIS F 252 29.92 4.01 15.01
CA HIS F 252 28.59 4.60 14.95
C HIS F 252 27.69 3.74 14.10
N HIS F 253 26.66 3.15 14.69
CA HIS F 253 25.76 2.29 13.96
C HIS F 253 24.77 3.05 13.15
N VAL F 254 24.80 2.85 11.83
CA VAL F 254 23.80 3.38 10.91
C VAL F 254 23.19 2.17 10.19
N ASP F 255 22.23 1.54 10.87
CA ASP F 255 21.74 0.24 10.48
C ASP F 255 20.28 -0.01 10.85
N SER F 256 19.48 1.04 10.95
CA SER F 256 18.10 0.90 11.35
C SER F 256 17.92 0.23 12.73
N GLY F 257 18.97 0.29 13.55
CA GLY F 257 18.95 -0.26 14.90
C GLY F 257 19.19 -1.74 14.99
N TYR F 258 19.54 -2.39 13.89
CA TYR F 258 19.64 -3.86 13.89
C TYR F 258 20.51 -4.37 15.04
N ASN F 259 21.63 -3.69 15.27
CA ASN F 259 22.64 -4.14 16.23
C ASN F 259 22.13 -4.32 17.64
N ILE F 260 20.98 -3.72 17.95
CA ILE F 260 20.47 -3.81 19.32
C ILE F 260 19.60 -5.01 19.60
N ILE F 261 19.21 -5.78 18.58
CA ILE F 261 18.26 -6.85 18.85
C ILE F 261 18.99 -8.13 19.25
N GLY F 262 18.39 -8.87 20.17
CA GLY F 262 18.97 -10.13 20.64
C GLY F 262 18.33 -11.37 20.05
N LYS F 264 14.79 -12.49 17.01
CA LYS F 264 13.53 -12.18 16.31
C LYS F 264 12.39 -11.84 17.30
N ALA F 265 11.50 -10.94 16.95
CA ALA F 265 10.17 -10.93 17.61
C ALA F 265 9.54 -12.33 17.47
N VAL F 266 8.72 -12.77 18.42
CA VAL F 266 7.95 -14.03 18.25
C VAL F 266 6.78 -13.79 17.27
#